data_4DQY
#
_entry.id   4DQY
#
_cell.length_a   65.095
_cell.length_b   112.965
_cell.length_c   294.724
_cell.angle_alpha   90.00
_cell.angle_beta   90.00
_cell.angle_gamma   90.00
#
_symmetry.space_group_name_H-M   'P 21 21 21'
#
loop_
_entity.id
_entity.type
_entity.pdbx_description
1 polymer 'Poly [ADP-ribose] polymerase 1'
2 polymer 'Poly [ADP-ribose] polymerase 1'
3 polymer 'Poly [ADP-ribose] polymerase 1'
4 polymer 'DNA (26-MER)'
5 non-polymer 'ZINC ION'
6 non-polymer 1,2-ETHANEDIOL
#
loop_
_entity_poly.entity_id
_entity_poly.type
_entity_poly.pdbx_seq_one_letter_code
_entity_poly.pdbx_strand_id
1 'polypeptide(L)'
;MGSSHHHHHHSSGLVPRGSHMAESSDKLYRVEYAKSGRASCKKCSESIPKDSLRMAIMVQSPMFDGKVPHWYHFSCFWKV
GHSIRHPDVEVDGFSELRWDDQQKVKKTAEAGGVTG
;
A,D
2 'polypeptide(L)'
;MVDEVAKKKSKKEKDKDSKLEKALKAQNDLIWNIKDELKKVCSTNDLKELLIFNKQQVPSGESAILDRVADGMVFGALLP
CEECSGQLVFKSDAYYCTGDVTAWTKCMVKTQTPNRKEWVTPKEFREISYLKKLKVKKQDRIFPPETSASVALEHHHHHH
;
B,E
3 'polypeptide(L)'
;MKSEKRMKLTLKGGAAVDPDSGLEHSAHVLEKGGKVFSATLGLVDIVKGTNSYYKLQLLEDDKENRYWIFRSWGRVGTVI
GSNKLEQMPSKEDAIEHFMKLYEEKTGNAWHSKNFTKYPKKFYPLEIDYGQDEEAVKKLTVNPGTKSKLPKPVQDLIKMI
FDVESMKKAMVEYEIDLQKMPLGKLSKRQIQAAYSILSEVQQAVSQGSSDSQILDLSNRFYTLIPHDFGMKKPPLLNNAD
SVQAKAEMLDNLLDIEVAYSLLRGGSDDSSKDPIDVNYEKLKTDIKVVDRDSEEAEIIRKYVKNTHATTHNAYDLEVIDI
FKIEREGECQRYKPFKQLHNRRLLWHGSRTTNFAGILSQGLRIAPPEAPVTGYMFGKGIYFADMVSKSANYCHTSQGDPI
GLILLGEVALGNMYELKHASHISKLPKGKHSVKGLGKTTPDPSANISLDGVDVPLGTGISSGVNDTSLLYNEYIVYDIAQ
VNLKYLLKLKFNFKTSLWLEHHHHHH
;
C,F
4 'polydeoxyribonucleotide'
;(DG)(DC)(DC)(DT)(DA)(DC)(DC)(DG)(DG)(DT)(DT)(DC)(DG)(DC)(DG)(DA)(DA)(DC)(DC)(DG)
(DG)(DT)(DA)(DG)(DG)(DC)
;
M,N
#
loop_
_chem_comp.id
_chem_comp.type
_chem_comp.name
_chem_comp.formula
DA DNA linking 2'-DEOXYADENOSINE-5'-MONOPHOSPHATE 'C10 H14 N5 O6 P'
DC DNA linking 2'-DEOXYCYTIDINE-5'-MONOPHOSPHATE 'C9 H14 N3 O7 P'
DG DNA linking 2'-DEOXYGUANOSINE-5'-MONOPHOSPHATE 'C10 H14 N5 O7 P'
DT DNA linking THYMIDINE-5'-MONOPHOSPHATE 'C10 H15 N2 O8 P'
EDO non-polymer 1,2-ETHANEDIOL 'C2 H6 O2'
ZN non-polymer 'ZINC ION' 'Zn 2'
#
# COMPACT_ATOMS: atom_id res chain seq x y z
N ASP A 26 53.45 3.51 -0.49
CA ASP A 26 54.86 3.29 -0.90
C ASP A 26 55.74 4.52 -0.60
N LYS A 27 55.24 5.70 -0.98
CA LYS A 27 55.94 6.97 -0.80
C LYS A 27 55.63 7.60 0.55
N LEU A 28 56.53 8.45 1.04
CA LEU A 28 56.34 9.12 2.34
C LEU A 28 55.25 10.18 2.32
N TYR A 29 55.22 10.98 1.24
CA TYR A 29 54.27 12.08 1.12
C TYR A 29 53.14 11.81 0.13
N ARG A 30 52.17 12.70 0.08
CA ARG A 30 50.98 12.49 -0.75
CA ARG A 30 50.97 12.48 -0.74
C ARG A 30 50.23 13.80 -0.95
N VAL A 31 49.83 14.06 -2.20
CA VAL A 31 49.17 15.31 -2.57
C VAL A 31 47.94 15.04 -3.46
N GLU A 32 46.83 15.68 -3.14
CA GLU A 32 45.61 15.52 -3.92
C GLU A 32 44.65 16.66 -3.63
N TYR A 33 43.53 16.68 -4.37
CA TYR A 33 42.46 17.63 -4.12
C TYR A 33 41.50 17.01 -3.13
N ALA A 34 41.21 17.73 -2.05
CA ALA A 34 40.42 17.20 -0.95
C ALA A 34 39.26 16.32 -1.42
N LYS A 35 39.31 15.04 -1.07
CA LYS A 35 38.23 14.13 -1.42
C LYS A 35 36.98 14.45 -0.63
N SER A 36 37.16 15.18 0.48
CA SER A 36 36.06 15.77 1.25
C SER A 36 36.59 16.89 2.15
N GLY A 37 35.77 17.91 2.36
CA GLY A 37 36.15 19.03 3.22
C GLY A 37 35.91 18.74 4.68
N ARG A 38 36.27 17.53 5.09
CA ARG A 38 35.93 16.97 6.40
C ARG A 38 37.15 16.85 7.28
N ALA A 39 38.24 16.32 6.70
CA ALA A 39 39.49 16.09 7.43
C ALA A 39 40.16 17.42 7.77
N SER A 40 40.72 17.50 8.98
CA SER A 40 41.35 18.72 9.45
C SER A 40 42.85 18.64 9.27
N CYS A 41 43.53 19.74 9.57
CA CYS A 41 44.94 19.94 9.20
C CYS A 41 45.86 19.79 10.40
N LYS A 42 46.91 18.97 10.27
CA LYS A 42 47.69 18.58 11.44
C LYS A 42 48.41 19.73 12.13
N LYS A 43 48.66 20.84 11.42
CA LYS A 43 49.35 21.98 12.03
C LYS A 43 48.40 22.94 12.74
N CYS A 44 47.45 23.49 11.98
CA CYS A 44 46.54 24.51 12.50
C CYS A 44 45.26 23.92 13.10
N SER A 45 44.81 22.80 12.52
CA SER A 45 43.67 22.01 13.03
C SER A 45 42.29 22.46 12.54
N GLU A 46 42.25 23.19 11.42
CA GLU A 46 40.99 23.62 10.82
C GLU A 46 40.63 22.73 9.62
N SER A 47 39.35 22.69 9.29
CA SER A 47 38.86 21.80 8.23
C SER A 47 39.41 22.15 6.85
N ILE A 48 40.13 21.22 6.25
CA ILE A 48 40.67 21.39 4.89
C ILE A 48 39.55 21.26 3.86
N PRO A 49 39.14 22.39 3.24
CA PRO A 49 37.94 22.41 2.41
C PRO A 49 38.04 21.53 1.16
N LYS A 50 36.89 21.04 0.69
CA LYS A 50 36.83 20.07 -0.41
C LYS A 50 37.48 20.60 -1.69
N ASP A 51 37.95 19.67 -2.51
CA ASP A 51 38.57 19.99 -3.80
C ASP A 51 39.74 20.95 -3.71
N SER A 52 40.28 21.17 -2.52
CA SER A 52 41.42 22.05 -2.35
C SER A 52 42.70 21.24 -2.40
N LEU A 53 43.77 21.83 -2.92
CA LEU A 53 45.10 21.21 -2.92
C LEU A 53 45.59 21.10 -1.48
N ARG A 54 45.84 19.86 -1.04
CA ARG A 54 46.34 19.58 0.30
C ARG A 54 47.45 18.55 0.19
N MET A 55 48.38 18.59 1.14
CA MET A 55 49.50 17.65 1.18
C MET A 55 49.51 16.80 2.45
N ALA A 56 50.05 15.59 2.33
CA ALA A 56 50.02 14.59 3.38
C ALA A 56 51.41 14.07 3.69
N ILE A 57 51.62 13.65 4.93
CA ILE A 57 52.81 12.88 5.31
C ILE A 57 52.31 11.59 5.97
N MET A 58 52.72 10.45 5.44
CA MET A 58 52.15 9.17 5.85
C MET A 58 52.84 8.62 7.09
N VAL A 59 52.04 8.27 8.10
CA VAL A 59 52.54 7.78 9.39
C VAL A 59 51.92 6.42 9.74
N GLN A 60 52.52 5.74 10.72
CA GLN A 60 51.95 4.50 11.24
C GLN A 60 50.80 4.92 12.09
N SER A 61 49.66 4.28 11.93
CA SER A 61 48.57 4.47 12.88
C SER A 61 48.88 3.71 14.15
N PRO A 62 48.65 4.33 15.31
CA PRO A 62 48.77 3.56 16.53
C PRO A 62 47.61 2.57 16.72
N MET A 63 46.55 2.71 15.95
CA MET A 63 45.31 1.98 16.21
C MET A 63 45.14 0.70 15.38
N PHE A 64 45.87 0.59 14.27
CA PHE A 64 45.79 -0.60 13.41
C PHE A 64 47.02 -0.71 12.54
N ASP A 65 47.18 -1.87 11.93
CA ASP A 65 48.42 -2.20 11.23
C ASP A 65 48.46 -1.53 9.85
N GLY A 66 48.50 -0.21 9.81
CA GLY A 66 48.38 0.49 8.55
C GLY A 66 48.98 1.86 8.59
N LYS A 67 49.40 2.35 7.43
CA LYS A 67 49.84 3.72 7.30
C LYS A 67 48.60 4.59 7.23
N VAL A 68 48.72 5.83 7.70
CA VAL A 68 47.63 6.77 7.64
C VAL A 68 48.22 8.11 7.21
N PRO A 69 47.50 8.87 6.38
CA PRO A 69 47.93 10.21 6.00
C PRO A 69 47.74 11.26 7.08
N HIS A 70 48.73 12.13 7.24
CA HIS A 70 48.58 13.31 8.07
C HIS A 70 48.35 14.50 7.19
N TRP A 71 47.08 14.88 7.04
CA TRP A 71 46.69 15.95 6.12
C TRP A 71 47.02 17.34 6.61
N TYR A 72 47.70 18.08 5.74
CA TYR A 72 48.07 19.46 5.96
C TYR A 72 47.44 20.36 4.88
N HIS A 73 46.97 21.54 5.28
CA HIS A 73 46.62 22.59 4.31
C HIS A 73 47.85 22.84 3.50
N PHE A 74 47.72 22.94 2.18
CA PHE A 74 48.91 23.14 1.33
C PHE A 74 49.77 24.30 1.80
N SER A 75 49.11 25.34 2.31
CA SER A 75 49.78 26.48 2.93
C SER A 75 50.59 26.04 4.16
N CYS A 76 49.95 25.27 5.04
CA CYS A 76 50.55 24.87 6.32
C CYS A 76 51.69 23.84 6.20
N PHE A 77 51.72 23.11 5.09
CA PHE A 77 52.66 22.00 4.93
C PHE A 77 54.12 22.41 5.05
N TRP A 78 54.45 23.60 4.57
CA TRP A 78 55.84 24.01 4.42
C TRP A 78 56.36 24.73 5.63
N LYS A 79 55.55 24.83 6.68
CA LYS A 79 55.99 25.40 7.95
C LYS A 79 56.33 24.33 8.99
N VAL A 80 56.00 23.07 8.71
CA VAL A 80 56.35 21.96 9.61
C VAL A 80 57.82 21.54 9.50
N GLY A 81 58.55 22.14 8.55
CA GLY A 81 59.99 21.94 8.41
C GLY A 81 60.36 20.89 7.37
N HIS A 82 59.36 20.33 6.69
CA HIS A 82 59.60 19.31 5.68
C HIS A 82 60.06 19.93 4.39
N SER A 83 61.05 19.31 3.76
CA SER A 83 61.60 19.80 2.50
C SER A 83 61.76 18.68 1.48
N ILE A 84 60.76 18.53 0.61
CA ILE A 84 60.81 17.57 -0.48
C ILE A 84 61.64 18.14 -1.62
N ARG A 85 62.82 17.58 -1.84
CA ARG A 85 63.78 18.11 -2.83
C ARG A 85 63.21 18.10 -4.25
N HIS A 86 62.68 16.93 -4.64
CA HIS A 86 62.09 16.74 -5.97
C HIS A 86 60.72 16.13 -5.83
N PRO A 87 59.66 16.96 -5.81
CA PRO A 87 58.28 16.49 -5.59
C PRO A 87 57.80 15.36 -6.50
N ASP A 88 58.11 15.44 -7.79
CA ASP A 88 57.58 14.47 -8.76
C ASP A 88 58.04 13.03 -8.48
N VAL A 89 59.18 12.88 -7.82
CA VAL A 89 59.71 11.56 -7.50
C VAL A 89 59.42 11.14 -6.07
N GLU A 90 59.18 12.12 -5.19
CA GLU A 90 58.98 11.88 -3.75
C GLU A 90 57.51 11.90 -3.31
N VAL A 91 56.71 12.80 -3.88
CA VAL A 91 55.31 12.98 -3.47
C VAL A 91 54.36 12.25 -4.39
N ASP A 92 53.46 11.49 -3.78
CA ASP A 92 52.50 10.68 -4.52
C ASP A 92 51.33 11.53 -4.99
N GLY A 93 50.75 11.15 -6.13
CA GLY A 93 49.64 11.89 -6.72
C GLY A 93 50.03 13.14 -7.50
N PHE A 94 51.34 13.36 -7.66
CA PHE A 94 51.85 14.54 -8.36
C PHE A 94 51.50 14.54 -9.83
N SER A 95 51.61 13.38 -10.48
CA SER A 95 51.32 13.30 -11.91
C SER A 95 49.82 13.49 -12.18
N GLU A 96 48.97 13.03 -11.24
CA GLU A 96 47.51 13.10 -11.38
C GLU A 96 46.94 14.51 -11.21
N LEU A 97 47.66 15.37 -10.48
CA LEU A 97 47.29 16.79 -10.33
C LEU A 97 47.13 17.49 -11.68
N ARG A 98 46.54 18.68 -11.63
CA ARG A 98 46.44 19.55 -12.81
C ARG A 98 47.79 20.21 -13.07
N TRP A 99 48.06 20.52 -14.33
CA TRP A 99 49.40 20.95 -14.73
C TRP A 99 49.90 22.15 -14.00
N ASP A 100 49.09 23.20 -13.97
CA ASP A 100 49.51 24.46 -13.31
C ASP A 100 49.69 24.29 -11.81
N ASP A 101 48.89 23.41 -11.22
CA ASP A 101 49.03 23.06 -9.80
C ASP A 101 50.32 22.30 -9.51
N GLN A 102 50.72 21.42 -10.42
CA GLN A 102 52.02 20.74 -10.32
C GLN A 102 53.16 21.74 -10.20
N GLN A 103 53.11 22.78 -11.03
CA GLN A 103 54.13 23.81 -11.01
C GLN A 103 54.15 24.61 -9.71
N LYS A 104 52.98 24.80 -9.10
CA LYS A 104 52.93 25.46 -7.80
C LYS A 104 53.74 24.66 -6.79
N VAL A 105 53.50 23.35 -6.73
CA VAL A 105 54.22 22.48 -5.81
C VAL A 105 55.71 22.49 -6.11
N LYS A 106 56.04 22.31 -7.38
CA LYS A 106 57.43 22.27 -7.82
C LYS A 106 58.20 23.52 -7.35
N LYS A 107 57.66 24.69 -7.68
CA LYS A 107 58.29 25.97 -7.28
C LYS A 107 58.34 26.15 -5.76
N THR A 108 57.20 25.89 -5.11
CA THR A 108 57.09 26.03 -3.66
C THR A 108 57.94 24.99 -2.92
N ALA A 109 58.25 23.88 -3.59
CA ALA A 109 59.22 22.91 -3.07
C ALA A 109 60.58 23.55 -2.80
N GLU A 110 60.99 24.47 -3.68
CA GLU A 110 62.26 25.16 -3.51
C GLU A 110 62.18 26.36 -2.57
N ALA A 111 60.97 26.88 -2.35
CA ALA A 111 60.77 27.99 -1.41
C ALA A 111 59.28 28.14 -1.05
N SER B 10 72.85 18.41 -28.15
CA SER B 10 72.01 19.28 -27.28
C SER B 10 70.93 20.04 -28.06
N LYS B 11 71.01 20.01 -29.39
CA LYS B 11 69.99 20.65 -30.23
C LYS B 11 68.78 19.72 -30.36
N LYS B 12 69.02 18.49 -30.81
CA LYS B 12 67.96 17.47 -30.88
C LYS B 12 67.61 16.96 -29.49
N GLU B 13 68.60 16.98 -28.59
CA GLU B 13 68.35 16.55 -27.21
C GLU B 13 67.36 17.49 -26.56
N LYS B 14 67.69 18.78 -26.53
CA LYS B 14 66.85 19.79 -25.86
C LYS B 14 65.50 20.04 -26.57
N ASP B 15 65.40 19.67 -27.85
CA ASP B 15 64.16 19.86 -28.60
C ASP B 15 63.14 18.78 -28.23
N LYS B 16 63.51 17.51 -28.36
CA LYS B 16 62.61 16.41 -28.00
C LYS B 16 62.27 16.49 -26.51
N ASP B 17 63.25 16.93 -25.72
CA ASP B 17 63.10 17.23 -24.30
C ASP B 17 62.02 18.31 -24.06
N SER B 18 62.11 19.41 -24.79
CA SER B 18 61.17 20.52 -24.64
C SER B 18 59.82 20.23 -25.31
N LYS B 19 59.87 19.56 -26.45
CA LYS B 19 58.65 19.27 -27.23
C LYS B 19 57.82 18.14 -26.63
N LEU B 20 58.43 17.36 -25.73
CA LEU B 20 57.70 16.34 -24.95
C LEU B 20 56.93 16.96 -23.77
N GLU B 21 57.58 17.87 -23.05
CA GLU B 21 56.90 18.61 -21.97
C GLU B 21 55.76 19.46 -22.52
N LYS B 22 55.81 19.73 -23.81
CA LYS B 22 54.65 20.33 -24.48
C LYS B 22 53.54 19.28 -24.54
N ALA B 23 53.88 18.08 -25.02
CA ALA B 23 52.90 17.02 -25.24
C ALA B 23 52.42 16.39 -23.93
N LEU B 24 53.22 16.55 -22.87
CA LEU B 24 52.84 16.05 -21.55
C LEU B 24 51.72 16.92 -20.99
N LYS B 25 51.93 18.24 -20.98
CA LYS B 25 50.87 19.17 -20.63
C LYS B 25 49.68 18.98 -21.56
N ALA B 26 49.94 18.79 -22.85
CA ALA B 26 48.87 18.52 -23.81
C ALA B 26 47.97 17.40 -23.30
N GLN B 27 48.59 16.35 -22.77
CA GLN B 27 47.87 15.20 -22.26
C GLN B 27 47.23 15.50 -20.90
N ASN B 28 48.00 16.06 -19.97
CA ASN B 28 47.54 16.33 -18.62
C ASN B 28 46.20 17.03 -18.62
N ASP B 29 46.14 18.20 -19.24
CA ASP B 29 44.90 18.98 -19.23
C ASP B 29 43.95 18.65 -20.39
N LEU B 30 44.26 17.60 -21.15
CA LEU B 30 43.26 17.02 -22.06
C LEU B 30 42.31 16.18 -21.23
N ILE B 31 42.87 15.29 -20.42
CA ILE B 31 42.07 14.45 -19.54
C ILE B 31 41.29 15.29 -18.53
N TRP B 32 41.95 16.27 -17.93
CA TRP B 32 41.30 17.20 -17.02
C TRP B 32 40.12 17.91 -17.61
N ASN B 33 40.27 18.44 -18.82
CA ASN B 33 39.12 18.96 -19.53
C ASN B 33 38.04 17.88 -19.57
N ILE B 34 38.42 16.67 -20.01
CA ILE B 34 37.46 15.59 -20.17
C ILE B 34 36.83 15.16 -18.85
N LYS B 35 37.61 15.17 -17.77
CA LYS B 35 37.11 14.79 -16.46
C LYS B 35 35.96 15.69 -16.11
N ASP B 36 36.27 16.94 -15.77
CA ASP B 36 35.22 17.87 -15.31
C ASP B 36 34.22 18.26 -16.40
N GLU B 37 34.34 17.66 -17.57
CA GLU B 37 33.25 17.68 -18.55
C GLU B 37 32.18 16.67 -18.15
N LEU B 38 32.61 15.48 -17.77
CA LEU B 38 31.71 14.43 -17.32
C LEU B 38 31.09 14.76 -15.97
N LYS B 39 31.83 15.48 -15.12
CA LYS B 39 31.33 15.91 -13.82
C LYS B 39 30.19 16.91 -14.02
N LYS B 40 30.30 17.72 -15.07
CA LYS B 40 29.24 18.68 -15.42
C LYS B 40 28.00 17.99 -15.99
N VAL B 41 28.19 16.92 -16.76
CA VAL B 41 27.11 16.29 -17.51
C VAL B 41 26.58 14.99 -16.90
N CYS B 42 27.46 14.16 -16.37
CA CYS B 42 27.07 12.81 -15.92
C CYS B 42 27.05 12.66 -14.41
N SER B 43 26.06 11.93 -13.91
CA SER B 43 26.02 11.52 -12.51
C SER B 43 26.93 10.31 -12.34
N THR B 44 27.24 9.98 -11.10
CA THR B 44 28.13 8.87 -10.82
C THR B 44 27.58 7.57 -11.38
N ASN B 45 26.27 7.36 -11.25
CA ASN B 45 25.65 6.13 -11.76
C ASN B 45 25.84 5.93 -13.26
N ASP B 46 25.78 7.02 -14.01
CA ASP B 46 26.05 6.95 -15.43
C ASP B 46 27.46 6.40 -15.63
N LEU B 47 28.42 7.08 -15.01
CA LEU B 47 29.83 6.74 -15.13
C LEU B 47 30.07 5.30 -14.67
N LYS B 48 29.40 4.90 -13.60
CA LYS B 48 29.50 3.52 -13.12
C LYS B 48 29.06 2.57 -14.22
N GLU B 49 27.89 2.83 -14.80
CA GLU B 49 27.36 1.96 -15.83
C GLU B 49 28.12 2.11 -17.16
N LEU B 50 28.82 3.23 -17.32
CA LEU B 50 29.76 3.39 -18.45
C LEU B 50 30.82 2.30 -18.41
N LEU B 51 31.53 2.23 -17.28
CA LEU B 51 32.64 1.29 -17.11
C LEU B 51 32.16 -0.15 -17.24
N ILE B 52 31.06 -0.46 -16.55
CA ILE B 52 30.51 -1.82 -16.54
C ILE B 52 30.28 -2.29 -17.97
N PHE B 53 29.64 -1.43 -18.77
CA PHE B 53 29.40 -1.70 -20.19
C PHE B 53 30.70 -2.06 -20.90
N ASN B 54 31.77 -1.33 -20.55
CA ASN B 54 33.09 -1.58 -21.11
C ASN B 54 33.86 -2.71 -20.39
N LYS B 55 33.16 -3.53 -19.61
CA LYS B 55 33.75 -4.67 -18.89
C LYS B 55 34.92 -4.24 -18.01
N GLN B 56 34.72 -3.14 -17.27
CA GLN B 56 35.74 -2.55 -16.42
C GLN B 56 35.29 -2.57 -14.97
N GLN B 57 36.19 -3.00 -14.10
CA GLN B 57 35.94 -2.99 -12.65
C GLN B 57 35.59 -1.58 -12.21
N VAL B 58 34.49 -1.45 -11.50
CA VAL B 58 34.07 -0.14 -11.01
C VAL B 58 34.77 0.12 -9.70
N PRO B 59 35.65 1.15 -9.67
CA PRO B 59 36.33 1.47 -8.42
C PRO B 59 35.40 2.09 -7.41
N SER B 60 35.87 2.13 -6.17
CA SER B 60 35.22 2.89 -5.12
C SER B 60 35.84 4.28 -5.09
N GLY B 61 34.99 5.31 -5.05
CA GLY B 61 35.48 6.69 -5.05
C GLY B 61 34.93 7.46 -6.23
N GLU B 62 34.59 8.72 -6.01
CA GLU B 62 34.04 9.56 -7.07
C GLU B 62 35.19 9.91 -8.01
N SER B 63 36.24 10.51 -7.47
CA SER B 63 37.35 11.01 -8.28
C SER B 63 37.88 9.90 -9.14
N ALA B 64 38.13 8.78 -8.50
CA ALA B 64 38.69 7.61 -9.16
C ALA B 64 37.78 7.03 -10.25
N ILE B 65 36.47 7.24 -10.14
CA ILE B 65 35.56 6.71 -11.15
C ILE B 65 35.68 7.47 -12.46
N LEU B 66 35.72 8.79 -12.39
CA LEU B 66 35.91 9.58 -13.62
C LEU B 66 37.37 9.48 -14.12
N ASP B 67 38.29 9.25 -13.20
CA ASP B 67 39.69 9.10 -13.56
C ASP B 67 39.89 7.89 -14.45
N ARG B 68 39.07 6.86 -14.27
CA ARG B 68 39.15 5.66 -15.09
C ARG B 68 38.24 5.72 -16.30
N VAL B 69 37.18 6.52 -16.23
CA VAL B 69 36.33 6.76 -17.40
C VAL B 69 37.10 7.63 -18.40
N ALA B 70 37.77 8.68 -17.88
CA ALA B 70 38.58 9.58 -18.70
C ALA B 70 39.71 8.81 -19.39
N ASP B 71 40.42 7.99 -18.63
CA ASP B 71 41.44 7.10 -19.19
C ASP B 71 40.82 6.15 -20.20
N GLY B 72 39.69 5.58 -19.84
CA GLY B 72 38.99 4.64 -20.71
C GLY B 72 38.70 5.26 -22.06
N MET B 73 38.15 6.46 -22.06
CA MET B 73 37.78 7.13 -23.29
C MET B 73 39.01 7.51 -24.12
N VAL B 74 39.99 8.13 -23.48
CA VAL B 74 41.12 8.68 -24.21
C VAL B 74 42.04 7.61 -24.77
N PHE B 75 42.31 6.54 -24.02
CA PHE B 75 43.27 5.52 -24.46
C PHE B 75 42.68 4.15 -24.78
N GLY B 76 41.67 3.73 -24.01
CA GLY B 76 40.97 2.49 -24.31
C GLY B 76 40.42 1.71 -23.12
N ALA B 77 39.44 0.87 -23.43
CA ALA B 77 38.90 -0.09 -22.48
C ALA B 77 39.96 -1.17 -22.23
N LEU B 78 40.50 -1.17 -21.01
CA LEU B 78 41.59 -2.07 -20.64
C LEU B 78 41.14 -3.52 -20.67
N LEU B 79 41.86 -4.33 -21.46
CA LEU B 79 41.64 -5.78 -21.48
C LEU B 79 42.16 -6.38 -20.18
N PRO B 80 41.53 -7.48 -19.72
CA PRO B 80 41.96 -8.17 -18.50
C PRO B 80 43.43 -8.58 -18.53
N CYS B 81 43.95 -8.94 -17.36
CA CYS B 81 45.37 -9.28 -17.21
C CYS B 81 45.72 -10.60 -17.89
N GLU B 82 46.99 -10.74 -18.25
CA GLU B 82 47.44 -11.96 -18.93
C GLU B 82 47.32 -13.21 -18.05
N GLU B 83 47.76 -13.14 -16.79
CA GLU B 83 47.77 -14.32 -15.91
C GLU B 83 46.58 -14.34 -14.96
N CYS B 84 46.45 -13.31 -14.13
CA CYS B 84 45.46 -13.31 -13.05
C CYS B 84 44.06 -12.89 -13.50
N SER B 85 43.94 -12.39 -14.72
CA SER B 85 42.66 -11.97 -15.30
C SER B 85 41.97 -10.87 -14.50
N GLY B 86 42.77 -9.96 -13.93
CA GLY B 86 42.25 -8.84 -13.14
C GLY B 86 42.32 -7.51 -13.87
N GLN B 87 42.12 -6.42 -13.14
CA GLN B 87 41.99 -5.09 -13.74
C GLN B 87 43.27 -4.26 -13.57
N LEU B 88 43.98 -4.02 -14.66
CA LEU B 88 45.09 -3.07 -14.64
C LEU B 88 44.56 -1.65 -14.42
N VAL B 89 45.32 -0.86 -13.69
CA VAL B 89 44.94 0.50 -13.37
C VAL B 89 46.14 1.40 -13.52
N PHE B 90 45.94 2.54 -14.17
CA PHE B 90 47.00 3.54 -14.23
C PHE B 90 47.26 4.01 -12.81
N LYS B 91 48.54 4.13 -12.47
CA LYS B 91 48.98 4.64 -11.19
C LYS B 91 50.30 5.38 -11.39
N SER B 92 50.20 6.69 -11.59
CA SER B 92 51.34 7.62 -11.61
C SER B 92 52.31 7.46 -12.79
N ASP B 93 52.95 6.31 -12.92
CA ASP B 93 53.95 6.13 -13.99
C ASP B 93 53.82 4.83 -14.78
N ALA B 94 52.78 4.05 -14.53
CA ALA B 94 52.59 2.79 -15.24
C ALA B 94 51.21 2.23 -14.97
N TYR B 95 50.85 1.17 -15.69
CA TYR B 95 49.59 0.46 -15.43
C TYR B 95 49.89 -0.76 -14.57
N TYR B 96 49.43 -0.73 -13.32
CA TYR B 96 49.67 -1.81 -12.36
C TYR B 96 48.47 -2.74 -12.28
N CYS B 97 48.69 -4.05 -12.32
CA CYS B 97 47.59 -4.99 -12.15
C CYS B 97 47.14 -4.95 -10.70
N THR B 98 45.83 -5.01 -10.49
CA THR B 98 45.28 -4.99 -9.14
C THR B 98 44.56 -6.31 -8.81
N GLY B 99 44.69 -7.30 -9.69
CA GLY B 99 44.05 -8.60 -9.50
C GLY B 99 44.74 -9.47 -8.45
N ASP B 100 44.40 -10.76 -8.46
CA ASP B 100 44.82 -11.69 -7.42
C ASP B 100 45.35 -12.99 -7.97
N VAL B 101 46.68 -13.06 -8.12
CA VAL B 101 47.35 -14.28 -8.58
C VAL B 101 47.07 -15.46 -7.65
N THR B 102 46.68 -15.17 -6.41
CA THR B 102 46.25 -16.17 -5.45
C THR B 102 45.49 -15.50 -4.31
N ALA B 103 44.78 -16.29 -3.51
CA ALA B 103 44.05 -15.75 -2.36
C ALA B 103 45.00 -15.07 -1.36
N TRP B 104 46.20 -15.60 -1.25
CA TRP B 104 47.18 -15.14 -0.28
C TRP B 104 48.00 -13.98 -0.73
N THR B 105 48.24 -13.88 -2.04
CA THR B 105 49.15 -12.88 -2.58
C THR B 105 48.60 -12.18 -3.81
N LYS B 106 48.78 -10.85 -3.84
CA LYS B 106 48.25 -10.01 -4.90
C LYS B 106 49.13 -10.16 -6.13
N CYS B 107 48.58 -9.83 -7.29
CA CYS B 107 49.33 -9.88 -8.55
C CYS B 107 50.20 -8.64 -8.68
N MET B 108 51.41 -8.80 -9.23
CA MET B 108 52.36 -7.69 -9.32
C MET B 108 52.74 -7.28 -10.76
N VAL B 109 51.87 -7.59 -11.72
CA VAL B 109 52.11 -7.18 -13.11
C VAL B 109 52.12 -5.66 -13.24
N LYS B 110 53.00 -5.16 -14.10
CA LYS B 110 53.18 -3.71 -14.29
C LYS B 110 53.68 -3.41 -15.71
N THR B 111 53.07 -2.42 -16.36
CA THR B 111 53.44 -2.08 -17.73
C THR B 111 53.10 -0.63 -18.07
N GLN B 112 53.76 -0.12 -19.10
CA GLN B 112 53.45 1.19 -19.69
C GLN B 112 52.65 1.03 -20.98
N THR B 113 52.68 -0.17 -21.55
CA THR B 113 51.94 -0.49 -22.75
C THR B 113 51.07 -1.69 -22.49
N PRO B 114 49.93 -1.50 -21.82
CA PRO B 114 48.99 -2.60 -21.58
C PRO B 114 48.18 -2.94 -22.83
N ASN B 115 47.50 -4.07 -22.78
CA ASN B 115 46.62 -4.47 -23.88
C ASN B 115 45.25 -3.85 -23.67
N ARG B 116 44.60 -3.46 -24.78
CA ARG B 116 43.28 -2.84 -24.70
C ARG B 116 42.53 -2.82 -26.03
N LYS B 117 41.22 -3.05 -25.97
CA LYS B 117 40.34 -2.83 -27.12
C LYS B 117 39.79 -1.39 -27.03
N GLU B 118 39.12 -0.94 -28.08
CA GLU B 118 38.67 0.45 -28.16
C GLU B 118 37.46 0.72 -27.26
N TRP B 119 37.37 1.93 -26.74
CA TRP B 119 36.33 2.31 -25.78
C TRP B 119 35.00 2.53 -26.44
N VAL B 120 34.01 1.73 -26.04
CA VAL B 120 32.69 1.75 -26.67
C VAL B 120 31.64 2.42 -25.78
N THR B 121 31.35 3.69 -26.07
CA THR B 121 30.23 4.42 -25.44
C THR B 121 28.91 3.79 -25.88
N PRO B 122 28.00 3.54 -24.92
CA PRO B 122 26.67 3.11 -25.34
C PRO B 122 25.98 4.19 -26.16
N LYS B 123 25.00 3.80 -26.98
CA LYS B 123 24.20 4.76 -27.76
C LYS B 123 23.73 5.98 -26.96
N GLU B 124 23.44 5.76 -25.69
CA GLU B 124 22.89 6.79 -24.80
C GLU B 124 23.93 7.85 -24.47
N PHE B 125 24.04 8.85 -25.34
CA PHE B 125 24.95 9.96 -25.13
C PHE B 125 24.53 11.15 -26.00
N ARG B 126 23.75 12.06 -25.43
CA ARG B 126 23.30 13.27 -26.15
C ARG B 126 24.30 14.42 -26.01
N GLU B 127 25.47 14.16 -25.43
CA GLU B 127 26.58 15.11 -25.42
C GLU B 127 27.95 14.42 -25.55
N ILE B 128 27.96 13.25 -26.19
CA ILE B 128 29.21 12.57 -26.56
C ILE B 128 29.77 13.16 -27.85
N SER B 129 28.93 13.87 -28.60
CA SER B 129 29.35 14.63 -29.78
C SER B 129 29.98 15.97 -29.41
N TYR B 130 29.75 16.41 -28.18
CA TYR B 130 30.37 17.62 -27.62
C TYR B 130 31.69 17.33 -26.92
N LEU B 131 31.73 16.22 -26.17
CA LEU B 131 32.96 15.81 -25.46
C LEU B 131 34.03 15.32 -26.44
N LYS B 132 33.63 14.49 -27.40
CA LYS B 132 34.54 13.96 -28.42
C LYS B 132 34.89 14.98 -29.51
N LYS B 133 34.14 16.07 -29.57
CA LYS B 133 34.46 17.19 -30.46
C LYS B 133 35.63 18.04 -29.91
N LEU B 134 36.12 17.70 -28.71
CA LEU B 134 37.31 18.34 -28.14
C LEU B 134 38.61 17.82 -28.78
N LYS B 135 38.71 17.98 -30.10
CA LYS B 135 39.89 17.61 -30.91
C LYS B 135 40.76 16.45 -30.39
N VAL B 136 40.14 15.31 -30.09
CA VAL B 136 40.85 14.15 -29.53
C VAL B 136 41.07 13.06 -30.59
N LYS B 137 42.32 12.77 -30.91
CA LYS B 137 42.69 11.75 -31.91
C LYS B 137 43.33 10.55 -31.23
N LYS B 138 43.73 9.55 -32.03
CA LYS B 138 44.36 8.34 -31.49
C LYS B 138 45.76 8.62 -30.97
N GLN B 139 46.00 8.24 -29.72
CA GLN B 139 47.26 8.50 -29.05
C GLN B 139 47.41 7.59 -27.84
N ASP B 140 48.65 7.25 -27.51
CA ASP B 140 48.94 6.39 -26.36
C ASP B 140 49.32 7.25 -25.16
N ARG B 141 49.21 6.67 -23.96
CA ARG B 141 49.63 7.32 -22.74
C ARG B 141 51.10 7.71 -22.84
N ILE B 142 51.40 8.97 -22.54
CA ILE B 142 52.77 9.45 -22.37
C ILE B 142 53.06 9.38 -20.86
N PHE B 143 54.32 9.18 -20.52
CA PHE B 143 54.74 9.05 -19.12
C PHE B 143 55.79 10.09 -18.76
N PRO B 144 56.08 10.28 -17.47
CA PRO B 144 57.17 11.19 -17.10
C PRO B 144 58.53 10.64 -17.53
N PRO B 145 59.58 11.49 -17.52
CA PRO B 145 60.93 11.06 -17.93
C PRO B 145 61.55 10.01 -17.00
N ALA C 15 40.34 -22.29 24.18
CA ALA C 15 41.14 -21.27 24.92
C ALA C 15 40.33 -20.64 26.06
N ALA C 16 40.95 -19.71 26.77
CA ALA C 16 40.30 -18.94 27.83
C ALA C 16 40.15 -17.48 27.41
N VAL C 17 39.66 -16.66 28.32
CA VAL C 17 39.31 -15.27 28.03
C VAL C 17 40.54 -14.38 27.84
N ASP C 18 40.51 -13.50 26.85
CA ASP C 18 41.58 -12.55 26.63
C ASP C 18 41.50 -11.48 27.72
N PRO C 19 42.56 -11.33 28.55
CA PRO C 19 42.57 -10.32 29.61
C PRO C 19 42.54 -8.86 29.14
N ASP C 20 42.63 -8.63 27.83
CA ASP C 20 42.43 -7.28 27.29
C ASP C 20 40.98 -6.84 27.44
N SER C 21 40.08 -7.78 27.69
CA SER C 21 38.68 -7.48 27.96
C SER C 21 38.51 -6.79 29.31
N GLY C 22 39.37 -7.13 30.26
CA GLY C 22 39.21 -6.67 31.64
C GLY C 22 38.12 -7.42 32.40
N LEU C 23 37.62 -8.48 31.78
CA LEU C 23 36.53 -9.28 32.33
C LEU C 23 36.90 -10.77 32.34
N GLU C 24 38.20 -11.07 32.43
CA GLU C 24 38.70 -12.45 32.29
C GLU C 24 38.27 -13.40 33.41
N HIS C 25 38.43 -12.98 34.67
CA HIS C 25 38.03 -13.79 35.82
C HIS C 25 36.71 -13.32 36.36
N SER C 26 35.71 -13.33 35.47
CA SER C 26 34.38 -12.81 35.77
C SER C 26 33.33 -13.70 35.10
N ALA C 27 33.29 -13.66 33.77
CA ALA C 27 32.41 -14.50 32.98
C ALA C 27 33.21 -15.36 32.02
N HIS C 28 32.74 -16.58 31.79
CA HIS C 28 33.45 -17.57 30.96
C HIS C 28 33.26 -17.33 29.49
N VAL C 29 34.23 -17.75 28.69
CA VAL C 29 34.09 -17.74 27.23
C VAL C 29 33.09 -18.84 26.83
N LEU C 30 32.23 -18.55 25.85
CA LEU C 30 31.08 -19.41 25.55
C LEU C 30 31.30 -20.32 24.34
N GLU C 31 30.64 -21.48 24.37
CA GLU C 31 30.66 -22.45 23.26
C GLU C 31 29.28 -23.08 23.09
N LYS C 32 28.82 -23.20 21.85
CA LYS C 32 27.54 -23.83 21.55
C LYS C 32 27.78 -25.31 21.29
N GLY C 33 27.76 -26.09 22.37
CA GLY C 33 27.89 -27.55 22.29
C GLY C 33 29.29 -28.00 21.96
N GLY C 34 29.71 -27.77 20.72
CA GLY C 34 31.04 -28.17 20.24
C GLY C 34 31.88 -26.97 19.86
N LYS C 35 31.51 -26.30 18.77
CA LYS C 35 32.27 -25.17 18.25
C LYS C 35 32.38 -24.06 19.30
N VAL C 36 33.62 -23.74 19.71
CA VAL C 36 33.87 -22.71 20.72
C VAL C 36 33.84 -21.33 20.09
N PHE C 37 33.02 -20.43 20.64
CA PHE C 37 32.87 -19.08 20.08
C PHE C 37 34.07 -18.21 20.43
N SER C 38 35.15 -18.45 19.68
CA SER C 38 36.41 -17.71 19.81
C SER C 38 37.28 -18.15 18.64
N ALA C 39 37.93 -17.19 17.99
CA ALA C 39 38.83 -17.47 16.88
C ALA C 39 39.95 -16.43 16.85
N THR C 40 41.12 -16.85 16.41
CA THR C 40 42.28 -15.95 16.31
C THR C 40 42.76 -15.88 14.86
N LEU C 41 42.51 -14.75 14.22
CA LEU C 41 42.81 -14.60 12.79
C LEU C 41 44.13 -13.87 12.54
N GLY C 42 44.65 -14.02 11.33
CA GLY C 42 45.90 -13.39 10.97
C GLY C 42 46.00 -13.20 9.47
N LEU C 43 46.76 -12.18 9.07
CA LEU C 43 46.85 -11.78 7.68
C LEU C 43 48.17 -11.06 7.48
N VAL C 44 48.97 -11.57 6.53
CA VAL C 44 50.26 -10.97 6.20
C VAL C 44 50.41 -10.74 4.70
N ASP C 45 50.93 -9.58 4.31
CA ASP C 45 51.31 -9.31 2.92
C ASP C 45 52.76 -8.86 2.91
N ILE C 46 53.66 -9.77 2.58
CA ILE C 46 55.08 -9.47 2.60
C ILE C 46 55.41 -8.17 1.88
N VAL C 47 54.74 -7.89 0.77
CA VAL C 47 55.02 -6.71 -0.06
C VAL C 47 54.58 -5.40 0.62
N LYS C 48 53.34 -5.39 1.12
CA LYS C 48 52.83 -4.24 1.87
C LYS C 48 53.55 -4.12 3.21
N GLY C 49 53.95 -5.25 3.77
CA GLY C 49 54.59 -5.29 5.08
C GLY C 49 53.59 -5.70 6.16
N THR C 50 52.32 -5.46 5.90
CA THR C 50 51.25 -5.84 6.82
C THR C 50 51.44 -7.28 7.32
N ASN C 51 51.38 -7.42 8.65
CA ASN C 51 51.55 -8.68 9.39
C ASN C 51 50.73 -8.53 10.67
N SER C 52 49.46 -8.93 10.63
CA SER C 52 48.46 -8.41 11.58
C SER C 52 47.52 -9.49 12.17
N TYR C 53 47.12 -9.29 13.43
CA TYR C 53 46.23 -10.24 14.11
C TYR C 53 44.82 -9.73 14.16
N TYR C 54 43.90 -10.62 14.53
CA TYR C 54 42.51 -10.27 14.85
C TYR C 54 41.89 -11.34 15.71
N LYS C 55 41.80 -11.07 17.02
CA LYS C 55 41.16 -12.02 17.92
C LYS C 55 39.71 -11.62 18.17
N LEU C 56 38.82 -12.60 18.01
CA LEU C 56 37.38 -12.43 18.21
C LEU C 56 36.91 -13.41 19.27
N GLN C 57 36.09 -12.95 20.21
CA GLN C 57 35.54 -13.80 21.27
C GLN C 57 34.07 -13.49 21.54
N LEU C 58 33.38 -14.46 22.14
CA LEU C 58 32.03 -14.27 22.65
C LEU C 58 31.98 -14.65 24.13
N LEU C 59 32.24 -13.68 24.99
CA LEU C 59 32.29 -13.91 26.44
C LEU C 59 30.89 -14.14 27.00
N TRP C 68 28.23 -10.33 25.65
CA TRP C 68 29.45 -9.57 25.33
C TRP C 68 30.16 -10.11 24.12
N ILE C 69 30.66 -9.21 23.27
CA ILE C 69 31.51 -9.59 22.15
C ILE C 69 32.80 -8.80 22.24
N PHE C 70 33.92 -9.50 22.17
CA PHE C 70 35.23 -8.88 22.27
C PHE C 70 36.07 -9.03 21.01
N ARG C 71 36.45 -7.90 20.43
CA ARG C 71 37.29 -7.87 19.26
C ARG C 71 38.62 -7.23 19.60
N SER C 72 39.70 -7.92 19.26
CA SER C 72 41.03 -7.40 19.42
C SER C 72 41.67 -7.37 18.03
N TRP C 73 42.57 -6.41 17.82
CA TRP C 73 43.25 -6.27 16.53
C TRP C 73 44.49 -5.43 16.65
N GLY C 74 45.44 -5.66 15.76
CA GLY C 74 46.68 -4.90 15.73
C GLY C 74 47.81 -5.59 14.99
N ARG C 75 49.02 -5.05 15.11
CA ARG C 75 50.17 -5.62 14.45
C ARG C 75 50.86 -6.63 15.37
N VAL C 76 50.81 -7.90 15.00
CA VAL C 76 51.43 -8.93 15.82
C VAL C 76 52.78 -8.50 16.36
N GLY C 77 52.88 -8.56 17.70
CA GLY C 77 54.13 -8.35 18.42
C GLY C 77 54.50 -6.89 18.59
N THR C 78 53.50 -6.05 18.83
CA THR C 78 53.75 -4.62 19.04
C THR C 78 52.58 -3.94 19.73
N VAL C 79 52.85 -2.72 20.21
CA VAL C 79 51.83 -1.91 20.86
C VAL C 79 50.88 -1.27 19.84
N ILE C 80 51.12 -1.51 18.55
CA ILE C 80 50.23 -1.06 17.47
C ILE C 80 48.93 -1.87 17.40
N GLY C 81 47.80 -1.17 17.56
CA GLY C 81 46.48 -1.82 17.56
C GLY C 81 45.52 -1.29 18.62
N SER C 82 44.36 -1.92 18.70
CA SER C 82 43.36 -1.54 19.70
C SER C 82 42.29 -2.64 19.84
N ASN C 83 41.33 -2.41 20.72
CA ASN C 83 40.31 -3.42 21.03
C ASN C 83 38.98 -2.80 21.39
N LYS C 84 37.91 -3.59 21.21
CA LYS C 84 36.56 -3.15 21.57
C LYS C 84 35.80 -4.24 22.29
N LEU C 85 35.69 -4.07 23.61
CA LEU C 85 34.74 -4.84 24.41
C LEU C 85 33.40 -4.16 24.24
N GLU C 86 32.33 -4.95 24.19
CA GLU C 86 31.00 -4.40 23.90
C GLU C 86 29.90 -5.35 24.38
N GLN C 87 29.10 -4.92 25.36
CA GLN C 87 27.98 -5.72 25.85
C GLN C 87 26.92 -5.79 24.77
N MET C 88 26.20 -6.92 24.73
CA MET C 88 25.14 -7.15 23.75
C MET C 88 23.77 -6.79 24.32
N PRO C 89 22.77 -6.59 23.44
CA PRO C 89 21.39 -6.50 23.92
C PRO C 89 20.85 -7.83 24.46
N SER C 90 21.26 -8.94 23.84
CA SER C 90 20.86 -10.27 24.31
C SER C 90 21.85 -11.34 23.81
N LYS C 91 21.59 -12.60 24.15
CA LYS C 91 22.51 -13.71 23.81
C LYS C 91 22.38 -14.19 22.38
N GLU C 92 21.17 -14.19 21.82
CA GLU C 92 20.99 -14.58 20.42
C GLU C 92 21.50 -13.51 19.46
N ASP C 93 21.56 -12.27 19.94
CA ASP C 93 22.17 -11.16 19.20
C ASP C 93 23.70 -11.29 19.18
N ALA C 94 24.24 -12.03 20.15
CA ALA C 94 25.67 -12.34 20.19
C ALA C 94 26.05 -13.19 18.98
N ILE C 95 25.36 -14.31 18.80
CA ILE C 95 25.57 -15.17 17.63
C ILE C 95 25.49 -14.36 16.33
N GLU C 96 24.47 -13.52 16.22
CA GLU C 96 24.27 -12.68 15.04
C GLU C 96 25.48 -11.79 14.80
N HIS C 97 25.89 -11.06 15.83
CA HIS C 97 27.01 -10.12 15.75
C HIS C 97 28.32 -10.83 15.46
N PHE C 98 28.57 -11.90 16.22
CA PHE C 98 29.77 -12.73 16.10
C PHE C 98 29.92 -13.32 14.70
N MET C 99 28.95 -14.15 14.30
CA MET C 99 29.01 -14.85 13.00
C MET C 99 29.03 -13.89 11.81
N LYS C 100 28.56 -12.67 12.02
CA LYS C 100 28.65 -11.61 11.01
C LYS C 100 30.07 -11.05 10.98
N LEU C 101 30.53 -10.52 12.11
CA LEU C 101 31.91 -10.01 12.23
C LEU C 101 32.91 -11.00 11.67
N TYR C 102 32.73 -12.27 12.06
CA TYR C 102 33.59 -13.35 11.60
C TYR C 102 33.68 -13.38 10.07
N GLU C 103 32.55 -13.59 9.41
CA GLU C 103 32.52 -13.72 7.95
C GLU C 103 33.05 -12.47 7.26
N GLU C 104 32.63 -11.30 7.76
CA GLU C 104 33.09 -10.01 7.26
C GLU C 104 34.60 -9.96 7.21
N LYS C 105 35.23 -10.54 8.23
CA LYS C 105 36.67 -10.48 8.44
C LYS C 105 37.41 -11.68 7.82
N THR C 106 36.84 -12.86 7.94
CA THR C 106 37.46 -14.09 7.45
C THR C 106 37.09 -14.46 6.01
N GLY C 107 35.86 -14.15 5.62
CA GLY C 107 35.37 -14.47 4.28
C GLY C 107 34.53 -15.73 4.21
N ASN C 108 34.60 -16.56 5.26
CA ASN C 108 33.83 -17.82 5.33
C ASN C 108 32.69 -17.74 6.32
N ALA C 109 31.89 -18.81 6.37
CA ALA C 109 30.87 -18.96 7.41
C ALA C 109 31.49 -19.65 8.61
N TRP C 110 30.79 -19.58 9.74
CA TRP C 110 31.31 -20.12 11.00
C TRP C 110 31.51 -21.63 11.00
N HIS C 111 30.69 -22.38 10.25
CA HIS C 111 30.94 -23.82 10.02
C HIS C 111 31.34 -24.05 8.58
N SER C 112 32.43 -24.79 8.33
CA SER C 112 32.83 -25.17 6.96
C SER C 112 33.61 -26.49 6.92
N LYS C 113 33.41 -27.27 5.86
CA LYS C 113 34.00 -28.62 5.74
C LYS C 113 35.51 -28.54 5.56
N ASN C 114 35.93 -27.70 4.63
CA ASN C 114 37.33 -27.27 4.56
C ASN C 114 37.34 -25.75 4.47
N PHE C 115 38.34 -25.13 5.08
CA PHE C 115 38.43 -23.68 5.08
C PHE C 115 39.03 -23.19 3.76
N THR C 116 38.69 -21.96 3.38
CA THR C 116 39.27 -21.31 2.20
C THR C 116 39.60 -19.83 2.46
N LYS C 117 40.86 -19.46 2.23
CA LYS C 117 41.30 -18.08 2.36
C LYS C 117 40.66 -17.26 1.26
N TYR C 118 40.39 -15.99 1.53
CA TYR C 118 39.87 -15.05 0.53
C TYR C 118 40.72 -13.78 0.46
N PRO C 119 40.93 -13.24 -0.77
CA PRO C 119 41.71 -12.03 -1.05
C PRO C 119 41.54 -10.90 -0.04
N LYS C 120 42.65 -10.42 0.50
CA LYS C 120 42.66 -9.38 1.53
C LYS C 120 41.85 -9.67 2.81
N LYS C 121 41.14 -10.81 2.86
CA LYS C 121 40.48 -11.27 4.09
C LYS C 121 41.47 -12.05 4.97
N PHE C 122 41.14 -12.18 6.25
CA PHE C 122 42.00 -12.87 7.21
C PHE C 122 41.94 -14.39 7.05
N TYR C 123 42.83 -15.08 7.79
CA TYR C 123 42.82 -16.54 7.89
C TYR C 123 42.96 -16.94 9.36
N PRO C 124 42.08 -17.84 9.84
CA PRO C 124 42.07 -18.23 11.24
C PRO C 124 43.17 -19.23 11.58
N LEU C 125 43.85 -18.98 12.69
CA LEU C 125 44.87 -19.90 13.18
C LEU C 125 44.22 -20.89 14.14
N GLU C 126 44.72 -22.11 14.10
CA GLU C 126 44.09 -23.23 14.78
C GLU C 126 44.66 -23.39 16.18
N ILE C 127 44.04 -22.74 17.15
CA ILE C 127 44.43 -22.85 18.56
C ILE C 127 43.82 -24.11 19.18
N ASP C 128 44.52 -24.67 20.17
CA ASP C 128 44.04 -25.83 20.91
C ASP C 128 42.85 -25.48 21.81
N LYS C 146 63.01 -31.14 50.70
CA LYS C 146 62.52 -32.46 51.06
C LYS C 146 62.59 -33.52 49.93
N SER C 147 63.03 -33.12 48.73
CA SER C 147 63.23 -34.06 47.62
C SER C 147 64.45 -34.93 47.86
N LYS C 148 64.32 -36.23 47.62
CA LYS C 148 65.39 -37.20 47.87
C LYS C 148 66.10 -37.57 46.57
N LEU C 149 66.96 -36.66 46.09
CA LEU C 149 67.77 -36.90 44.90
C LEU C 149 69.14 -36.21 45.04
N PRO C 150 70.12 -36.59 44.20
CA PRO C 150 71.42 -35.91 44.21
C PRO C 150 71.36 -34.46 43.72
N LYS C 151 72.35 -33.66 44.13
CA LYS C 151 72.40 -32.24 43.76
C LYS C 151 72.64 -31.98 42.27
N PRO C 152 73.47 -32.82 41.61
CA PRO C 152 73.63 -32.66 40.16
C PRO C 152 72.39 -33.07 39.36
N VAL C 153 71.65 -34.07 39.85
CA VAL C 153 70.43 -34.52 39.20
C VAL C 153 69.32 -33.48 39.32
N GLN C 154 69.23 -32.82 40.47
CA GLN C 154 68.30 -31.70 40.66
C GLN C 154 68.64 -30.56 39.70
N ASP C 155 69.94 -30.28 39.56
CA ASP C 155 70.42 -29.27 38.61
C ASP C 155 70.07 -29.64 37.17
N LEU C 156 70.03 -30.94 36.88
CA LEU C 156 69.69 -31.41 35.56
C LEU C 156 68.23 -31.12 35.24
N ILE C 157 67.34 -31.42 36.18
CA ILE C 157 65.93 -31.04 36.03
C ILE C 157 65.81 -29.53 36.00
N LYS C 158 66.49 -28.86 36.93
CA LYS C 158 66.55 -27.39 36.94
C LYS C 158 66.89 -26.87 35.54
N MET C 159 67.90 -27.46 34.93
CA MET C 159 68.43 -26.98 33.66
C MET C 159 67.53 -27.27 32.46
N ILE C 160 66.86 -28.43 32.47
CA ILE C 160 66.07 -28.85 31.31
C ILE C 160 64.56 -28.59 31.46
N PHE C 161 64.16 -28.02 32.59
CA PHE C 161 62.76 -27.67 32.82
C PHE C 161 62.57 -26.19 33.21
N ASP C 162 63.57 -25.35 32.93
CA ASP C 162 63.39 -23.90 33.02
C ASP C 162 62.87 -23.45 31.68
N VAL C 163 61.57 -23.19 31.61
CA VAL C 163 60.91 -22.90 30.34
C VAL C 163 61.14 -21.45 29.91
N GLU C 164 61.36 -20.55 30.87
CA GLU C 164 61.70 -19.16 30.53
C GLU C 164 63.03 -19.10 29.76
N SER C 165 63.95 -20.01 30.09
CA SER C 165 65.21 -20.14 29.36
C SER C 165 64.93 -20.53 27.92
N MET C 166 63.95 -21.42 27.76
CA MET C 166 63.53 -21.90 26.44
C MET C 166 62.83 -20.77 25.67
N LYS C 167 62.03 -19.98 26.36
CA LYS C 167 61.39 -18.81 25.75
C LYS C 167 62.46 -17.93 25.11
N LYS C 168 63.35 -17.38 25.94
CA LYS C 168 64.47 -16.57 25.43
C LYS C 168 65.08 -17.21 24.21
N ALA C 169 65.28 -18.53 24.29
CA ALA C 169 65.79 -19.32 23.18
C ALA C 169 65.05 -18.98 21.89
N MET C 170 63.74 -18.87 21.96
CA MET C 170 62.94 -18.56 20.78
C MET C 170 63.12 -17.13 20.29
N VAL C 171 63.13 -16.17 21.21
CA VAL C 171 63.18 -14.73 20.86
C VAL C 171 64.07 -14.43 19.64
N GLU C 172 65.17 -15.15 19.49
CA GLU C 172 66.05 -14.97 18.33
C GLU C 172 65.43 -15.41 17.01
N TYR C 173 64.59 -16.45 17.05
CA TYR C 173 63.82 -16.88 15.86
C TYR C 173 62.72 -15.89 15.43
N GLU C 174 62.40 -14.93 16.29
CA GLU C 174 61.34 -13.95 16.05
C GLU C 174 59.95 -14.59 16.03
N ILE C 175 59.77 -15.66 16.79
CA ILE C 175 58.43 -16.21 17.04
C ILE C 175 57.76 -15.30 18.03
N ASP C 176 56.44 -15.20 17.95
CA ASP C 176 55.69 -14.32 18.86
C ASP C 176 55.84 -14.84 20.29
N LEU C 177 56.40 -13.97 21.14
CA LEU C 177 56.70 -14.33 22.53
C LEU C 177 55.46 -14.17 23.40
N GLN C 178 54.66 -13.15 23.08
CA GLN C 178 53.52 -12.72 23.92
C GLN C 178 52.57 -13.85 24.35
N LYS C 179 51.83 -14.41 23.40
CA LYS C 179 50.74 -15.34 23.72
C LYS C 179 50.94 -16.78 23.19
N MET C 180 52.15 -17.13 22.76
CA MET C 180 52.47 -18.52 22.38
C MET C 180 52.65 -19.51 23.56
N PRO C 181 52.92 -19.01 24.79
CA PRO C 181 52.98 -19.96 25.91
C PRO C 181 51.59 -20.44 26.35
N LEU C 182 50.64 -19.51 26.51
CA LEU C 182 49.26 -19.85 26.89
C LEU C 182 48.46 -20.37 25.70
N GLY C 183 48.80 -19.93 24.48
CA GLY C 183 48.12 -20.37 23.26
C GLY C 183 48.84 -21.50 22.55
N LYS C 184 48.37 -22.73 22.76
CA LYS C 184 48.98 -23.90 22.14
C LYS C 184 48.58 -24.01 20.67
N LEU C 185 49.55 -23.76 19.79
CA LEU C 185 49.33 -23.87 18.34
C LEU C 185 49.17 -25.34 17.95
N SER C 186 48.16 -25.65 17.15
CA SER C 186 47.76 -27.03 16.89
C SER C 186 48.81 -27.89 16.17
N LYS C 187 48.61 -29.20 16.22
CA LYS C 187 49.54 -30.18 15.64
C LYS C 187 49.35 -30.23 14.12
N ARG C 188 48.09 -30.30 13.71
CA ARG C 188 47.74 -30.29 12.28
C ARG C 188 48.22 -28.98 11.64
N GLN C 189 48.17 -27.89 12.41
CA GLN C 189 48.66 -26.59 11.98
C GLN C 189 50.16 -26.63 11.70
N ILE C 190 50.92 -26.99 12.74
CA ILE C 190 52.39 -26.98 12.64
C ILE C 190 52.86 -27.88 11.50
N GLN C 191 52.19 -29.03 11.32
CA GLN C 191 52.47 -29.91 10.18
C GLN C 191 52.34 -29.17 8.85
N ALA C 192 51.34 -28.28 8.75
CA ALA C 192 51.16 -27.46 7.56
C ALA C 192 52.28 -26.44 7.47
N ALA C 193 52.58 -25.81 8.59
CA ALA C 193 53.72 -24.89 8.68
C ALA C 193 55.00 -25.55 8.16
N TYR C 194 55.19 -26.83 8.51
CA TYR C 194 56.28 -27.64 7.98
C TYR C 194 56.16 -27.77 6.48
N SER C 195 55.01 -28.26 6.04
CA SER C 195 54.80 -28.49 4.60
C SER C 195 55.16 -27.25 3.79
N ILE C 196 54.61 -26.11 4.19
CA ILE C 196 54.88 -24.87 3.49
C ILE C 196 56.38 -24.65 3.39
N LEU C 197 57.12 -24.98 4.45
CA LEU C 197 58.58 -24.89 4.38
C LEU C 197 59.08 -25.82 3.29
N SER C 198 58.70 -27.09 3.38
CA SER C 198 59.19 -28.09 2.44
C SER C 198 58.82 -27.71 1.02
N GLU C 199 57.68 -27.02 0.87
CA GLU C 199 57.29 -26.47 -0.43
C GLU C 199 58.29 -25.43 -0.91
N VAL C 200 58.74 -24.59 0.03
CA VAL C 200 59.61 -23.47 -0.31
C VAL C 200 60.99 -23.94 -0.76
N GLN C 201 61.53 -24.98 -0.12
CA GLN C 201 62.80 -25.58 -0.57
C GLN C 201 62.66 -26.10 -2.00
N GLN C 202 61.61 -26.89 -2.23
CA GLN C 202 61.30 -27.41 -3.56
C GLN C 202 61.23 -26.28 -4.58
N ALA C 203 60.53 -25.20 -4.22
CA ALA C 203 60.44 -24.02 -5.06
C ALA C 203 61.79 -23.36 -5.27
N VAL C 204 62.61 -23.31 -4.22
CA VAL C 204 63.93 -22.70 -4.28
C VAL C 204 64.89 -23.49 -5.15
N SER C 205 64.83 -24.82 -5.04
CA SER C 205 65.74 -25.72 -5.76
C SER C 205 65.62 -25.59 -7.28
N GLN C 206 64.38 -25.56 -7.77
CA GLN C 206 64.14 -25.42 -9.22
C GLN C 206 63.69 -24.00 -9.60
N GLY C 207 64.35 -23.02 -8.99
CA GLY C 207 64.19 -21.60 -9.31
C GLY C 207 62.80 -21.17 -9.74
N SER C 208 61.80 -21.50 -8.92
CA SER C 208 60.40 -21.23 -9.26
C SER C 208 60.07 -19.74 -9.17
N SER C 209 58.84 -19.38 -9.56
CA SER C 209 58.40 -17.97 -9.62
C SER C 209 58.56 -17.22 -8.30
N ASP C 210 58.78 -15.92 -8.39
CA ASP C 210 58.78 -15.09 -7.19
C ASP C 210 57.42 -15.18 -6.55
N SER C 211 56.36 -15.17 -7.37
CA SER C 211 54.99 -15.36 -6.90
C SER C 211 54.86 -16.64 -6.04
N GLN C 212 55.03 -17.79 -6.68
CA GLN C 212 55.06 -19.09 -5.99
C GLN C 212 55.76 -18.98 -4.62
N ILE C 213 56.96 -18.40 -4.62
CA ILE C 213 57.72 -18.19 -3.38
C ILE C 213 57.00 -17.23 -2.45
N LEU C 214 56.63 -16.07 -2.98
CA LEU C 214 55.90 -15.07 -2.22
C LEU C 214 54.73 -15.72 -1.47
N ASP C 215 53.92 -16.47 -2.22
CA ASP C 215 52.73 -17.11 -1.67
C ASP C 215 53.07 -17.96 -0.44
N LEU C 216 54.17 -18.70 -0.53
CA LEU C 216 54.57 -19.54 0.58
C LEU C 216 55.00 -18.67 1.77
N SER C 217 55.86 -17.70 1.52
CA SER C 217 56.31 -16.82 2.59
C SER C 217 55.11 -16.22 3.31
N ASN C 218 54.14 -15.72 2.55
CA ASN C 218 52.88 -15.25 3.12
C ASN C 218 52.18 -16.36 3.90
N ARG C 219 52.05 -17.53 3.28
CA ARG C 219 51.35 -18.65 3.91
C ARG C 219 51.99 -19.03 5.26
N PHE C 220 53.32 -19.07 5.30
CA PHE C 220 54.02 -19.50 6.50
C PHE C 220 53.84 -18.52 7.65
N TYR C 221 54.14 -17.24 7.42
CA TYR C 221 54.08 -16.24 8.48
C TYR C 221 52.67 -16.02 8.97
N THR C 222 51.68 -16.26 8.11
CA THR C 222 50.26 -16.15 8.50
C THR C 222 49.93 -17.25 9.49
N LEU C 223 50.45 -18.44 9.20
CA LEU C 223 50.17 -19.67 9.93
C LEU C 223 50.98 -19.74 11.24
N ILE C 224 52.17 -19.14 11.26
CA ILE C 224 53.00 -19.09 12.47
C ILE C 224 53.42 -17.65 12.81
N PRO C 225 52.67 -16.99 13.71
CA PRO C 225 52.86 -15.56 13.90
C PRO C 225 54.27 -15.22 14.35
N HIS C 226 54.94 -14.36 13.59
CA HIS C 226 56.26 -13.86 13.94
C HIS C 226 56.18 -12.45 14.39
N ASP C 227 57.27 -11.98 14.99
CA ASP C 227 57.36 -10.60 15.46
C ASP C 227 58.55 -9.90 14.82
N PHE C 228 58.29 -9.17 13.74
CA PHE C 228 59.32 -8.33 13.13
C PHE C 228 59.13 -6.85 13.47
N GLY C 229 58.49 -6.57 14.61
CA GLY C 229 58.20 -5.20 14.99
C GLY C 229 57.58 -4.42 13.85
N MET C 230 58.24 -3.33 13.46
CA MET C 230 57.72 -2.42 12.44
C MET C 230 58.40 -2.61 11.08
N LYS C 231 58.97 -3.79 10.80
CA LYS C 231 59.61 -4.01 9.49
C LYS C 231 59.11 -5.26 8.79
N LYS C 232 59.19 -5.27 7.46
CA LYS C 232 58.49 -6.26 6.63
C LYS C 232 58.97 -7.67 6.89
N PRO C 233 58.04 -8.64 6.98
CA PRO C 233 58.44 -10.05 6.98
C PRO C 233 59.34 -10.33 5.79
N PRO C 234 60.48 -11.00 6.01
CA PRO C 234 61.42 -11.29 4.93
C PRO C 234 61.06 -12.57 4.17
N LEU C 235 61.30 -12.56 2.87
CA LEU C 235 60.92 -13.67 2.00
C LEU C 235 61.77 -14.90 2.28
N LEU C 236 61.17 -16.08 2.22
CA LEU C 236 61.90 -17.32 2.36
C LEU C 236 62.42 -17.74 0.98
N ASN C 237 63.51 -17.10 0.56
CA ASN C 237 64.12 -17.36 -0.76
C ASN C 237 65.40 -18.21 -0.73
N ASN C 238 66.04 -18.30 0.43
CA ASN C 238 67.30 -19.05 0.58
C ASN C 238 67.07 -20.54 0.83
N ALA C 239 68.16 -21.29 0.74
CA ALA C 239 68.15 -22.70 1.10
C ALA C 239 68.14 -22.82 2.62
N ASP C 240 68.89 -21.95 3.28
CA ASP C 240 69.09 -22.05 4.72
C ASP C 240 68.08 -21.27 5.53
N SER C 241 67.40 -20.31 4.90
CA SER C 241 66.35 -19.57 5.58
C SER C 241 65.24 -20.53 5.98
N VAL C 242 64.94 -21.45 5.05
CA VAL C 242 64.00 -22.53 5.33
C VAL C 242 64.53 -23.40 6.46
N GLN C 243 65.75 -23.87 6.33
CA GLN C 243 66.39 -24.65 7.37
C GLN C 243 66.23 -23.98 8.74
N ALA C 244 66.49 -22.67 8.77
CA ALA C 244 66.34 -21.83 9.97
C ALA C 244 64.94 -21.94 10.55
N LYS C 245 63.94 -21.77 9.69
CA LYS C 245 62.55 -21.84 10.11
C LYS C 245 62.13 -23.27 10.45
N ALA C 246 62.79 -24.25 9.82
CA ALA C 246 62.57 -25.64 10.15
C ALA C 246 63.07 -25.89 11.57
N GLU C 247 64.30 -25.46 11.83
CA GLU C 247 64.90 -25.57 13.16
C GLU C 247 63.96 -24.95 14.19
N MET C 248 63.44 -23.77 13.89
CA MET C 248 62.54 -23.06 14.78
C MET C 248 61.38 -23.94 15.19
N LEU C 249 60.71 -24.53 14.20
CA LEU C 249 59.57 -25.40 14.46
C LEU C 249 60.00 -26.56 15.35
N ASP C 250 61.08 -27.23 14.99
CA ASP C 250 61.60 -28.34 15.80
C ASP C 250 61.67 -27.93 17.27
N ASN C 251 62.37 -26.81 17.52
CA ASN C 251 62.61 -26.27 18.86
C ASN C 251 61.32 -25.86 19.56
N LEU C 252 60.48 -25.13 18.83
CA LEU C 252 59.18 -24.72 19.33
C LEU C 252 58.32 -25.91 19.73
N LEU C 253 58.38 -26.96 18.92
CA LEU C 253 57.64 -28.18 19.22
C LEU C 253 58.05 -28.75 20.58
N ASP C 254 59.35 -28.80 20.85
CA ASP C 254 59.87 -29.40 22.09
C ASP C 254 59.61 -28.58 23.33
N ILE C 255 59.39 -27.27 23.17
CA ILE C 255 59.04 -26.43 24.32
C ILE C 255 57.62 -26.75 24.77
N GLU C 256 56.70 -26.87 23.82
CA GLU C 256 55.31 -27.22 24.12
C GLU C 256 55.25 -28.66 24.61
N VAL C 257 56.23 -29.48 24.21
CA VAL C 257 56.38 -30.84 24.73
C VAL C 257 56.88 -30.81 26.17
N ALA C 258 57.76 -29.86 26.48
CA ALA C 258 58.25 -29.68 27.85
C ALA C 258 57.16 -29.16 28.78
N TYR C 259 56.31 -28.28 28.27
CA TYR C 259 55.12 -27.84 29.00
C TYR C 259 54.19 -29.03 29.25
N SER C 260 53.88 -29.78 28.20
CA SER C 260 52.99 -30.96 28.30
C SER C 260 53.40 -31.89 29.42
N LEU C 261 54.70 -32.11 29.57
CA LEU C 261 55.23 -32.86 30.71
C LEU C 261 54.93 -32.09 32.00
N LEU C 262 55.44 -30.86 32.09
CA LEU C 262 55.39 -30.06 33.31
C LEU C 262 53.97 -29.88 33.86
N ARG C 263 53.03 -29.60 32.97
CA ARG C 263 51.63 -29.46 33.34
C ARG C 263 50.96 -30.83 33.35
N GLY C 264 50.71 -31.36 34.54
CA GLY C 264 50.01 -32.64 34.67
C GLY C 264 50.49 -33.49 35.83
N GLY C 265 50.05 -34.74 35.84
CA GLY C 265 50.37 -35.69 36.90
C GLY C 265 49.23 -35.80 37.91
N SER C 266 49.59 -36.02 39.18
CA SER C 266 48.62 -36.09 40.27
C SER C 266 49.13 -35.25 41.45
N ASP C 267 48.62 -34.03 41.57
CA ASP C 267 49.06 -33.08 42.59
C ASP C 267 48.54 -33.44 43.98
N ASP C 268 49.19 -34.42 44.61
CA ASP C 268 48.86 -34.86 45.96
C ASP C 268 50.03 -34.55 46.89
N SER C 269 49.72 -34.05 48.09
CA SER C 269 50.75 -33.63 49.05
C SER C 269 51.55 -34.83 49.61
N SER C 270 52.51 -35.29 48.82
CA SER C 270 53.35 -36.43 49.19
C SER C 270 54.79 -36.26 48.70
N LYS C 271 54.97 -36.29 47.38
CA LYS C 271 56.28 -36.15 46.76
C LYS C 271 56.72 -34.69 46.70
N ASP C 272 57.96 -34.45 46.28
CA ASP C 272 58.51 -33.10 46.15
C ASP C 272 58.40 -32.60 44.70
N PRO C 273 58.48 -31.27 44.50
CA PRO C 273 58.30 -30.69 43.16
C PRO C 273 59.31 -31.19 42.13
N ILE C 274 60.59 -31.22 42.51
CA ILE C 274 61.65 -31.69 41.62
C ILE C 274 61.45 -33.17 41.29
N ASP C 275 61.01 -33.94 42.28
CA ASP C 275 60.71 -35.36 42.07
C ASP C 275 59.52 -35.56 41.13
N VAL C 276 58.52 -34.70 41.22
CA VAL C 276 57.36 -34.78 40.32
C VAL C 276 57.82 -34.67 38.87
N ASN C 277 58.70 -33.70 38.58
CA ASN C 277 59.23 -33.50 37.23
C ASN C 277 60.22 -34.58 36.81
N TYR C 278 60.95 -35.15 37.78
CA TYR C 278 61.87 -36.25 37.50
C TYR C 278 61.12 -37.47 36.99
N GLU C 279 60.07 -37.84 37.72
CA GLU C 279 59.25 -38.99 37.38
C GLU C 279 58.59 -38.83 36.01
N LYS C 280 58.33 -37.58 35.62
CA LYS C 280 57.75 -37.27 34.30
C LYS C 280 58.73 -37.53 33.15
N LEU C 281 60.02 -37.43 33.43
CA LEU C 281 61.05 -37.73 32.41
C LEU C 281 61.08 -39.20 32.02
N LYS C 282 60.52 -40.06 32.87
CA LYS C 282 60.38 -41.49 32.57
C LYS C 282 61.73 -42.11 32.22
N THR C 283 62.74 -41.81 33.03
CA THR C 283 64.10 -42.33 32.84
C THR C 283 64.83 -42.50 34.18
N ASP C 284 65.73 -43.47 34.24
CA ASP C 284 66.57 -43.70 35.42
C ASP C 284 67.93 -43.03 35.19
N ILE C 285 68.15 -41.90 35.85
CA ILE C 285 69.41 -41.16 35.76
C ILE C 285 70.25 -41.40 37.00
N LYS C 286 71.55 -41.63 36.80
CA LYS C 286 72.48 -41.81 37.91
C LYS C 286 73.72 -40.96 37.66
N VAL C 287 74.44 -40.66 38.73
CA VAL C 287 75.66 -39.86 38.66
C VAL C 287 76.88 -40.78 38.68
N VAL C 288 77.57 -40.88 37.54
CA VAL C 288 78.86 -41.57 37.49
C VAL C 288 79.86 -40.74 38.27
N ASP C 289 80.53 -41.37 39.25
CA ASP C 289 81.48 -40.65 40.10
C ASP C 289 82.77 -40.37 39.34
N ARG C 290 83.42 -39.26 39.66
CA ARG C 290 84.65 -38.86 38.97
C ARG C 290 85.78 -39.85 39.24
N ASP C 291 85.75 -40.49 40.41
CA ASP C 291 86.70 -41.55 40.77
C ASP C 291 86.54 -42.80 39.91
N SER C 292 85.35 -42.99 39.33
CA SER C 292 85.04 -44.14 38.50
C SER C 292 86.04 -44.33 37.35
N GLU C 293 86.36 -45.59 37.05
CA GLU C 293 87.31 -45.92 35.99
C GLU C 293 86.66 -45.73 34.62
N GLU C 294 85.35 -45.97 34.52
CA GLU C 294 84.60 -45.70 33.28
C GLU C 294 84.48 -44.21 33.00
N ALA C 295 84.41 -43.41 34.06
CA ALA C 295 84.31 -41.97 33.93
C ALA C 295 85.59 -41.39 33.32
N GLU C 296 86.73 -41.99 33.66
CA GLU C 296 88.00 -41.61 33.05
C GLU C 296 87.96 -41.77 31.53
N ILE C 297 87.27 -42.80 31.04
CA ILE C 297 87.18 -43.08 29.60
C ILE C 297 86.45 -41.95 28.87
N ILE C 298 85.28 -41.57 29.39
CA ILE C 298 84.48 -40.49 28.81
C ILE C 298 85.27 -39.20 28.72
N ARG C 299 85.87 -38.81 29.85
CA ARG C 299 86.71 -37.60 29.89
C ARG C 299 87.83 -37.71 28.87
N LYS C 300 88.34 -38.92 28.68
CA LYS C 300 89.33 -39.20 27.63
C LYS C 300 88.67 -38.97 26.27
N TYR C 301 87.52 -39.61 26.06
CA TYR C 301 86.75 -39.45 24.81
C TYR C 301 86.53 -37.97 24.50
N VAL C 302 86.22 -37.18 25.53
CA VAL C 302 86.03 -35.73 25.42
C VAL C 302 87.33 -35.01 25.04
N LYS C 303 88.33 -35.13 25.89
CA LYS C 303 89.62 -34.47 25.67
C LYS C 303 90.26 -34.88 24.33
N ASN C 304 90.15 -36.16 23.99
CA ASN C 304 90.82 -36.71 22.79
C ASN C 304 90.16 -36.26 21.50
N THR C 305 88.84 -36.38 21.43
CA THR C 305 88.11 -36.19 20.18
C THR C 305 87.50 -34.78 20.07
N HIS C 306 88.35 -33.77 20.26
CA HIS C 306 88.00 -32.37 19.99
C HIS C 306 88.60 -32.02 18.66
N ALA C 307 87.90 -31.20 17.88
CA ALA C 307 88.28 -30.96 16.49
C ALA C 307 89.42 -29.95 16.40
N THR C 308 90.35 -30.20 15.48
CA THR C 308 91.43 -29.27 15.19
C THR C 308 90.90 -27.97 14.59
N THR C 309 89.80 -28.06 13.84
CA THR C 309 89.18 -26.91 13.18
C THR C 309 88.15 -26.18 14.07
N HIS C 310 87.62 -26.86 15.08
CA HIS C 310 86.65 -26.26 16.01
C HIS C 310 87.34 -25.67 17.22
N ASN C 311 88.30 -24.79 16.98
CA ASN C 311 89.13 -24.21 18.05
C ASN C 311 88.54 -22.94 18.69
N ALA C 312 87.30 -22.61 18.33
CA ALA C 312 86.60 -21.46 18.91
C ALA C 312 86.35 -21.61 20.41
N TYR C 313 86.19 -22.86 20.87
CA TYR C 313 85.95 -23.12 22.28
C TYR C 313 86.79 -24.28 22.83
N ASP C 314 86.62 -24.52 24.13
CA ASP C 314 87.40 -25.49 24.89
C ASP C 314 86.46 -26.15 25.89
N LEU C 315 86.38 -27.48 25.86
CA LEU C 315 85.42 -28.21 26.68
C LEU C 315 85.92 -28.38 28.10
N GLU C 316 85.02 -28.80 28.98
CA GLU C 316 85.34 -29.01 30.40
C GLU C 316 84.19 -29.78 31.03
N VAL C 317 84.34 -31.09 31.17
CA VAL C 317 83.25 -31.95 31.63
C VAL C 317 82.91 -31.68 33.09
N ILE C 318 81.82 -30.96 33.33
CA ILE C 318 81.33 -30.67 34.68
C ILE C 318 80.79 -31.94 35.33
N ASP C 319 80.06 -32.73 34.56
CA ASP C 319 79.39 -33.93 35.07
C ASP C 319 79.40 -35.07 34.06
N ILE C 320 79.12 -36.27 34.56
CA ILE C 320 78.80 -37.45 33.75
C ILE C 320 77.55 -38.08 34.34
N PHE C 321 76.53 -38.29 33.53
CA PHE C 321 75.33 -39.00 33.99
C PHE C 321 75.14 -40.29 33.19
N LYS C 322 74.89 -41.40 33.89
CA LYS C 322 74.46 -42.63 33.24
C LYS C 322 72.94 -42.61 33.12
N ILE C 323 72.45 -42.72 31.87
CA ILE C 323 71.03 -42.50 31.56
C ILE C 323 70.37 -43.78 31.03
N GLU C 324 69.23 -44.11 31.60
CA GLU C 324 68.51 -45.33 31.28
C GLU C 324 67.03 -45.05 31.06
N ARG C 325 66.64 -44.96 29.79
CA ARG C 325 65.26 -44.64 29.41
C ARG C 325 64.30 -45.78 29.72
N GLU C 326 63.04 -45.44 29.94
CA GLU C 326 61.99 -46.42 30.18
C GLU C 326 61.77 -47.28 28.94
N GLY C 327 62.16 -48.55 29.03
CA GLY C 327 61.92 -49.53 27.97
C GLY C 327 62.74 -49.36 26.70
N GLU C 328 63.80 -48.56 26.76
CA GLU C 328 64.71 -48.38 25.62
C GLU C 328 65.58 -49.62 25.43
N CYS C 329 65.69 -50.45 26.46
CA CYS C 329 66.40 -51.72 26.38
C CYS C 329 65.50 -52.85 25.91
N GLN C 330 64.20 -52.71 26.12
CA GLN C 330 63.21 -53.67 25.60
C GLN C 330 63.16 -53.58 24.06
N ARG C 331 63.35 -52.37 23.52
CA ARG C 331 63.31 -52.15 22.07
C ARG C 331 64.67 -52.28 21.38
N TYR C 332 65.74 -52.26 22.16
CA TYR C 332 67.09 -52.33 21.60
C TYR C 332 67.63 -53.77 21.58
N LYS C 333 67.04 -54.66 22.40
CA LYS C 333 67.37 -56.09 22.41
C LYS C 333 67.56 -56.68 20.99
N PRO C 334 66.64 -56.37 20.05
CA PRO C 334 66.82 -56.80 18.66
C PRO C 334 68.24 -56.56 18.09
N PHE C 335 68.81 -55.40 18.38
CA PHE C 335 70.05 -54.96 17.75
C PHE C 335 71.31 -55.26 18.56
N LYS C 336 71.16 -55.81 19.77
CA LYS C 336 72.31 -56.37 20.50
C LYS C 336 72.85 -57.61 19.78
N GLN C 337 72.02 -58.20 18.93
CA GLN C 337 72.46 -59.26 18.01
C GLN C 337 73.35 -58.63 16.92
N LEU C 338 72.99 -57.42 16.51
CA LEU C 338 73.67 -56.73 15.41
C LEU C 338 75.13 -56.43 15.73
N HIS C 339 75.99 -56.61 14.74
CA HIS C 339 77.42 -56.36 14.88
C HIS C 339 77.71 -54.91 14.67
N ASN C 340 78.96 -54.52 14.86
CA ASN C 340 79.43 -53.14 14.67
C ASN C 340 78.58 -52.13 15.45
N ARG C 341 78.69 -52.19 16.78
CA ARG C 341 78.01 -51.25 17.65
C ARG C 341 79.02 -50.23 18.16
N ARG C 342 78.64 -48.95 18.16
CA ARG C 342 79.57 -47.86 18.44
C ARG C 342 78.98 -46.89 19.44
N LEU C 343 79.79 -46.51 20.42
CA LEU C 343 79.43 -45.46 21.39
C LEU C 343 79.77 -44.10 20.77
N LEU C 344 78.74 -43.31 20.44
CA LEU C 344 78.90 -42.11 19.63
C LEU C 344 78.24 -40.87 20.23
N TRP C 345 78.82 -39.70 19.93
CA TRP C 345 78.32 -38.43 20.44
C TRP C 345 77.13 -37.97 19.68
N HIS C 346 76.23 -37.28 20.38
CA HIS C 346 75.11 -36.56 19.75
C HIS C 346 74.74 -35.39 20.59
N GLY C 347 74.86 -34.19 20.03
CA GLY C 347 74.52 -32.97 20.76
C GLY C 347 73.21 -32.38 20.30
N SER C 348 72.55 -31.65 21.20
CA SER C 348 71.32 -30.97 20.85
C SER C 348 71.05 -29.88 21.87
N ARG C 349 70.19 -28.93 21.51
CA ARG C 349 69.89 -27.81 22.40
C ARG C 349 69.41 -28.28 23.75
N THR C 350 69.81 -27.57 24.79
CA THR C 350 69.33 -27.81 26.15
C THR C 350 67.79 -27.86 26.23
N THR C 351 67.11 -27.12 25.35
CA THR C 351 65.64 -27.12 25.34
C THR C 351 65.06 -28.47 24.88
N ASN C 352 65.77 -29.14 23.98
CA ASN C 352 65.34 -30.44 23.44
C ASN C 352 65.44 -31.58 24.45
N PHE C 353 66.37 -31.48 25.40
CA PHE C 353 66.63 -32.58 26.34
C PHE C 353 65.47 -32.90 27.28
N ALA C 354 64.55 -31.96 27.46
CA ALA C 354 63.34 -32.25 28.22
C ALA C 354 62.51 -33.33 27.51
N GLY C 355 62.49 -33.29 26.17
CA GLY C 355 61.75 -34.26 25.37
C GLY C 355 62.57 -35.45 24.89
N ILE C 356 63.87 -35.25 24.71
CA ILE C 356 64.75 -36.32 24.27
C ILE C 356 64.78 -37.43 25.32
N LEU C 357 64.70 -37.03 26.59
CA LEU C 357 64.59 -38.00 27.68
C LEU C 357 63.26 -38.76 27.67
N SER C 358 62.14 -38.03 27.52
CA SER C 358 60.81 -38.64 27.64
C SER C 358 60.38 -39.46 26.42
N GLN C 359 60.93 -39.16 25.24
CA GLN C 359 60.56 -39.86 24.01
C GLN C 359 61.73 -40.53 23.30
N GLY C 360 62.94 -40.38 23.83
CA GLY C 360 64.13 -40.90 23.14
C GLY C 360 64.48 -40.02 21.96
N LEU C 361 65.50 -40.42 21.22
CA LEU C 361 65.88 -39.69 20.01
C LEU C 361 64.90 -40.04 18.90
N ARG C 362 64.40 -39.00 18.23
CA ARG C 362 63.38 -39.13 17.21
C ARG C 362 63.91 -38.67 15.84
N ILE C 363 63.28 -39.14 14.77
CA ILE C 363 63.62 -38.73 13.42
C ILE C 363 62.70 -37.59 13.01
N ALA C 364 63.17 -36.71 12.14
CA ALA C 364 62.35 -35.61 11.66
C ALA C 364 61.01 -36.11 11.16
N PRO C 365 59.94 -35.32 11.33
CA PRO C 365 58.67 -35.75 10.75
C PRO C 365 58.73 -35.83 9.22
N PRO C 366 57.81 -36.57 8.60
CA PRO C 366 57.80 -36.72 7.14
C PRO C 366 57.44 -35.42 6.40
N GLU C 367 56.60 -34.59 7.02
CA GLU C 367 56.22 -33.31 6.44
C GLU C 367 57.41 -32.36 6.33
N ALA C 368 58.27 -32.40 7.35
CA ALA C 368 59.41 -31.49 7.46
C ALA C 368 60.36 -31.51 6.26
N PRO C 369 61.07 -30.39 6.01
CA PRO C 369 61.97 -30.31 4.87
C PRO C 369 63.21 -31.14 5.11
N VAL C 370 63.87 -31.55 4.04
CA VAL C 370 65.11 -32.34 4.14
C VAL C 370 66.35 -31.44 4.10
N THR C 371 66.14 -30.13 3.92
CA THR C 371 67.23 -29.17 3.92
C THR C 371 67.95 -29.22 5.26
N GLY C 372 69.27 -29.15 5.21
CA GLY C 372 70.09 -29.13 6.43
C GLY C 372 70.68 -30.48 6.74
N TYR C 373 69.89 -31.52 6.49
CA TYR C 373 70.37 -32.89 6.62
C TYR C 373 71.24 -33.24 5.41
N MET C 374 72.29 -34.02 5.66
CA MET C 374 73.23 -34.40 4.60
C MET C 374 72.70 -35.59 3.83
N PHE C 375 72.23 -36.59 4.59
CA PHE C 375 71.78 -37.86 4.04
C PHE C 375 70.37 -38.18 4.48
N GLY C 376 69.54 -37.14 4.58
CA GLY C 376 68.12 -37.32 4.86
C GLY C 376 67.78 -37.54 6.32
N LYS C 377 66.49 -37.55 6.60
CA LYS C 377 65.97 -37.56 7.97
C LYS C 377 66.25 -38.88 8.66
N GLY C 378 66.80 -38.79 9.87
CA GLY C 378 67.25 -39.94 10.64
C GLY C 378 68.14 -39.43 11.75
N ILE C 379 68.44 -40.24 12.75
CA ILE C 379 69.25 -39.76 13.86
C ILE C 379 70.69 -39.62 13.38
N TYR C 380 71.31 -38.47 13.64
CA TYR C 380 72.71 -38.26 13.28
C TYR C 380 73.64 -38.34 14.49
N PHE C 381 74.82 -38.92 14.29
CA PHE C 381 75.80 -39.12 15.35
C PHE C 381 77.19 -38.80 14.84
N ALA C 382 78.06 -38.37 15.77
CA ALA C 382 79.45 -38.07 15.46
C ALA C 382 80.38 -38.81 16.41
N ASP C 383 81.56 -39.14 15.89
CA ASP C 383 82.62 -39.77 16.68
C ASP C 383 83.45 -38.75 17.47
N MET C 384 83.29 -37.46 17.15
CA MET C 384 84.04 -36.39 17.82
C MET C 384 83.12 -35.57 18.71
N VAL C 385 83.51 -35.38 19.97
CA VAL C 385 82.68 -34.65 20.93
C VAL C 385 82.49 -33.19 20.53
N SER C 386 83.48 -32.60 19.86
CA SER C 386 83.38 -31.23 19.39
C SER C 386 82.25 -31.04 18.38
N LYS C 387 82.31 -31.80 17.28
CA LYS C 387 81.31 -31.69 16.21
C LYS C 387 79.89 -31.76 16.76
N SER C 388 79.62 -32.76 17.59
CA SER C 388 78.32 -32.89 18.23
C SER C 388 78.08 -31.78 19.23
N ALA C 389 79.13 -31.32 19.90
CA ALA C 389 79.01 -30.24 20.90
C ALA C 389 78.44 -28.94 20.34
N ASN C 390 78.66 -28.69 19.05
CA ASN C 390 78.14 -27.49 18.38
C ASN C 390 76.60 -27.43 18.28
N TYR C 391 75.93 -28.55 18.54
CA TYR C 391 74.48 -28.60 18.49
C TYR C 391 73.88 -28.28 19.85
N CYS C 392 74.71 -28.11 20.86
CA CYS C 392 74.26 -27.62 22.16
C CYS C 392 73.90 -26.13 22.11
N HIS C 393 74.48 -25.41 21.15
CA HIS C 393 74.24 -23.97 20.96
C HIS C 393 74.47 -23.20 22.22
N THR C 394 75.73 -23.13 22.64
CA THR C 394 76.11 -22.30 23.79
C THR C 394 76.82 -21.06 23.34
N SER C 395 76.93 -20.11 24.27
CA SER C 395 77.57 -18.82 24.05
C SER C 395 78.35 -18.39 25.29
N GLN C 396 78.94 -17.20 25.23
CA GLN C 396 79.75 -16.68 26.33
C GLN C 396 78.92 -16.24 27.53
N GLY C 397 77.61 -16.07 27.32
CA GLY C 397 76.67 -15.75 28.40
C GLY C 397 75.88 -16.96 28.91
N ASP C 398 75.69 -17.96 28.05
CA ASP C 398 75.11 -19.25 28.44
C ASP C 398 76.18 -20.33 28.22
N PRO C 399 76.99 -20.60 29.26
CA PRO C 399 78.17 -21.44 29.10
C PRO C 399 77.92 -22.96 29.15
N ILE C 400 77.02 -23.40 30.04
CA ILE C 400 76.74 -24.84 30.18
C ILE C 400 75.97 -25.38 28.97
N GLY C 401 76.18 -26.66 28.68
CA GLY C 401 75.49 -27.35 27.57
C GLY C 401 75.44 -28.86 27.79
N LEU C 402 74.47 -29.51 27.17
CA LEU C 402 74.32 -30.96 27.33
C LEU C 402 74.64 -31.70 26.04
N ILE C 403 75.34 -32.81 26.16
CA ILE C 403 75.71 -33.66 25.01
C ILE C 403 75.53 -35.14 25.37
N LEU C 404 75.10 -35.94 24.40
CA LEU C 404 74.73 -37.36 24.64
C LEU C 404 75.78 -38.34 24.14
N LEU C 405 75.73 -39.56 24.67
CA LEU C 405 76.53 -40.67 24.18
C LEU C 405 75.67 -41.92 24.10
N GLY C 406 75.45 -42.40 22.88
CA GLY C 406 74.52 -43.51 22.67
C GLY C 406 75.16 -44.72 22.02
N GLU C 407 74.87 -45.89 22.57
CA GLU C 407 75.16 -47.15 21.90
C GLU C 407 74.21 -47.21 20.70
N VAL C 408 74.76 -46.94 19.52
CA VAL C 408 73.98 -46.84 18.29
C VAL C 408 74.39 -47.97 17.35
N ALA C 409 73.55 -48.99 17.22
CA ALA C 409 73.89 -50.21 16.45
C ALA C 409 73.97 -49.95 14.95
N LEU C 410 75.18 -49.62 14.48
CA LEU C 410 75.40 -49.25 13.07
C LEU C 410 75.23 -50.44 12.14
N GLY C 411 75.82 -51.56 12.52
CA GLY C 411 75.71 -52.78 11.73
C GLY C 411 76.47 -52.68 10.42
N ASN C 412 75.83 -53.17 9.36
CA ASN C 412 76.42 -53.17 8.03
C ASN C 412 76.25 -51.79 7.41
N MET C 413 77.33 -51.02 7.39
CA MET C 413 77.26 -49.58 7.12
C MET C 413 77.24 -49.26 5.64
N TYR C 414 76.41 -48.30 5.24
CA TYR C 414 76.44 -47.76 3.88
C TYR C 414 77.34 -46.51 3.87
N GLU C 415 78.47 -46.60 3.17
CA GLU C 415 79.48 -45.56 3.21
C GLU C 415 79.28 -44.56 2.07
N LEU C 416 79.32 -43.27 2.42
CA LEU C 416 79.12 -42.20 1.45
C LEU C 416 80.14 -41.08 1.63
N LYS C 417 80.60 -40.56 0.50
CA LYS C 417 81.61 -39.49 0.45
C LYS C 417 80.94 -38.12 0.29
N HIS C 418 80.05 -38.01 -0.69
CA HIS C 418 79.34 -36.76 -0.96
C HIS C 418 77.93 -36.79 -0.43
N ALA C 419 77.37 -35.61 -0.21
CA ALA C 419 76.01 -35.47 0.32
C ALA C 419 74.98 -36.04 -0.65
N SER C 420 74.06 -36.85 -0.12
CA SER C 420 73.11 -37.60 -0.95
C SER C 420 71.83 -37.95 -0.20
N HIS C 421 70.76 -37.21 -0.47
CA HIS C 421 69.49 -37.40 0.22
C HIS C 421 68.92 -38.75 -0.14
N ILE C 422 68.97 -39.68 0.80
CA ILE C 422 68.52 -41.05 0.58
C ILE C 422 67.11 -41.27 1.13
N SER C 423 66.32 -42.07 0.40
CA SER C 423 64.97 -42.44 0.84
C SER C 423 65.04 -43.83 1.45
N LYS C 424 65.38 -44.80 0.61
CA LYS C 424 65.51 -46.20 1.04
C LYS C 424 66.99 -46.55 1.12
N LEU C 425 67.35 -47.33 2.12
CA LEU C 425 68.73 -47.84 2.22
C LEU C 425 68.96 -48.96 1.18
N PRO C 426 70.20 -49.12 0.71
CA PRO C 426 70.47 -50.28 -0.11
C PRO C 426 70.22 -51.55 0.72
N LYS C 427 70.12 -52.69 0.04
CA LYS C 427 69.81 -53.95 0.72
C LYS C 427 70.89 -54.32 1.73
N GLY C 428 70.44 -54.84 2.88
CA GLY C 428 71.32 -55.42 3.87
C GLY C 428 72.11 -54.41 4.66
N LYS C 429 71.85 -53.13 4.41
CA LYS C 429 72.53 -52.05 5.12
C LYS C 429 71.59 -51.55 6.19
N HIS C 430 72.10 -51.45 7.42
CA HIS C 430 71.30 -51.00 8.57
C HIS C 430 71.61 -49.58 8.99
N SER C 431 72.51 -48.92 8.26
CA SER C 431 72.95 -47.57 8.60
C SER C 431 73.72 -46.94 7.45
N VAL C 432 73.94 -45.63 7.58
CA VAL C 432 74.78 -44.88 6.64
C VAL C 432 75.92 -44.20 7.37
N LYS C 433 77.08 -44.12 6.72
CA LYS C 433 78.24 -43.44 7.29
C LYS C 433 78.75 -42.37 6.33
N GLY C 434 79.01 -41.19 6.87
CA GLY C 434 79.58 -40.08 6.11
C GLY C 434 81.07 -40.06 6.35
N LEU C 435 81.85 -40.37 5.31
CA LEU C 435 83.29 -40.52 5.44
C LEU C 435 83.99 -39.17 5.44
N GLY C 436 84.73 -38.88 6.52
CA GLY C 436 85.43 -37.61 6.68
C GLY C 436 86.93 -37.71 6.45
N LYS C 437 87.60 -36.56 6.39
CA LYS C 437 89.05 -36.49 6.26
C LYS C 437 89.72 -37.05 7.52
N THR C 438 89.35 -36.50 8.67
CA THR C 438 89.91 -36.92 9.96
C THR C 438 89.03 -37.99 10.63
N THR C 439 89.67 -39.04 11.12
CA THR C 439 89.01 -40.11 11.85
C THR C 439 89.81 -40.43 13.11
N PRO C 440 89.12 -40.71 14.24
CA PRO C 440 89.84 -41.10 15.45
C PRO C 440 90.55 -42.43 15.24
N ASP C 441 91.81 -42.51 15.71
CA ASP C 441 92.72 -43.62 15.37
C ASP C 441 92.08 -45.00 15.55
N PRO C 442 91.80 -45.70 14.44
CA PRO C 442 91.19 -47.04 14.53
C PRO C 442 92.04 -48.10 15.26
N SER C 443 93.35 -47.86 15.37
CA SER C 443 94.24 -48.75 16.14
C SER C 443 94.36 -48.35 17.61
N ALA C 444 93.43 -47.49 18.08
CA ALA C 444 93.32 -47.15 19.50
C ALA C 444 91.87 -47.18 19.96
N ASN C 445 91.05 -48.00 19.29
CA ASN C 445 89.62 -48.07 19.58
C ASN C 445 89.31 -48.95 20.80
N ILE C 446 89.20 -48.31 21.96
CA ILE C 446 88.91 -49.00 23.21
C ILE C 446 87.49 -49.58 23.19
N SER C 447 87.25 -50.61 24.01
CA SER C 447 85.90 -51.18 24.16
C SER C 447 85.24 -50.70 25.45
N LEU C 448 83.93 -50.96 25.59
CA LEU C 448 83.15 -50.54 26.76
C LEU C 448 81.81 -51.30 26.86
N ASP C 449 81.76 -52.29 27.74
CA ASP C 449 80.57 -53.14 27.94
C ASP C 449 80.12 -53.88 26.66
N GLY C 450 81.09 -54.19 25.81
CA GLY C 450 80.80 -54.74 24.48
C GLY C 450 80.32 -53.67 23.51
N VAL C 451 80.91 -52.48 23.60
CA VAL C 451 80.62 -51.36 22.70
C VAL C 451 81.94 -50.70 22.31
N ASP C 452 82.17 -50.52 21.00
CA ASP C 452 83.44 -50.00 20.51
C ASP C 452 83.48 -48.48 20.63
N VAL C 453 84.37 -47.96 21.49
CA VAL C 453 84.49 -46.50 21.73
C VAL C 453 85.72 -45.92 21.01
N PRO C 454 85.52 -45.20 19.91
CA PRO C 454 86.65 -44.74 19.11
C PRO C 454 87.26 -43.45 19.66
N LEU C 455 87.94 -43.55 20.80
CA LEU C 455 88.48 -42.36 21.49
C LEU C 455 89.95 -42.10 21.13
N GLY C 456 90.35 -42.46 19.93
CA GLY C 456 91.66 -42.12 19.41
C GLY C 456 91.67 -40.69 18.88
N THR C 457 92.85 -40.08 18.83
CA THR C 457 93.00 -38.74 18.26
C THR C 457 93.10 -38.81 16.74
N GLY C 458 92.80 -37.69 16.09
CA GLY C 458 92.61 -37.62 14.65
C GLY C 458 93.82 -37.94 13.79
N ILE C 459 93.63 -38.89 12.86
CA ILE C 459 94.59 -39.15 11.78
C ILE C 459 93.84 -39.09 10.45
N SER C 460 94.57 -39.14 9.34
CA SER C 460 93.97 -39.09 8.01
C SER C 460 93.15 -40.35 7.72
N SER C 461 92.13 -40.23 6.87
CA SER C 461 91.26 -41.36 6.52
C SER C 461 91.79 -42.13 5.30
N GLY C 462 91.11 -43.21 4.95
CA GLY C 462 91.52 -44.06 3.83
C GLY C 462 91.25 -43.48 2.45
N VAL C 463 90.31 -42.54 2.35
CA VAL C 463 89.99 -41.88 1.09
C VAL C 463 89.73 -40.38 1.33
N ASN C 464 90.21 -39.53 0.43
CA ASN C 464 90.13 -38.08 0.56
C ASN C 464 89.30 -37.39 -0.54
N ASP C 465 88.54 -38.16 -1.30
CA ASP C 465 87.69 -37.62 -2.37
C ASP C 465 86.31 -37.22 -1.85
N THR C 466 86.23 -36.96 -0.54
CA THR C 466 84.96 -36.69 0.14
C THR C 466 84.73 -35.18 0.34
N SER C 467 83.47 -34.81 0.54
CA SER C 467 83.10 -33.44 0.91
C SER C 467 82.64 -33.38 2.38
N LEU C 468 83.25 -34.20 3.22
CA LEU C 468 83.05 -34.17 4.67
C LEU C 468 84.41 -34.10 5.35
N LEU C 469 84.53 -33.24 6.37
CA LEU C 469 85.77 -33.12 7.13
C LEU C 469 85.83 -34.12 8.28
N TYR C 470 84.68 -34.49 8.81
CA TYR C 470 84.63 -35.44 9.91
C TYR C 470 83.47 -36.40 9.73
N ASN C 471 83.53 -37.55 10.40
CA ASN C 471 82.54 -38.61 10.22
C ASN C 471 81.16 -38.26 10.73
N GLU C 472 80.15 -38.82 10.04
CA GLU C 472 78.77 -38.79 10.51
C GLU C 472 78.25 -40.23 10.53
N TYR C 473 77.42 -40.53 11.52
CA TYR C 473 76.80 -41.85 11.63
C TYR C 473 75.29 -41.68 11.71
N ILE C 474 74.58 -42.25 10.73
CA ILE C 474 73.15 -42.03 10.56
C ILE C 474 72.38 -43.35 10.70
N VAL C 475 71.37 -43.35 11.57
CA VAL C 475 70.43 -44.48 11.70
C VAL C 475 69.03 -44.02 11.33
N TYR C 476 68.31 -44.86 10.58
CA TYR C 476 67.00 -44.50 10.08
C TYR C 476 65.90 -45.28 10.81
N ASP C 477 66.11 -45.49 12.10
CA ASP C 477 65.15 -46.20 12.94
C ASP C 477 65.47 -45.90 14.39
N ILE C 478 64.50 -45.32 15.10
CA ILE C 478 64.68 -44.94 16.51
C ILE C 478 65.08 -46.08 17.44
N ALA C 479 64.81 -47.32 17.04
CA ALA C 479 65.16 -48.49 17.84
C ALA C 479 66.67 -48.74 17.90
N GLN C 480 67.37 -48.41 16.82
CA GLN C 480 68.82 -48.68 16.72
C GLN C 480 69.67 -47.93 17.75
N VAL C 481 69.17 -46.79 18.24
CA VAL C 481 69.86 -46.02 19.27
C VAL C 481 69.45 -46.45 20.67
N ASN C 482 70.42 -46.44 21.58
CA ASN C 482 70.21 -46.72 23.01
C ASN C 482 71.09 -45.80 23.83
N LEU C 483 70.50 -44.78 24.44
CA LEU C 483 71.28 -43.74 25.12
C LEU C 483 71.95 -44.27 26.38
N LYS C 484 73.25 -44.05 26.48
CA LYS C 484 74.04 -44.58 27.57
C LYS C 484 74.43 -43.50 28.56
N TYR C 485 75.08 -42.44 28.08
CA TYR C 485 75.57 -41.36 28.95
C TYR C 485 75.10 -39.98 28.49
N LEU C 486 74.71 -39.16 29.47
CA LEU C 486 74.39 -37.75 29.25
C LEU C 486 75.44 -36.92 29.97
N LEU C 487 76.19 -36.12 29.21
CA LEU C 487 77.23 -35.27 29.78
C LEU C 487 76.74 -33.84 29.90
N LYS C 488 77.38 -33.09 30.80
CA LYS C 488 77.13 -31.66 30.99
C LYS C 488 78.45 -30.93 30.81
N LEU C 489 78.51 -29.99 29.87
CA LEU C 489 79.81 -29.41 29.48
C LEU C 489 79.84 -27.89 29.60
N LYS C 490 80.86 -27.37 30.30
CA LYS C 490 81.15 -25.94 30.28
C LYS C 490 82.09 -25.63 29.12
N PHE C 491 81.77 -24.58 28.36
CA PHE C 491 82.60 -24.14 27.24
C PHE C 491 83.48 -22.95 27.66
N ASN C 492 84.71 -22.91 27.15
CA ASN C 492 85.61 -21.79 27.39
C ASN C 492 86.08 -21.15 26.09
N PHE C 493 85.54 -19.97 25.78
CA PHE C 493 85.82 -19.27 24.53
C PHE C 493 86.98 -18.31 24.75
N LYS C 494 87.30 -17.51 23.72
CA LYS C 494 88.24 -16.40 23.87
C LYS C 494 87.65 -15.11 23.30
N THR C 495 87.10 -14.27 24.18
CA THR C 495 86.53 -12.98 23.79
C THR C 495 86.76 -11.94 24.90
N ASP D 26 -49.47 24.11 10.37
CA ASP D 26 -50.92 24.04 10.75
C ASP D 26 -51.39 25.35 11.40
N LYS D 27 -50.61 25.83 12.36
CA LYS D 27 -50.93 27.06 13.11
C LYS D 27 -50.35 28.27 12.39
N LEU D 28 -50.93 29.45 12.66
CA LEU D 28 -50.45 30.70 12.04
C LEU D 28 -49.11 31.14 12.61
N TYR D 29 -48.96 31.06 13.93
CA TYR D 29 -47.78 31.55 14.62
C TYR D 29 -46.85 30.43 15.06
N ARG D 30 -45.68 30.80 15.58
CA ARG D 30 -44.67 29.81 15.96
CA ARG D 30 -44.67 29.81 15.95
C ARG D 30 -43.62 30.44 16.88
N VAL D 31 -43.27 29.73 17.95
CA VAL D 31 -42.32 30.21 18.96
C VAL D 31 -41.32 29.13 19.32
N GLU D 32 -40.04 29.51 19.37
CA GLU D 32 -38.97 28.59 19.75
C GLU D 32 -37.70 29.35 20.12
N TYR D 33 -36.71 28.61 20.61
CA TYR D 33 -35.39 29.17 20.90
C TYR D 33 -34.56 29.09 19.64
N ALA D 34 -33.99 30.22 19.23
CA ALA D 34 -33.28 30.33 17.95
C ALA D 34 -32.45 29.10 17.63
N LYS D 35 -32.83 28.37 16.59
CA LYS D 35 -32.07 27.20 16.16
C LYS D 35 -30.71 27.61 15.60
N SER D 36 -30.59 28.88 15.23
CA SER D 36 -29.31 29.50 14.89
C SER D 36 -29.42 31.01 14.95
N GLY D 37 -28.34 31.68 15.34
CA GLY D 37 -28.33 33.15 15.43
C GLY D 37 -28.08 33.80 14.09
N ARG D 38 -28.71 33.25 13.05
CA ARG D 38 -28.40 33.58 11.66
C ARG D 38 -29.55 34.38 11.04
N ALA D 39 -30.78 33.92 11.27
CA ALA D 39 -31.97 34.53 10.70
C ALA D 39 -32.22 35.89 11.32
N SER D 40 -32.61 36.86 10.49
CA SER D 40 -32.85 38.22 10.96
C SER D 40 -34.34 38.45 11.21
N CYS D 41 -34.67 39.62 11.77
CA CYS D 41 -35.98 39.90 12.32
C CYS D 41 -36.78 40.80 11.38
N LYS D 42 -38.02 40.41 11.08
CA LYS D 42 -38.79 41.06 10.02
C LYS D 42 -39.10 42.54 10.28
N LYS D 43 -39.11 42.97 11.54
CA LYS D 43 -39.41 44.36 11.87
C LYS D 43 -38.17 45.25 11.84
N CYS D 44 -37.17 44.92 12.67
CA CYS D 44 -35.98 45.75 12.81
C CYS D 44 -34.86 45.34 11.85
N SER D 45 -34.79 44.05 11.53
CA SER D 45 -33.87 43.48 10.51
C SER D 45 -32.46 43.15 11.03
N GLU D 46 -32.32 42.96 12.34
CA GLU D 46 -31.04 42.56 12.95
C GLU D 46 -31.05 41.06 13.27
N SER D 47 -29.86 40.48 13.37
CA SER D 47 -29.74 39.03 13.56
C SER D 47 -30.28 38.58 14.91
N ILE D 48 -31.28 37.71 14.88
CA ILE D 48 -31.87 37.13 16.10
C ILE D 48 -30.90 36.10 16.68
N PRO D 49 -30.28 36.41 17.83
CA PRO D 49 -29.19 35.58 18.36
C PRO D 49 -29.64 34.18 18.77
N LYS D 50 -28.70 33.21 18.71
CA LYS D 50 -29.01 31.80 18.95
C LYS D 50 -29.59 31.54 20.35
N ASP D 51 -30.40 30.48 20.45
CA ASP D 51 -31.01 30.04 21.70
C ASP D 51 -31.86 31.12 22.38
N SER D 52 -32.22 32.17 21.65
CA SER D 52 -33.06 33.23 22.19
C SER D 52 -34.52 32.95 21.84
N LEU D 53 -35.42 33.35 22.72
CA LEU D 53 -36.85 33.26 22.49
C LEU D 53 -37.22 34.21 21.36
N ARG D 54 -37.75 33.64 20.27
CA ARG D 54 -38.19 34.41 19.11
C ARG D 54 -39.56 33.90 18.68
N MET D 55 -40.34 34.77 18.06
CA MET D 55 -41.67 34.39 17.56
C MET D 55 -41.78 34.58 16.05
N ALA D 56 -42.64 33.75 15.44
CA ALA D 56 -42.79 33.67 14.00
C ALA D 56 -44.24 33.85 13.60
N ILE D 57 -44.45 34.37 12.38
CA ILE D 57 -45.77 34.37 11.75
C ILE D 57 -45.58 33.71 10.39
N MET D 58 -46.35 32.65 10.11
CA MET D 58 -46.13 31.83 8.92
C MET D 58 -46.82 32.42 7.70
N VAL D 59 -46.06 32.60 6.63
CA VAL D 59 -46.54 33.19 5.38
C VAL D 59 -46.26 32.29 4.18
N GLN D 60 -46.97 32.53 3.08
CA GLN D 60 -46.72 31.81 1.84
C GLN D 60 -45.42 32.35 1.30
N SER D 61 -44.52 31.47 0.89
CA SER D 61 -43.34 31.90 0.17
C SER D 61 -43.72 32.21 -1.25
N PRO D 62 -43.28 33.35 -1.78
CA PRO D 62 -43.49 33.60 -3.20
C PRO D 62 -42.64 32.70 -4.11
N MET D 63 -41.64 32.03 -3.55
CA MET D 63 -40.63 31.33 -4.32
C MET D 63 -40.91 29.83 -4.52
N PHE D 64 -41.71 29.24 -3.64
CA PHE D 64 -42.03 27.81 -3.73
C PHE D 64 -43.31 27.50 -2.98
N ASP D 65 -43.86 26.31 -3.23
CA ASP D 65 -45.19 25.95 -2.74
C ASP D 65 -45.16 25.57 -1.27
N GLY D 66 -44.83 26.52 -0.41
CA GLY D 66 -44.64 26.22 0.99
C GLY D 66 -44.81 27.41 1.90
N LYS D 67 -45.21 27.13 3.14
CA LYS D 67 -45.26 28.16 4.16
C LYS D 67 -43.85 28.43 4.63
N VAL D 68 -43.59 29.66 5.03
CA VAL D 68 -42.29 30.04 5.56
C VAL D 68 -42.51 30.91 6.80
N PRO D 69 -41.66 30.74 7.82
CA PRO D 69 -41.76 31.59 9.01
C PRO D 69 -41.20 32.98 8.81
N HIS D 70 -41.89 33.99 9.33
CA HIS D 70 -41.35 35.34 9.41
C HIS D 70 -40.87 35.60 10.81
N TRP D 71 -39.57 35.44 11.03
CA TRP D 71 -39.00 35.52 12.36
C TRP D 71 -38.90 36.92 12.91
N TYR D 72 -39.43 37.09 14.12
CA TYR D 72 -39.39 38.34 14.86
C TYR D 72 -38.64 38.14 16.18
N HIS D 73 -37.83 39.14 16.57
CA HIS D 73 -37.31 39.21 17.93
C HIS D 73 -38.50 39.22 18.84
N PHE D 74 -38.46 38.41 19.91
CA PHE D 74 -39.61 38.34 20.83
C PHE D 74 -40.06 39.71 21.29
N SER D 75 -39.10 40.62 21.47
CA SER D 75 -39.38 42.02 21.79
C SER D 75 -40.16 42.70 20.65
N CYS D 76 -39.69 42.52 19.42
CA CYS D 76 -40.28 43.19 18.25
C CYS D 76 -41.65 42.66 17.83
N PHE D 77 -41.98 41.44 18.21
CA PHE D 77 -43.18 40.76 17.75
C PHE D 77 -44.48 41.51 18.07
N TRP D 78 -44.51 42.18 19.22
CA TRP D 78 -45.74 42.77 19.73
C TRP D 78 -45.93 44.20 19.32
N LYS D 79 -45.03 44.72 18.48
CA LYS D 79 -45.19 46.05 17.90
C LYS D 79 -45.70 46.02 16.45
N VAL D 80 -45.77 44.84 15.85
CA VAL D 80 -46.33 44.69 14.50
C VAL D 80 -47.87 44.71 14.50
N GLY D 81 -48.48 44.73 15.68
CA GLY D 81 -49.92 44.87 15.81
C GLY D 81 -50.65 43.55 16.00
N HIS D 82 -49.90 42.44 16.06
CA HIS D 82 -50.50 41.12 16.23
C HIS D 82 -50.89 40.87 17.65
N SER D 83 -52.07 40.29 17.86
CA SER D 83 -52.57 40.00 19.21
C SER D 83 -53.13 38.57 19.32
N ILE D 84 -52.28 37.66 19.77
CA ILE D 84 -52.67 36.28 20.02
C ILE D 84 -53.41 36.21 21.35
N ARG D 85 -54.73 35.98 21.29
CA ARG D 85 -55.57 36.00 22.50
C ARG D 85 -55.14 34.94 23.51
N HIS D 86 -55.00 33.70 23.04
CA HIS D 86 -54.60 32.57 23.87
C HIS D 86 -53.44 31.84 23.22
N PRO D 87 -52.19 32.18 23.63
CA PRO D 87 -50.99 31.62 23.02
C PRO D 87 -50.92 30.09 22.96
N ASP D 88 -51.30 29.41 24.05
CA ASP D 88 -51.15 27.96 24.12
C ASP D 88 -51.94 27.20 23.06
N VAL D 89 -53.03 27.79 22.57
CA VAL D 89 -53.87 27.18 21.54
C VAL D 89 -53.56 27.71 20.13
N GLU D 90 -52.99 28.92 20.05
CA GLU D 90 -52.75 29.59 18.76
C GLU D 90 -51.29 29.51 18.27
N VAL D 91 -50.35 29.58 19.20
CA VAL D 91 -48.92 29.59 18.87
C VAL D 91 -48.28 28.22 19.00
N ASP D 92 -47.60 27.80 17.94
CA ASP D 92 -46.96 26.51 17.89
C ASP D 92 -45.65 26.53 18.68
N GLY D 93 -45.28 25.38 19.25
CA GLY D 93 -44.05 25.26 20.06
C GLY D 93 -44.17 25.77 21.49
N PHE D 94 -45.37 26.16 21.90
CA PHE D 94 -45.60 26.73 23.22
C PHE D 94 -45.39 25.71 24.33
N SER D 95 -45.87 24.48 24.12
CA SER D 95 -45.74 23.44 25.13
C SER D 95 -44.27 23.00 25.29
N GLU D 96 -43.52 23.03 24.19
CA GLU D 96 -42.12 22.61 24.19
C GLU D 96 -41.20 23.61 24.89
N LEU D 97 -41.59 24.88 24.95
CA LEU D 97 -40.84 25.90 25.68
C LEU D 97 -40.59 25.52 27.14
N ARG D 98 -39.68 26.26 27.78
CA ARG D 98 -39.44 26.12 29.22
C ARG D 98 -40.57 26.81 29.98
N TRP D 99 -40.87 26.31 31.18
CA TRP D 99 -42.07 26.73 31.91
C TRP D 99 -42.14 28.21 32.14
N ASP D 100 -41.10 28.78 32.72
CA ASP D 100 -41.09 30.22 33.04
C ASP D 100 -41.16 31.10 31.79
N ASP D 101 -40.61 30.61 30.68
CA ASP D 101 -40.71 31.29 29.38
C ASP D 101 -42.13 31.26 28.81
N GLN D 102 -42.84 30.15 29.02
CA GLN D 102 -44.25 30.06 28.64
C GLN D 102 -45.07 31.17 29.29
N GLN D 103 -44.80 31.40 30.58
CA GLN D 103 -45.50 32.45 31.34
C GLN D 103 -45.18 33.85 30.86
N LYS D 104 -43.96 34.07 30.36
CA LYS D 104 -43.61 35.36 29.76
C LYS D 104 -44.52 35.63 28.56
N VAL D 105 -44.64 34.65 27.67
CA VAL D 105 -45.49 34.76 26.49
C VAL D 105 -46.94 34.99 26.89
N LYS D 106 -47.42 34.14 27.79
CA LYS D 106 -48.80 34.21 28.26
C LYS D 106 -49.15 35.61 28.76
N LYS D 107 -48.34 36.12 29.69
CA LYS D 107 -48.55 37.46 30.26
C LYS D 107 -48.42 38.56 29.20
N THR D 108 -47.35 38.48 28.42
CA THR D 108 -47.08 39.47 27.37
C THR D 108 -48.12 39.41 26.24
N ALA D 109 -48.78 38.26 26.11
CA ALA D 109 -49.92 38.12 25.20
C ALA D 109 -51.02 39.12 25.53
N GLU D 110 -51.24 39.36 26.83
CA GLU D 110 -52.27 40.30 27.27
C GLU D 110 -51.78 41.76 27.31
N ALA D 111 -50.46 41.96 27.32
CA ALA D 111 -49.87 43.30 27.26
C ALA D 111 -48.37 43.23 26.92
N SER E 10 -66.45 21.84 42.78
CA SER E 10 -65.33 22.83 42.60
C SER E 10 -64.17 22.61 43.59
N LYS E 11 -64.37 21.75 44.58
CA LYS E 11 -63.31 21.41 45.52
C LYS E 11 -62.40 20.37 44.89
N LYS E 12 -62.99 19.24 44.49
CA LYS E 12 -62.23 18.19 43.79
C LYS E 12 -61.90 18.61 42.37
N GLU E 13 -62.75 19.45 41.78
CA GLU E 13 -62.52 19.96 40.43
C GLU E 13 -61.26 20.83 40.41
N LYS E 14 -61.23 21.85 41.26
CA LYS E 14 -60.10 22.79 41.31
C LYS E 14 -58.81 22.17 41.88
N ASP E 15 -58.93 21.06 42.62
CA ASP E 15 -57.76 20.40 43.19
C ASP E 15 -57.01 19.59 42.14
N LYS E 16 -57.72 18.68 41.46
CA LYS E 16 -57.11 17.89 40.38
C LYS E 16 -56.62 18.82 39.25
N ASP E 17 -57.38 19.89 39.03
CA ASP E 17 -57.02 20.98 38.12
C ASP E 17 -55.67 21.64 38.51
N SER E 18 -55.55 22.00 39.79
CA SER E 18 -54.34 22.66 40.30
C SER E 18 -53.18 21.69 40.48
N LYS E 19 -53.50 20.48 40.94
CA LYS E 19 -52.48 19.45 41.23
C LYS E 19 -51.92 18.81 39.94
N LEU E 20 -52.63 18.98 38.82
CA LEU E 20 -52.12 18.54 37.51
C LEU E 20 -51.12 19.54 36.93
N GLU E 21 -51.44 20.84 37.03
CA GLU E 21 -50.52 21.89 36.61
C GLU E 21 -49.23 21.87 37.44
N LYS E 22 -49.30 21.25 38.63
CA LYS E 22 -48.11 20.95 39.40
C LYS E 22 -47.32 19.85 38.70
N ALA E 23 -48.00 18.76 38.33
CA ALA E 23 -47.37 17.61 37.68
C ALA E 23 -46.95 17.88 36.23
N LEU E 24 -47.57 18.88 35.60
CA LEU E 24 -47.21 19.25 34.24
C LEU E 24 -45.86 19.97 34.26
N LYS E 25 -45.74 20.96 35.13
CA LYS E 25 -44.43 21.61 35.37
C LYS E 25 -43.40 20.59 35.84
N ALA E 26 -43.82 19.68 36.72
CA ALA E 26 -42.95 18.60 37.17
C ALA E 26 -42.34 17.87 35.99
N GLN E 27 -43.17 17.61 34.97
CA GLN E 27 -42.72 16.93 33.76
C GLN E 27 -41.93 17.84 32.82
N ASN E 28 -42.44 19.06 32.57
CA ASN E 28 -41.79 20.00 31.66
C ASN E 28 -40.31 20.18 31.96
N ASP E 29 -39.99 20.62 33.18
CA ASP E 29 -38.59 20.87 33.56
C ASP E 29 -37.87 19.65 34.16
N LEU E 30 -38.50 18.47 34.11
CA LEU E 30 -37.78 17.20 34.31
C LEU E 30 -37.01 16.87 33.05
N ILE E 31 -37.71 16.89 31.92
CA ILE E 31 -37.07 16.63 30.62
C ILE E 31 -36.03 17.70 30.30
N TRP E 32 -36.36 18.96 30.58
CA TRP E 32 -35.40 20.06 30.38
C TRP E 32 -34.13 19.91 31.18
N ASN E 33 -34.25 19.55 32.44
CA ASN E 33 -33.06 19.17 33.21
C ASN E 33 -32.31 18.09 32.44
N ILE E 34 -33.01 17.03 32.05
CA ILE E 34 -32.40 15.88 31.37
C ILE E 34 -31.81 16.24 30.01
N LYS E 35 -32.47 17.14 29.28
CA LYS E 35 -31.95 17.58 27.98
C LYS E 35 -30.56 18.19 28.15
N ASP E 36 -30.50 19.39 28.72
CA ASP E 36 -29.22 20.10 28.87
C ASP E 36 -28.23 19.43 29.85
N GLU E 37 -28.62 18.28 30.40
CA GLU E 37 -27.66 17.39 31.05
C GLU E 37 -26.86 16.65 29.99
N LEU E 38 -27.56 16.12 28.98
CA LEU E 38 -26.91 15.41 27.87
C LEU E 38 -26.12 16.35 26.96
N LYS E 39 -26.57 17.61 26.87
CA LYS E 39 -25.86 18.63 26.10
C LYS E 39 -24.52 18.96 26.79
N LYS E 40 -24.51 18.89 28.12
CA LYS E 40 -23.28 19.09 28.90
C LYS E 40 -22.31 17.90 28.77
N VAL E 41 -22.85 16.68 28.70
CA VAL E 41 -22.03 15.46 28.77
C VAL E 41 -21.79 14.79 27.42
N CYS E 42 -22.81 14.74 26.56
CA CYS E 42 -22.74 13.95 25.32
C CYS E 42 -22.62 14.82 24.07
N SER E 43 -21.81 14.36 23.12
CA SER E 43 -21.77 14.96 21.79
C SER E 43 -22.95 14.41 21.00
N THR E 44 -23.23 15.02 19.85
CA THR E 44 -24.36 14.62 19.02
C THR E 44 -24.22 13.18 18.53
N ASN E 45 -22.99 12.77 18.18
CA ASN E 45 -22.75 11.41 17.71
C ASN E 45 -23.11 10.34 18.75
N ASP E 46 -22.83 10.63 20.02
CA ASP E 46 -23.24 9.75 21.11
C ASP E 46 -24.75 9.58 21.10
N LEU E 47 -25.44 10.72 21.12
CA LEU E 47 -26.90 10.76 21.11
C LEU E 47 -27.49 10.09 19.87
N LYS E 48 -26.84 10.29 18.72
CA LYS E 48 -27.22 9.61 17.47
C LYS E 48 -27.14 8.10 17.64
N GLU E 49 -26.02 7.62 18.15
CA GLU E 49 -25.83 6.18 18.35
C GLU E 49 -26.62 5.65 19.55
N LEU E 50 -27.04 6.53 20.45
CA LEU E 50 -27.99 6.19 21.51
C LEU E 50 -29.30 5.69 20.90
N LEU E 51 -29.90 6.54 20.06
CA LEU E 51 -31.19 6.25 19.44
C LEU E 51 -31.11 5.00 18.56
N ILE E 52 -30.07 4.92 17.73
CA ILE E 52 -29.89 3.81 16.79
C ILE E 52 -29.90 2.48 17.54
N PHE E 53 -29.16 2.44 18.66
CA PHE E 53 -29.13 1.27 19.54
C PHE E 53 -30.55 0.90 19.97
N ASN E 54 -31.35 1.92 20.29
CA ASN E 54 -32.74 1.71 20.70
C ASN E 54 -33.71 1.53 19.52
N LYS E 55 -33.17 1.29 18.32
CA LYS E 55 -33.95 1.06 17.09
C LYS E 55 -34.88 2.26 16.78
N GLN E 56 -34.34 3.46 16.92
CA GLN E 56 -35.09 4.70 16.76
C GLN E 56 -34.55 5.47 15.58
N GLN E 57 -35.44 5.95 14.72
CA GLN E 57 -35.08 6.81 13.60
C GLN E 57 -34.33 8.03 14.14
N VAL E 58 -33.16 8.31 13.57
CA VAL E 58 -32.39 9.47 13.99
C VAL E 58 -32.89 10.70 13.23
N PRO E 59 -33.45 11.69 13.96
CA PRO E 59 -33.92 12.88 13.27
C PRO E 59 -32.77 13.77 12.81
N SER E 60 -33.12 14.69 11.93
CA SER E 60 -32.21 15.74 11.53
C SER E 60 -32.43 16.92 12.47
N GLY E 61 -31.35 17.48 13.00
CA GLY E 61 -31.43 18.61 13.94
C GLY E 61 -30.83 18.26 15.28
N GLU E 62 -30.14 19.24 15.88
CA GLU E 62 -29.51 19.04 17.18
C GLU E 62 -30.56 19.01 18.27
N SER E 63 -31.37 20.07 18.35
CA SER E 63 -32.40 20.18 19.39
C SER E 63 -33.31 18.96 19.38
N ALA E 64 -33.75 18.58 18.19
CA ALA E 64 -34.66 17.46 17.99
C ALA E 64 -34.05 16.11 18.36
N ILE E 65 -32.73 15.98 18.27
CA ILE E 65 -32.07 14.71 18.61
C ILE E 65 -32.13 14.45 20.11
N LEU E 66 -31.80 15.46 20.92
CA LEU E 66 -31.89 15.32 22.38
C LEU E 66 -33.35 15.31 22.86
N ASP E 67 -34.23 15.96 22.10
CA ASP E 67 -35.65 15.99 22.43
C ASP E 67 -36.25 14.58 22.34
N ARG E 68 -35.69 13.75 21.46
CA ARG E 68 -36.14 12.36 21.31
C ARG E 68 -35.37 11.40 22.20
N VAL E 69 -34.13 11.75 22.54
CA VAL E 69 -33.37 10.98 23.51
C VAL E 69 -33.96 11.19 24.91
N ALA E 70 -34.28 12.45 25.23
CA ALA E 70 -34.90 12.77 26.52
C ALA E 70 -36.26 12.08 26.68
N ASP E 71 -37.08 12.14 25.63
CA ASP E 71 -38.34 11.39 25.59
C ASP E 71 -38.08 9.89 25.70
N GLY E 72 -37.12 9.40 24.91
CA GLY E 72 -36.76 7.99 24.93
C GLY E 72 -36.47 7.49 26.32
N MET E 73 -35.62 8.22 27.04
CA MET E 73 -35.20 7.84 28.38
C MET E 73 -36.34 7.90 29.39
N VAL E 74 -37.08 9.01 29.39
CA VAL E 74 -38.11 9.25 30.41
C VAL E 74 -39.33 8.34 30.25
N PHE E 75 -39.77 8.10 29.02
CA PHE E 75 -41.00 7.33 28.79
C PHE E 75 -40.81 5.98 28.09
N GLY E 76 -39.87 5.91 27.14
CA GLY E 76 -39.53 4.63 26.52
C GLY E 76 -39.09 4.69 25.07
N ALA E 77 -38.42 3.62 24.66
CA ALA E 77 -38.06 3.40 23.26
C ALA E 77 -39.32 3.06 22.48
N LEU E 78 -39.73 3.99 21.62
CA LEU E 78 -40.97 3.84 20.87
C LEU E 78 -40.93 2.66 19.91
N LEU E 79 -41.90 1.75 20.07
CA LEU E 79 -42.06 0.63 19.15
C LEU E 79 -42.58 1.15 17.83
N PRO E 80 -42.25 0.45 16.72
CA PRO E 80 -42.74 0.84 15.40
C PRO E 80 -44.27 0.92 15.31
N CYS E 81 -44.75 1.55 14.24
CA CYS E 81 -46.17 1.76 14.04
C CYS E 81 -46.91 0.46 13.75
N GLU E 82 -48.21 0.43 14.03
CA GLU E 82 -49.04 -0.76 13.83
C GLU E 82 -49.18 -1.16 12.35
N GLU E 83 -49.46 -0.18 11.48
CA GLU E 83 -49.68 -0.46 10.05
C GLU E 83 -48.46 -0.18 9.17
N CYS E 84 -47.99 1.07 9.19
CA CYS E 84 -46.95 1.50 8.27
C CYS E 84 -45.53 1.17 8.74
N SER E 85 -45.39 0.73 9.98
CA SER E 85 -44.10 0.34 10.58
C SER E 85 -43.07 1.48 10.64
N GLY E 86 -43.55 2.70 10.84
CA GLY E 86 -42.70 3.89 10.91
C GLY E 86 -42.48 4.40 12.32
N GLN E 87 -41.94 5.60 12.44
CA GLN E 87 -41.53 6.15 13.74
C GLN E 87 -42.51 7.19 14.25
N LEU E 88 -43.23 6.85 15.32
CA LEU E 88 -44.07 7.84 16.00
C LEU E 88 -43.18 8.87 16.67
N VAL E 89 -43.65 10.12 16.68
CA VAL E 89 -42.90 11.23 17.26
C VAL E 89 -43.82 12.09 18.08
N PHE E 90 -43.39 12.45 19.29
CA PHE E 90 -44.15 13.40 20.09
C PHE E 90 -44.16 14.73 19.36
N LYS E 91 -45.34 15.34 19.28
CA LYS E 91 -45.51 16.65 18.69
C LYS E 91 -46.61 17.41 19.43
N SER E 92 -46.19 18.20 20.42
CA SER E 92 -47.06 19.15 21.14
C SER E 92 -48.13 18.52 22.04
N ASP E 93 -49.06 17.77 21.47
CA ASP E 93 -50.18 17.19 22.25
C ASP E 93 -50.46 15.70 22.03
N ALA E 94 -49.63 15.03 21.23
CA ALA E 94 -49.82 13.61 20.96
C ALA E 94 -48.61 13.05 20.24
N TYR E 95 -48.60 11.73 20.07
CA TYR E 95 -47.57 11.06 19.28
C TYR E 95 -48.10 10.79 17.88
N TYR E 96 -47.53 11.49 16.90
CA TYR E 96 -47.94 11.38 15.51
C TYR E 96 -47.01 10.46 14.76
N CYS E 97 -47.56 9.52 14.00
CA CYS E 97 -46.74 8.67 13.16
C CYS E 97 -46.18 9.48 12.00
N THR E 98 -44.91 9.26 11.68
CA THR E 98 -44.23 9.99 10.60
C THR E 98 -43.85 9.05 9.45
N GLY E 99 -44.34 7.82 9.48
CA GLY E 99 -44.04 6.84 8.46
C GLY E 99 -44.83 7.04 7.17
N ASP E 100 -44.83 6.02 6.32
CA ASP E 100 -45.38 6.12 4.97
C ASP E 100 -46.30 4.95 4.63
N VAL E 101 -47.59 5.14 4.85
CA VAL E 101 -48.60 4.14 4.47
C VAL E 101 -48.55 3.83 2.96
N THR E 102 -47.99 4.75 2.18
CA THR E 102 -47.74 4.54 0.75
C THR E 102 -46.71 5.56 0.25
N ALA E 103 -46.18 5.32 -0.94
CA ALA E 103 -45.23 6.25 -1.55
C ALA E 103 -45.89 7.61 -1.79
N TRP E 104 -47.18 7.60 -2.10
CA TRP E 104 -47.92 8.80 -2.45
C TRP E 104 -48.42 9.56 -1.26
N THR E 105 -48.76 8.86 -0.19
CA THR E 105 -49.44 9.48 0.96
C THR E 105 -48.84 9.07 2.29
N LYS E 106 -48.66 10.04 3.16
CA LYS E 106 -48.03 9.85 4.45
C LYS E 106 -49.03 9.18 5.39
N CYS E 107 -48.52 8.53 6.43
CA CYS E 107 -49.36 7.89 7.45
C CYS E 107 -49.87 8.93 8.46
N MET E 108 -51.13 8.78 8.88
CA MET E 108 -51.77 9.77 9.73
C MET E 108 -52.15 9.24 11.13
N VAL E 109 -51.48 8.19 11.58
CA VAL E 109 -51.73 7.64 12.92
C VAL E 109 -51.35 8.65 14.00
N LYS E 110 -52.15 8.70 15.06
CA LYS E 110 -51.97 9.68 16.13
C LYS E 110 -52.50 9.11 17.44
N THR E 111 -51.73 9.25 18.52
CA THR E 111 -52.13 8.73 19.83
C THR E 111 -51.46 9.47 20.99
N GLN E 112 -52.06 9.34 22.16
CA GLN E 112 -51.47 9.84 23.41
C GLN E 112 -50.87 8.69 24.23
N THR E 113 -51.26 7.45 23.91
CA THR E 113 -50.73 6.27 24.55
C THR E 113 -50.18 5.32 23.49
N PRO E 114 -48.96 5.60 23.00
CA PRO E 114 -48.33 4.73 22.01
C PRO E 114 -47.75 3.48 22.66
N ASN E 115 -47.39 2.51 21.83
CA ASN E 115 -46.73 1.29 22.32
C ASN E 115 -45.23 1.52 22.41
N ARG E 116 -44.60 0.93 23.43
CA ARG E 116 -43.16 1.11 23.65
C ARG E 116 -42.58 0.08 24.61
N LYS E 117 -41.37 -0.38 24.29
CA LYS E 117 -40.57 -1.18 25.21
C LYS E 117 -39.67 -0.23 26.01
N GLU E 118 -39.01 -0.74 27.04
CA GLU E 118 -38.21 0.11 27.93
C GLU E 118 -36.90 0.57 27.27
N TRP E 119 -36.44 1.77 27.66
CA TRP E 119 -35.26 2.40 27.06
C TRP E 119 -33.99 1.79 27.57
N VAL E 120 -33.20 1.20 26.66
CA VAL E 120 -31.98 0.48 27.02
C VAL E 120 -30.71 1.27 26.67
N THR E 121 -30.14 1.94 27.68
CA THR E 121 -28.84 2.58 27.55
C THR E 121 -27.77 1.51 27.33
N PRO E 122 -26.87 1.72 26.35
CA PRO E 122 -25.73 0.80 26.27
C PRO E 122 -24.85 0.88 27.53
N LYS E 123 -24.09 -0.18 27.80
CA LYS E 123 -23.14 -0.20 28.92
C LYS E 123 -22.31 1.09 29.03
N GLU E 124 -21.97 1.68 27.89
CA GLU E 124 -21.10 2.84 27.82
C GLU E 124 -21.79 4.10 28.35
N PHE E 125 -21.71 4.29 29.66
CA PHE E 125 -22.28 5.47 30.31
C PHE E 125 -21.66 5.65 31.69
N ARG E 126 -20.62 6.48 31.76
CA ARG E 126 -19.95 6.78 33.02
C ARG E 126 -20.59 7.95 33.76
N GLU E 127 -21.72 8.44 33.26
CA GLU E 127 -22.54 9.42 33.98
C GLU E 127 -24.04 9.18 33.78
N ILE E 128 -24.43 7.92 33.53
CA ILE E 128 -25.84 7.53 33.50
C ILE E 128 -26.34 7.27 34.92
N SER E 129 -25.40 7.09 35.85
CA SER E 129 -25.73 6.98 37.28
C SER E 129 -25.95 8.35 37.91
N TYR E 130 -25.51 9.41 37.23
CA TYR E 130 -25.73 10.79 37.64
C TYR E 130 -27.02 11.36 37.05
N LEU E 131 -27.28 11.05 35.78
CA LEU E 131 -28.49 11.50 35.10
C LEU E 131 -29.75 10.80 35.62
N LYS E 132 -29.66 9.48 35.80
CA LYS E 132 -30.77 8.68 36.33
C LYS E 132 -30.95 8.82 37.84
N LYS E 133 -29.94 9.38 38.51
CA LYS E 133 -30.05 9.72 39.93
C LYS E 133 -30.91 10.97 40.17
N LEU E 134 -31.36 11.63 39.10
CA LEU E 134 -32.28 12.76 39.18
C LEU E 134 -33.71 12.31 39.47
N LYS E 135 -33.90 11.61 40.59
CA LYS E 135 -35.19 11.11 41.08
C LYS E 135 -36.29 10.84 40.03
N VAL E 136 -35.96 10.05 39.01
CA VAL E 136 -36.89 9.73 37.92
C VAL E 136 -37.46 8.32 38.03
N LYS E 137 -38.78 8.23 38.24
CA LYS E 137 -39.48 6.95 38.39
C LYS E 137 -40.35 6.66 37.18
N LYS E 138 -41.06 5.53 37.18
CA LYS E 138 -41.93 5.15 36.07
C LYS E 138 -43.16 6.05 35.99
N GLN E 139 -43.39 6.64 34.82
CA GLN E 139 -44.47 7.58 34.60
C GLN E 139 -44.74 7.72 33.10
N ASP E 140 -45.99 8.00 32.75
CA ASP E 140 -46.38 8.20 31.36
C ASP E 140 -46.41 9.69 31.03
N ARG E 141 -46.37 9.99 29.74
CA ARG E 141 -46.52 11.36 29.25
C ARG E 141 -47.85 11.96 29.71
N ILE E 142 -47.76 13.13 30.34
CA ILE E 142 -48.93 13.94 30.67
C ILE E 142 -49.09 14.94 29.52
N PHE E 143 -50.34 15.33 29.23
CA PHE E 143 -50.63 16.22 28.12
C PHE E 143 -51.36 17.47 28.62
N PRO E 144 -51.45 18.51 27.77
CA PRO E 144 -52.23 19.68 28.17
C PRO E 144 -53.73 19.36 28.31
N PRO E 145 -54.52 20.27 28.94
CA PRO E 145 -55.95 20.03 29.10
C PRO E 145 -56.74 20.03 27.78
N ALA F 15 -41.88 17.71 -26.46
CA ALA F 15 -42.31 19.13 -26.29
C ALA F 15 -41.27 20.12 -26.85
N ALA F 16 -41.58 21.42 -26.72
CA ALA F 16 -40.68 22.50 -27.13
C ALA F 16 -40.17 23.25 -25.90
N VAL F 17 -39.42 24.32 -26.15
CA VAL F 17 -38.75 25.05 -25.08
C VAL F 17 -39.71 25.88 -24.21
N ASP F 18 -39.52 25.84 -22.89
CA ASP F 18 -40.30 26.67 -21.97
C ASP F 18 -39.86 28.13 -22.13
N PRO F 19 -40.79 29.01 -22.54
CA PRO F 19 -40.46 30.43 -22.72
C PRO F 19 -40.08 31.19 -21.44
N ASP F 20 -40.20 30.54 -20.29
CA ASP F 20 -39.68 31.12 -19.04
C ASP F 20 -38.15 31.20 -19.05
N SER F 21 -37.52 30.44 -19.95
CA SER F 21 -36.07 30.50 -20.14
C SER F 21 -35.62 31.82 -20.75
N GLY F 22 -36.48 32.40 -21.59
CA GLY F 22 -36.13 33.59 -22.36
C GLY F 22 -35.22 33.26 -23.55
N LEU F 23 -35.07 31.96 -23.82
CA LEU F 23 -34.19 31.47 -24.89
C LEU F 23 -34.94 30.50 -25.81
N GLU F 24 -36.26 30.64 -25.91
CA GLU F 24 -37.12 29.68 -26.60
C GLU F 24 -36.88 29.60 -28.12
N HIS F 25 -36.84 30.76 -28.79
CA HIS F 25 -36.61 30.81 -30.24
C HIS F 25 -35.17 31.19 -30.50
N SER F 26 -34.27 30.36 -29.95
CA SER F 26 -32.83 30.60 -30.03
C SER F 26 -32.08 29.28 -30.18
N ALA F 27 -32.14 28.43 -29.15
CA ALA F 27 -31.56 27.10 -29.18
C ALA F 27 -32.62 26.05 -28.90
N HIS F 28 -32.51 24.90 -29.57
CA HIS F 28 -33.52 23.83 -29.49
C HIS F 28 -33.36 23.01 -28.22
N VAL F 29 -34.46 22.42 -27.76
CA VAL F 29 -34.42 21.45 -26.66
C VAL F 29 -33.78 20.15 -27.18
N LEU F 30 -32.95 19.53 -26.36
CA LEU F 30 -32.08 18.43 -26.81
C LEU F 30 -32.62 17.05 -26.45
N GLU F 31 -32.29 16.06 -27.30
CA GLU F 31 -32.63 14.66 -27.07
C GLU F 31 -31.47 13.75 -27.50
N LYS F 32 -31.15 12.74 -26.68
CA LYS F 32 -30.10 11.78 -27.02
C LYS F 32 -30.73 10.59 -27.74
N GLY F 33 -30.84 10.72 -29.06
CA GLY F 33 -31.36 9.63 -29.91
C GLY F 33 -32.86 9.43 -29.79
N GLY F 34 -33.29 8.92 -28.63
CA GLY F 34 -34.70 8.65 -28.35
C GLY F 34 -35.24 9.47 -27.19
N LYS F 35 -34.78 9.17 -25.98
CA LYS F 35 -35.23 9.86 -24.76
C LYS F 35 -34.97 11.37 -24.84
N VAL F 36 -36.04 12.17 -24.81
CA VAL F 36 -35.95 13.61 -24.90
C VAL F 36 -35.60 14.21 -23.55
N PHE F 37 -34.52 15.01 -23.50
CA PHE F 37 -34.06 15.58 -22.23
C PHE F 37 -34.97 16.74 -21.79
N SER F 38 -36.13 16.35 -21.24
CA SER F 38 -37.12 17.26 -20.71
C SER F 38 -38.17 16.43 -19.99
N ALA F 39 -38.56 16.86 -18.80
CA ALA F 39 -39.58 16.15 -18.03
C ALA F 39 -40.38 17.14 -17.20
N THR F 40 -41.65 16.84 -16.98
CA THR F 40 -42.52 17.71 -16.19
C THR F 40 -43.05 16.92 -14.99
N LEU F 41 -42.57 17.27 -13.81
CA LEU F 41 -42.90 16.53 -12.59
C LEU F 41 -44.00 17.23 -11.79
N GLY F 42 -44.63 16.47 -10.90
CA GLY F 42 -45.70 16.99 -10.07
C GLY F 42 -45.85 16.20 -8.79
N LEU F 43 -46.30 16.88 -7.73
CA LEU F 43 -46.37 16.30 -6.40
C LEU F 43 -47.48 17.01 -5.64
N VAL F 44 -48.42 16.22 -5.11
CA VAL F 44 -49.54 16.76 -4.33
C VAL F 44 -49.73 16.00 -3.02
N ASP F 45 -49.93 16.72 -1.92
CA ASP F 45 -50.32 16.13 -0.64
C ASP F 45 -51.60 16.82 -0.18
N ILE F 46 -52.73 16.15 -0.39
CA ILE F 46 -54.01 16.72 -0.03
C ILE F 46 -54.01 17.28 1.39
N VAL F 47 -53.38 16.58 2.33
CA VAL F 47 -53.39 16.98 3.74
C VAL F 47 -52.57 18.25 4.00
N LYS F 48 -51.36 18.28 3.49
CA LYS F 48 -50.52 19.48 3.57
C LYS F 48 -51.11 20.60 2.73
N GLY F 49 -51.76 20.23 1.63
CA GLY F 49 -52.29 21.20 0.68
C GLY F 49 -51.39 21.37 -0.53
N THR F 50 -50.08 21.09 -0.35
CA THR F 50 -49.11 21.15 -1.42
C THR F 50 -49.60 20.47 -2.72
N ASN F 51 -49.49 21.21 -3.83
CA ASN F 51 -49.96 20.80 -5.17
C ASN F 51 -49.03 21.53 -6.16
N SER F 52 -47.91 20.91 -6.51
CA SER F 52 -46.75 21.65 -7.03
C SER F 52 -46.15 21.04 -8.27
N TYR F 53 -45.61 21.87 -9.16
CA TYR F 53 -44.96 21.41 -10.39
C TYR F 53 -43.46 21.48 -10.31
N TYR F 54 -42.80 20.85 -11.28
CA TYR F 54 -41.35 20.96 -11.46
C TYR F 54 -40.98 20.58 -12.88
N LYS F 55 -40.73 21.58 -13.70
CA LYS F 55 -40.30 21.33 -15.07
C LYS F 55 -38.77 21.42 -15.19
N LEU F 56 -38.20 20.39 -15.81
CA LEU F 56 -36.77 20.30 -16.04
C LEU F 56 -36.52 20.14 -17.53
N GLN F 57 -35.53 20.88 -18.05
CA GLN F 57 -35.16 20.82 -19.46
C GLN F 57 -33.65 20.88 -19.65
N LEU F 58 -33.19 20.38 -20.79
CA LEU F 58 -31.79 20.53 -21.22
C LEU F 58 -31.76 21.18 -22.60
N LEU F 59 -31.69 22.51 -22.60
CA LEU F 59 -31.71 23.28 -23.85
C LEU F 59 -30.41 23.11 -24.63
N TRP F 68 -26.92 24.38 -21.49
CA TRP F 68 -27.91 25.02 -20.62
C TRP F 68 -28.82 24.03 -19.94
N ILE F 69 -29.10 24.26 -18.66
CA ILE F 69 -30.10 23.47 -17.94
C ILE F 69 -31.13 24.40 -17.32
N PHE F 70 -32.41 24.12 -17.59
CA PHE F 70 -33.49 24.97 -17.12
C PHE F 70 -34.41 24.25 -16.14
N ARG F 71 -34.52 24.80 -14.95
CA ARG F 71 -35.40 24.27 -13.92
C ARG F 71 -36.50 25.27 -13.60
N SER F 72 -37.73 24.82 -13.67
CA SER F 72 -38.87 25.62 -13.28
C SER F 72 -39.57 24.90 -12.12
N TRP F 73 -40.18 25.68 -11.24
CA TRP F 73 -40.87 25.12 -10.09
C TRP F 73 -41.83 26.09 -9.47
N GLY F 74 -42.87 25.58 -8.83
CA GLY F 74 -43.86 26.43 -8.18
C GLY F 74 -45.16 25.70 -7.86
N ARG F 75 -46.18 26.47 -7.50
CA ARG F 75 -47.49 25.91 -7.23
C ARG F 75 -48.36 25.96 -8.48
N VAL F 76 -48.70 24.79 -9.02
CA VAL F 76 -49.50 24.72 -10.23
C VAL F 76 -50.68 25.70 -10.22
N GLY F 77 -50.71 26.53 -11.26
CA GLY F 77 -51.81 27.46 -11.49
C GLY F 77 -51.77 28.73 -10.67
N THR F 78 -50.56 29.26 -10.44
CA THR F 78 -50.40 30.48 -9.65
C THR F 78 -49.05 31.15 -9.88
N VAL F 79 -48.94 32.39 -9.45
CA VAL F 79 -47.70 33.16 -9.56
C VAL F 79 -46.67 32.73 -8.49
N ILE F 80 -47.06 31.78 -7.64
CA ILE F 80 -46.16 31.19 -6.64
C ILE F 80 -45.12 30.26 -7.29
N GLY F 81 -43.85 30.58 -7.09
CA GLY F 81 -42.75 29.78 -7.66
C GLY F 81 -41.63 30.62 -8.25
N SER F 82 -40.66 29.94 -8.87
CA SER F 82 -39.54 30.63 -9.51
C SER F 82 -38.82 29.68 -10.47
N ASN F 83 -37.74 30.16 -11.08
CA ASN F 83 -37.01 29.38 -12.07
C ASN F 83 -35.51 29.71 -12.13
N LYS F 84 -34.72 28.76 -12.61
CA LYS F 84 -33.29 28.97 -12.77
C LYS F 84 -32.80 28.47 -14.13
N LEU F 85 -32.57 29.41 -15.03
CA LEU F 85 -31.81 29.14 -16.23
C LEU F 85 -30.36 29.21 -15.82
N GLU F 86 -29.53 28.36 -16.42
CA GLU F 86 -28.12 28.25 -16.03
C GLU F 86 -27.28 27.59 -17.13
N GLN F 87 -26.34 28.35 -17.71
CA GLN F 87 -25.45 27.80 -18.73
C GLN F 87 -24.49 26.79 -18.10
N MET F 88 -24.12 25.76 -18.88
CA MET F 88 -23.22 24.71 -18.40
C MET F 88 -21.78 25.01 -18.79
N PRO F 89 -20.82 24.35 -18.11
CA PRO F 89 -19.43 24.39 -18.57
C PRO F 89 -19.23 23.64 -19.91
N SER F 90 -19.95 22.54 -20.10
CA SER F 90 -19.90 21.77 -21.34
C SER F 90 -21.17 20.93 -21.53
N LYS F 91 -21.22 20.16 -22.62
CA LYS F 91 -22.42 19.36 -22.96
C LYS F 91 -22.51 18.03 -22.20
N GLU F 92 -21.38 17.40 -21.91
CA GLU F 92 -21.40 16.17 -21.10
C GLU F 92 -21.67 16.45 -19.61
N ASP F 93 -21.38 17.69 -19.19
CA ASP F 93 -21.72 18.16 -17.85
C ASP F 93 -23.24 18.42 -17.72
N ALA F 94 -23.89 18.64 -18.86
CA ALA F 94 -25.34 18.79 -18.91
C ALA F 94 -26.04 17.49 -18.49
N ILE F 95 -25.67 16.39 -19.14
CA ILE F 95 -26.18 15.06 -18.77
C ILE F 95 -25.97 14.80 -17.28
N GLU F 96 -24.76 15.09 -16.79
CA GLU F 96 -24.42 14.89 -15.38
C GLU F 96 -25.35 15.68 -14.46
N HIS F 97 -25.49 16.98 -14.74
CA HIS F 97 -26.33 17.87 -13.95
C HIS F 97 -27.79 17.49 -14.04
N PHE F 98 -28.26 17.25 -15.26
CA PHE F 98 -29.65 16.88 -15.54
C PHE F 98 -30.07 15.59 -14.83
N MET F 99 -29.38 14.49 -15.15
CA MET F 99 -29.70 13.16 -14.60
C MET F 99 -29.54 13.10 -13.08
N LYS F 100 -28.74 14.00 -12.52
CA LYS F 100 -28.60 14.14 -11.07
C LYS F 100 -29.80 14.88 -10.49
N LEU F 101 -30.07 16.09 -10.99
CA LEU F 101 -31.23 16.88 -10.58
C LEU F 101 -32.50 16.03 -10.69
N TYR F 102 -32.64 15.32 -11.81
CA TYR F 102 -33.78 14.45 -12.03
C TYR F 102 -33.98 13.48 -10.88
N GLU F 103 -32.99 12.61 -10.65
CA GLU F 103 -33.09 11.58 -9.61
C GLU F 103 -33.30 12.17 -8.23
N GLU F 104 -32.56 13.23 -7.93
CA GLU F 104 -32.69 13.96 -6.66
C GLU F 104 -34.15 14.31 -6.40
N LYS F 105 -34.84 14.72 -7.47
CA LYS F 105 -36.19 15.25 -7.39
C LYS F 105 -37.25 14.16 -7.58
N THR F 106 -37.01 13.25 -8.52
CA THR F 106 -37.97 12.18 -8.86
C THR F 106 -37.81 10.93 -8.02
N GLY F 107 -36.57 10.59 -7.69
CA GLY F 107 -36.26 9.38 -6.94
C GLY F 107 -35.79 8.21 -7.79
N ASN F 108 -36.01 8.29 -9.11
CA ASN F 108 -35.61 7.25 -10.07
C ASN F 108 -34.41 7.65 -10.93
N ALA F 109 -33.92 6.71 -11.73
CA ALA F 109 -32.92 7.01 -12.74
C ALA F 109 -33.62 7.44 -14.02
N TRP F 110 -32.86 8.04 -14.93
CA TRP F 110 -33.42 8.62 -16.15
C TRP F 110 -33.93 7.60 -17.14
N HIS F 111 -33.13 6.56 -17.40
CA HIS F 111 -33.53 5.47 -18.29
C HIS F 111 -34.25 4.43 -17.48
N SER F 112 -35.57 4.54 -17.40
CA SER F 112 -36.38 3.58 -16.65
C SER F 112 -37.85 3.65 -17.05
N LYS F 113 -38.32 2.62 -17.76
CA LYS F 113 -39.71 2.59 -18.24
C LYS F 113 -40.65 2.33 -17.05
N ASN F 114 -40.49 1.17 -16.42
CA ASN F 114 -41.29 0.79 -15.24
C ASN F 114 -40.89 1.63 -14.03
N PHE F 115 -41.74 2.60 -13.69
CA PHE F 115 -41.43 3.63 -12.69
C PHE F 115 -42.01 3.33 -11.30
N THR F 116 -41.38 3.91 -10.28
CA THR F 116 -41.85 3.80 -8.88
C THR F 116 -41.75 5.15 -8.15
N LYS F 117 -42.88 5.60 -7.61
CA LYS F 117 -42.93 6.82 -6.80
C LYS F 117 -42.19 6.59 -5.47
N TYR F 118 -41.57 7.64 -4.94
CA TYR F 118 -40.90 7.55 -3.63
C TYR F 118 -41.39 8.65 -2.69
N PRO F 119 -41.52 8.34 -1.39
CA PRO F 119 -41.98 9.27 -0.34
C PRO F 119 -41.43 10.69 -0.44
N LYS F 120 -42.33 11.67 -0.47
CA LYS F 120 -42.00 13.09 -0.63
C LYS F 120 -41.18 13.47 -1.89
N LYS F 121 -40.81 12.48 -2.71
CA LYS F 121 -40.19 12.74 -4.01
C LYS F 121 -41.27 12.97 -5.07
N PHE F 122 -40.89 13.59 -6.17
CA PHE F 122 -41.82 13.88 -7.27
C PHE F 122 -42.18 12.63 -8.08
N TYR F 123 -43.14 12.81 -9.00
CA TYR F 123 -43.51 11.80 -9.99
C TYR F 123 -43.61 12.47 -11.35
N PRO F 124 -42.99 11.87 -12.38
CA PRO F 124 -42.97 12.44 -13.71
C PRO F 124 -44.26 12.20 -14.47
N LEU F 125 -44.76 13.25 -15.12
CA LEU F 125 -45.93 13.15 -15.96
C LEU F 125 -45.50 12.84 -17.38
N GLU F 126 -46.31 12.05 -18.07
CA GLU F 126 -45.94 11.48 -19.36
C GLU F 126 -46.42 12.36 -20.50
N ILE F 127 -45.56 13.30 -20.91
CA ILE F 127 -45.85 14.19 -22.03
C ILE F 127 -45.54 13.51 -23.36
N ASP F 128 -46.28 13.87 -24.40
CA ASP F 128 -46.07 13.34 -25.74
C ASP F 128 -44.77 13.86 -26.34
N LYS F 146 -63.36 32.13 -50.27
CA LYS F 146 -63.16 31.24 -51.41
C LYS F 146 -63.57 29.77 -51.17
N SER F 147 -63.99 29.43 -49.94
CA SER F 147 -64.49 28.09 -49.63
C SER F 147 -65.88 27.87 -50.26
N LYS F 148 -66.06 26.71 -50.88
CA LYS F 148 -67.32 26.38 -51.58
C LYS F 148 -68.19 25.47 -50.72
N LEU F 149 -68.85 26.05 -49.71
CA LEU F 149 -69.79 25.33 -48.85
C LEU F 149 -70.93 26.25 -48.42
N PRO F 150 -72.04 25.67 -47.91
CA PRO F 150 -73.14 26.49 -47.39
C PRO F 150 -72.77 27.27 -46.13
N LYS F 151 -73.51 28.35 -45.85
CA LYS F 151 -73.24 29.21 -44.69
C LYS F 151 -73.53 28.53 -43.35
N PRO F 152 -74.59 27.70 -43.27
CA PRO F 152 -74.83 26.96 -42.03
C PRO F 152 -73.79 25.86 -41.76
N VAL F 153 -73.27 25.25 -42.82
CA VAL F 153 -72.23 24.22 -42.71
C VAL F 153 -70.89 24.81 -42.26
N GLN F 154 -70.56 26.01 -42.76
CA GLN F 154 -69.38 26.73 -42.29
C GLN F 154 -69.50 27.08 -40.81
N ASP F 155 -70.70 27.51 -40.41
CA ASP F 155 -71.00 27.80 -39.01
C ASP F 155 -70.86 26.55 -38.14
N LEU F 156 -71.18 25.38 -38.71
CA LEU F 156 -71.06 24.12 -37.98
C LEU F 156 -69.60 23.82 -37.67
N ILE F 157 -68.74 23.95 -38.68
CA ILE F 157 -67.30 23.82 -38.46
C ILE F 157 -66.83 24.91 -37.52
N LYS F 158 -67.25 26.15 -37.78
CA LYS F 158 -66.96 27.28 -36.89
C LYS F 158 -67.27 26.90 -35.44
N MET F 159 -68.44 26.29 -35.24
CA MET F 159 -68.95 25.99 -33.90
C MET F 159 -68.24 24.82 -33.23
N ILE F 160 -67.85 23.80 -34.00
CA ILE F 160 -67.27 22.59 -33.42
C ILE F 160 -65.74 22.53 -33.50
N PHE F 161 -65.14 23.56 -34.09
CA PHE F 161 -63.67 23.66 -34.18
C PHE F 161 -63.11 24.96 -33.59
N ASP F 162 -63.90 25.65 -32.77
CA ASP F 162 -63.38 26.75 -31.96
C ASP F 162 -62.88 26.12 -30.67
N VAL F 163 -61.56 25.98 -30.57
CA VAL F 163 -60.95 25.26 -29.45
C VAL F 163 -60.86 26.13 -28.19
N GLU F 164 -60.79 27.45 -28.37
CA GLU F 164 -60.81 28.36 -27.21
C GLU F 164 -62.15 28.25 -26.47
N SER F 165 -63.23 28.00 -27.19
CA SER F 165 -64.53 27.74 -26.57
C SER F 165 -64.47 26.48 -25.73
N MET F 166 -63.76 25.49 -26.24
CA MET F 166 -63.56 24.23 -25.54
C MET F 166 -62.67 24.43 -24.31
N LYS F 167 -61.64 25.27 -24.44
CA LYS F 167 -60.80 25.62 -23.30
C LYS F 167 -61.68 26.12 -22.17
N LYS F 168 -62.35 27.25 -22.38
CA LYS F 168 -63.29 27.81 -21.39
C LYS F 168 -64.14 26.71 -20.78
N ALA F 169 -64.63 25.83 -21.64
CA ALA F 169 -65.40 24.68 -21.20
C ALA F 169 -64.69 23.98 -20.03
N MET F 170 -63.39 23.78 -20.14
CA MET F 170 -62.62 23.09 -19.10
C MET F 170 -62.48 23.91 -17.82
N VAL F 171 -62.20 25.20 -17.95
CA VAL F 171 -61.94 26.08 -16.79
C VAL F 171 -62.82 25.78 -15.56
N GLU F 172 -64.07 25.38 -15.78
CA GLU F 172 -64.97 25.00 -14.69
C GLU F 172 -64.56 23.71 -13.99
N TYR F 173 -63.99 22.77 -14.73
CA TYR F 173 -63.46 21.53 -14.14
C TYR F 173 -62.21 21.74 -13.27
N GLU F 174 -61.60 22.91 -13.40
CA GLU F 174 -60.35 23.25 -12.71
C GLU F 174 -59.15 22.44 -13.21
N ILE F 175 -59.18 22.05 -14.49
CA ILE F 175 -58.00 21.50 -15.14
C ILE F 175 -57.04 22.65 -15.40
N ASP F 176 -55.75 22.37 -15.38
CA ASP F 176 -54.75 23.40 -15.62
C ASP F 176 -54.90 23.95 -17.03
N LEU F 177 -55.18 25.24 -17.12
CA LEU F 177 -55.44 25.89 -18.40
C LEU F 177 -54.14 26.26 -19.10
N GLN F 178 -53.14 26.64 -18.30
CA GLN F 178 -51.88 27.21 -18.80
C GLN F 178 -51.20 26.41 -19.92
N LYS F 179 -50.68 25.23 -19.59
CA LYS F 179 -49.83 24.46 -20.51
C LYS F 179 -50.39 23.10 -20.96
N MET F 180 -51.67 22.87 -20.73
CA MET F 180 -52.35 21.66 -21.26
C MET F 180 -52.67 21.69 -22.78
N PRO F 181 -52.71 22.88 -23.41
CA PRO F 181 -52.91 22.88 -24.86
C PRO F 181 -51.64 22.47 -25.64
N LEU F 182 -50.50 23.05 -25.27
CA LEU F 182 -49.21 22.71 -25.89
C LEU F 182 -48.64 21.38 -25.35
N GLY F 183 -48.97 21.05 -24.10
CA GLY F 183 -48.51 19.80 -23.48
C GLY F 183 -49.54 18.68 -23.55
N LYS F 184 -49.35 17.77 -24.51
CA LYS F 184 -50.27 16.65 -24.70
C LYS F 184 -50.04 15.57 -23.65
N LEU F 185 -50.98 15.43 -22.72
CA LEU F 185 -50.91 14.41 -21.68
C LEU F 185 -51.13 13.04 -22.30
N SER F 186 -50.29 12.07 -21.95
CA SER F 186 -50.24 10.78 -22.65
C SER F 186 -51.51 9.94 -22.51
N LYS F 187 -51.62 8.93 -23.38
CA LYS F 187 -52.80 8.07 -23.42
C LYS F 187 -52.75 7.05 -22.30
N ARG F 188 -51.58 6.42 -22.12
CA ARG F 188 -51.34 5.49 -21.03
C ARG F 188 -51.55 6.18 -19.68
N GLN F 189 -51.19 7.47 -19.62
CA GLN F 189 -51.38 8.29 -18.43
C GLN F 189 -52.86 8.44 -18.12
N ILE F 190 -53.61 8.97 -19.08
CA ILE F 190 -55.04 9.25 -18.88
C ILE F 190 -55.80 7.99 -18.50
N GLN F 191 -55.44 6.87 -19.11
CA GLN F 191 -55.99 5.56 -18.74
C GLN F 191 -55.79 5.23 -17.26
N ALA F 192 -54.63 5.62 -16.71
CA ALA F 192 -54.35 5.47 -15.28
C ALA F 192 -55.21 6.44 -14.48
N ALA F 193 -55.28 7.69 -14.95
CA ALA F 193 -56.15 8.70 -14.37
C ALA F 193 -57.59 8.18 -14.26
N TYR F 194 -58.04 7.49 -15.31
CA TYR F 194 -59.33 6.81 -15.29
C TYR F 194 -59.37 5.77 -14.20
N SER F 195 -58.40 4.84 -14.24
CA SER F 195 -58.36 3.74 -13.29
C SER F 195 -58.45 4.24 -11.85
N ILE F 196 -57.63 5.24 -11.52
CA ILE F 196 -57.66 5.80 -10.18
C ILE F 196 -59.08 6.25 -9.82
N LEU F 197 -59.79 6.82 -10.79
CA LEU F 197 -61.19 7.18 -10.55
C LEU F 197 -62.00 5.94 -10.24
N SER F 198 -61.92 4.94 -11.13
CA SER F 198 -62.69 3.71 -10.96
C SER F 198 -62.32 3.03 -9.64
N GLU F 199 -61.08 3.20 -9.20
CA GLU F 199 -60.66 2.72 -7.89
C GLU F 199 -61.41 3.45 -6.78
N VAL F 200 -61.59 4.75 -6.96
CA VAL F 200 -62.22 5.59 -5.92
C VAL F 200 -63.69 5.29 -5.73
N GLN F 201 -64.41 5.02 -6.83
CA GLN F 201 -65.81 4.59 -6.73
C GLN F 201 -65.92 3.27 -5.96
N GLN F 202 -65.09 2.30 -6.35
CA GLN F 202 -65.02 1.02 -5.66
C GLN F 202 -64.77 1.22 -4.17
N ALA F 203 -63.82 2.10 -3.85
CA ALA F 203 -63.50 2.46 -2.47
C ALA F 203 -64.67 3.14 -1.77
N VAL F 204 -65.37 4.01 -2.50
CA VAL F 204 -66.52 4.74 -1.95
C VAL F 204 -67.71 3.81 -1.68
N SER F 205 -67.95 2.87 -2.60
CA SER F 205 -69.11 1.98 -2.51
C SER F 205 -69.07 1.10 -1.25
N GLN F 206 -67.90 0.53 -0.95
CA GLN F 206 -67.74 -0.32 0.24
C GLN F 206 -67.01 0.40 1.38
N GLY F 207 -67.36 1.67 1.57
CA GLY F 207 -66.88 2.50 2.69
C GLY F 207 -65.47 2.22 3.17
N SER F 208 -64.52 2.27 2.24
CA SER F 208 -63.12 1.94 2.54
C SER F 208 -62.45 3.05 3.36
N SER F 209 -61.20 2.78 3.78
CA SER F 209 -60.46 3.69 4.66
C SER F 209 -60.34 5.09 4.10
N ASP F 210 -60.24 6.07 4.99
CA ASP F 210 -59.93 7.44 4.57
C ASP F 210 -58.58 7.47 3.89
N SER F 211 -57.62 6.72 4.44
CA SER F 211 -56.31 6.53 3.83
C SER F 211 -56.42 6.07 2.37
N GLN F 212 -56.93 4.86 2.17
CA GLN F 212 -57.21 4.31 0.83
C GLN F 212 -57.76 5.38 -0.12
N ILE F 213 -58.78 6.11 0.33
CA ILE F 213 -59.36 7.21 -0.44
C ILE F 213 -58.34 8.34 -0.64
N LEU F 214 -57.76 8.79 0.46
CA LEU F 214 -56.74 9.85 0.44
C LEU F 214 -55.71 9.55 -0.64
N ASP F 215 -55.17 8.34 -0.61
CA ASP F 215 -54.14 7.92 -1.54
C ASP F 215 -54.57 8.15 -2.98
N LEU F 216 -55.80 7.77 -3.30
CA LEU F 216 -56.31 7.92 -4.65
C LEU F 216 -56.43 9.40 -5.02
N SER F 217 -57.06 10.19 -4.14
CA SER F 217 -57.19 11.63 -4.38
C SER F 217 -55.83 12.23 -4.69
N ASN F 218 -54.83 11.91 -3.88
CA ASN F 218 -53.45 12.32 -4.14
C ASN F 218 -52.99 11.81 -5.50
N ARG F 219 -53.19 10.52 -5.75
CA ARG F 219 -52.73 9.91 -6.98
C ARG F 219 -53.33 10.61 -8.21
N PHE F 220 -54.62 10.91 -8.15
CA PHE F 220 -55.31 11.49 -9.29
C PHE F 220 -54.82 12.90 -9.62
N TYR F 221 -54.83 13.79 -8.62
CA TYR F 221 -54.44 15.18 -8.84
C TYR F 221 -52.97 15.31 -9.22
N THR F 222 -52.15 14.37 -8.77
CA THR F 222 -50.73 14.35 -9.16
C THR F 222 -50.63 14.03 -10.64
N LEU F 223 -51.43 13.08 -11.07
CA LEU F 223 -51.38 12.56 -12.42
C LEU F 223 -52.05 13.52 -13.41
N ILE F 224 -53.08 14.26 -12.95
CA ILE F 224 -53.78 15.23 -13.80
C ILE F 224 -53.80 16.61 -13.14
N PRO F 225 -52.84 17.47 -13.49
CA PRO F 225 -52.69 18.73 -12.77
C PRO F 225 -53.96 19.57 -12.76
N HIS F 226 -54.44 19.92 -11.58
CA HIS F 226 -55.56 20.83 -11.43
C HIS F 226 -55.10 22.16 -10.93
N ASP F 227 -55.98 23.14 -11.01
CA ASP F 227 -55.70 24.47 -10.53
C ASP F 227 -56.73 24.89 -9.49
N PHE F 228 -56.39 24.71 -8.22
CA PHE F 228 -57.24 25.18 -7.14
C PHE F 228 -56.69 26.47 -6.51
N GLY F 229 -55.92 27.23 -7.28
CA GLY F 229 -55.28 28.43 -6.76
C GLY F 229 -54.57 28.16 -5.44
N MET F 230 -55.00 28.86 -4.40
CA MET F 230 -54.36 28.80 -3.08
C MET F 230 -55.12 27.95 -2.07
N LYS F 231 -56.01 27.08 -2.52
CA LYS F 231 -56.79 26.25 -1.59
C LYS F 231 -56.62 24.76 -1.85
N LYS F 232 -56.82 23.95 -0.81
CA LYS F 232 -56.46 22.53 -0.83
C LYS F 232 -57.25 21.75 -1.87
N PRO F 233 -56.58 20.84 -2.60
CA PRO F 233 -57.31 19.90 -3.44
C PRO F 233 -58.34 19.16 -2.62
N PRO F 234 -59.59 19.07 -3.11
CA PRO F 234 -60.64 18.40 -2.36
C PRO F 234 -60.63 16.88 -2.58
N LEU F 235 -60.98 16.14 -1.54
CA LEU F 235 -60.95 14.68 -1.57
C LEU F 235 -62.06 14.14 -2.46
N LEU F 236 -61.75 13.07 -3.20
CA LEU F 236 -62.73 12.39 -4.02
C LEU F 236 -63.43 11.34 -3.15
N ASN F 237 -64.38 11.81 -2.33
CA ASN F 237 -65.14 10.95 -1.40
C ASN F 237 -66.58 10.63 -1.85
N ASN F 238 -67.14 11.45 -2.75
CA ASN F 238 -68.52 11.27 -3.22
C ASN F 238 -68.65 10.26 -4.35
N ALA F 239 -69.88 9.86 -4.64
CA ALA F 239 -70.18 9.03 -5.79
C ALA F 239 -70.09 9.88 -7.06
N ASP F 240 -70.55 11.12 -6.98
CA ASP F 240 -70.67 11.98 -8.15
C ASP F 240 -69.43 12.86 -8.38
N SER F 241 -68.60 13.02 -7.36
CA SER F 241 -67.34 13.75 -7.53
C SER F 241 -66.47 12.99 -8.53
N VAL F 242 -66.45 11.66 -8.40
CA VAL F 242 -65.78 10.80 -9.37
C VAL F 242 -66.40 10.98 -10.76
N GLN F 243 -67.72 10.83 -10.83
CA GLN F 243 -68.45 11.03 -12.08
C GLN F 243 -68.06 12.35 -12.74
N ALA F 244 -67.98 13.40 -11.93
CA ALA F 244 -67.55 14.72 -12.36
C ALA F 244 -66.17 14.67 -13.01
N LYS F 245 -65.22 14.03 -12.32
CA LYS F 245 -63.86 13.91 -12.82
C LYS F 245 -63.78 12.95 -13.99
N ALA F 246 -64.69 11.98 -14.03
CA ALA F 246 -64.81 11.10 -15.18
C ALA F 246 -65.23 11.92 -16.39
N GLU F 247 -66.30 12.69 -16.23
CA GLU F 247 -66.78 13.57 -17.29
C GLU F 247 -65.66 14.47 -17.81
N MET F 248 -64.89 15.04 -16.88
CA MET F 248 -63.77 15.91 -17.23
C MET F 248 -62.82 15.23 -18.21
N LEU F 249 -62.39 14.02 -17.85
CA LEU F 249 -61.46 13.27 -18.69
C LEU F 249 -62.08 13.06 -20.07
N ASP F 250 -63.33 12.58 -20.10
CA ASP F 250 -64.03 12.35 -21.37
C ASP F 250 -63.91 13.59 -22.25
N ASN F 251 -64.31 14.74 -21.68
CA ASN F 251 -64.29 16.02 -22.39
C ASN F 251 -62.89 16.43 -22.81
N LEU F 252 -61.96 16.34 -21.86
CA LEU F 252 -60.55 16.67 -22.10
C LEU F 252 -59.98 15.82 -23.23
N LEU F 253 -60.35 14.55 -23.26
CA LEU F 253 -59.90 13.64 -24.30
C LEU F 253 -60.33 14.16 -25.68
N ASP F 254 -61.58 14.59 -25.79
CA ASP F 254 -62.13 15.03 -27.08
C ASP F 254 -61.57 16.35 -27.58
N ILE F 255 -61.06 17.19 -26.67
CA ILE F 255 -60.43 18.44 -27.06
C ILE F 255 -59.10 18.16 -27.75
N GLU F 256 -58.31 17.27 -27.16
CA GLU F 256 -57.03 16.87 -27.73
C GLU F 256 -57.27 16.07 -29.02
N VAL F 257 -58.43 15.43 -29.12
CA VAL F 257 -58.86 14.77 -30.35
C VAL F 257 -59.23 15.81 -31.41
N ALA F 258 -59.84 16.91 -30.98
CA ALA F 258 -60.17 18.01 -31.90
C ALA F 258 -58.93 18.71 -32.40
N TYR F 259 -57.93 18.85 -31.54
CA TYR F 259 -56.62 19.35 -31.94
C TYR F 259 -55.98 18.41 -32.95
N SER F 260 -55.94 17.11 -32.63
CA SER F 260 -55.36 16.09 -33.50
C SER F 260 -55.88 16.18 -34.93
N LEU F 261 -57.19 16.42 -35.07
CA LEU F 261 -57.78 16.68 -36.37
C LEU F 261 -57.22 17.99 -36.94
N LEU F 262 -57.43 19.08 -36.20
CA LEU F 262 -57.08 20.44 -36.68
C LEU F 262 -55.62 20.57 -37.12
N ARG F 263 -54.71 20.00 -36.32
CA ARG F 263 -53.28 20.01 -36.64
C ARG F 263 -52.96 18.84 -37.56
N GLY F 264 -52.76 19.12 -38.85
CA GLY F 264 -52.36 18.07 -39.80
C GLY F 264 -52.94 18.25 -41.19
N GLY F 265 -52.81 17.21 -42.00
CA GLY F 265 -53.26 17.24 -43.39
C GLY F 265 -52.11 17.52 -44.34
N SER F 266 -52.41 18.22 -45.44
CA SER F 266 -51.41 18.62 -46.42
C SER F 266 -51.59 20.09 -46.80
N ASP F 267 -50.80 20.96 -46.17
CA ASP F 267 -50.93 22.41 -46.35
C ASP F 267 -50.41 22.87 -47.71
N ASP F 268 -51.23 22.68 -48.75
CA ASP F 268 -50.90 23.12 -50.12
C ASP F 268 -51.89 24.19 -50.55
N SER F 269 -51.38 25.23 -51.21
CA SER F 269 -52.20 26.38 -51.61
C SER F 269 -53.21 26.01 -52.71
N SER F 270 -54.32 25.39 -52.29
CA SER F 270 -55.37 24.96 -53.22
C SER F 270 -56.76 25.11 -52.60
N LYS F 271 -57.04 24.33 -51.56
CA LYS F 271 -58.33 24.35 -50.87
C LYS F 271 -58.41 25.53 -49.89
N ASP F 272 -59.60 25.72 -49.30
CA ASP F 272 -59.82 26.79 -48.33
C ASP F 272 -59.69 26.25 -46.90
N PRO F 273 -59.49 27.15 -45.91
CA PRO F 273 -59.28 26.71 -44.52
C PRO F 273 -60.46 25.95 -43.94
N ILE F 274 -61.68 26.45 -44.14
CA ILE F 274 -62.88 25.80 -43.63
C ILE F 274 -63.07 24.43 -44.30
N ASP F 275 -62.73 24.35 -45.59
CA ASP F 275 -62.79 23.09 -46.33
C ASP F 275 -61.77 22.07 -45.82
N VAL F 276 -60.59 22.54 -45.44
CA VAL F 276 -59.55 21.67 -44.89
C VAL F 276 -60.07 20.95 -43.63
N ASN F 277 -60.70 21.71 -42.75
CA ASN F 277 -61.29 21.15 -41.52
C ASN F 277 -62.55 20.32 -41.78
N TYR F 278 -63.31 20.66 -42.81
CA TYR F 278 -64.49 19.87 -43.20
C TYR F 278 -64.09 18.48 -43.62
N GLU F 279 -63.10 18.40 -44.51
CA GLU F 279 -62.60 17.12 -45.02
C GLU F 279 -62.01 16.24 -43.90
N LYS F 280 -61.50 16.87 -42.85
CA LYS F 280 -60.96 16.16 -41.69
C LYS F 280 -62.07 15.49 -40.85
N LEU F 281 -63.28 16.03 -40.89
CA LEU F 281 -64.43 15.43 -40.19
C LEU F 281 -64.83 14.07 -40.78
N LYS F 282 -64.45 13.82 -42.03
CA LYS F 282 -64.66 12.53 -42.69
C LYS F 282 -66.16 12.17 -42.69
N THR F 283 -67.00 13.13 -43.06
CA THR F 283 -68.46 12.93 -43.11
C THR F 283 -69.09 13.80 -44.20
N ASP F 284 -70.19 13.32 -44.77
CA ASP F 284 -70.97 14.09 -45.74
C ASP F 284 -72.15 14.76 -45.04
N ILE F 285 -72.04 16.08 -44.83
CA ILE F 285 -73.09 16.86 -44.19
C ILE F 285 -73.86 17.65 -45.23
N LYS F 286 -75.18 17.67 -45.11
CA LYS F 286 -76.05 18.42 -46.00
C LYS F 286 -77.06 19.21 -45.18
N VAL F 287 -77.61 20.27 -45.77
CA VAL F 287 -78.60 21.10 -45.10
C VAL F 287 -80.01 20.72 -45.57
N VAL F 288 -80.78 20.08 -44.70
CA VAL F 288 -82.20 19.83 -44.97
C VAL F 288 -82.92 21.18 -44.99
N ASP F 289 -83.64 21.47 -46.07
CA ASP F 289 -84.32 22.75 -46.21
C ASP F 289 -85.55 22.78 -45.31
N ARG F 290 -85.91 23.97 -44.83
CA ARG F 290 -87.05 24.14 -43.94
C ARG F 290 -88.37 23.82 -44.66
N ASP F 291 -88.39 24.06 -45.98
CA ASP F 291 -89.53 23.70 -46.84
C ASP F 291 -89.75 22.19 -46.94
N SER F 292 -88.67 21.42 -46.72
CA SER F 292 -88.72 19.96 -46.82
C SER F 292 -89.81 19.35 -45.94
N GLU F 293 -90.44 18.29 -46.46
CA GLU F 293 -91.52 17.60 -45.74
C GLU F 293 -90.96 16.75 -44.59
N GLU F 294 -89.75 16.20 -44.78
CA GLU F 294 -89.05 15.47 -43.71
C GLU F 294 -88.60 16.38 -42.58
N ALA F 295 -88.27 17.63 -42.92
CA ALA F 295 -87.84 18.62 -41.94
C ALA F 295 -88.98 18.99 -40.99
N GLU F 296 -90.20 19.00 -41.52
CA GLU F 296 -91.41 19.19 -40.70
C GLU F 296 -91.52 18.13 -39.60
N ILE F 297 -91.14 16.89 -39.92
CA ILE F 297 -91.22 15.77 -38.97
C ILE F 297 -90.30 15.98 -37.77
N ILE F 298 -89.04 16.32 -38.05
CA ILE F 298 -88.05 16.58 -37.01
C ILE F 298 -88.52 17.69 -36.09
N ARG F 299 -88.92 18.82 -36.67
CA ARG F 299 -89.46 19.94 -35.89
C ARG F 299 -90.65 19.49 -35.05
N LYS F 300 -91.46 18.57 -35.61
CA LYS F 300 -92.54 17.96 -34.86
C LYS F 300 -91.96 17.14 -33.71
N TYR F 301 -91.01 16.26 -34.05
CA TYR F 301 -90.33 15.43 -33.04
C TYR F 301 -89.79 16.30 -31.90
N VAL F 302 -89.21 17.45 -32.26
CA VAL F 302 -88.69 18.42 -31.29
C VAL F 302 -89.80 19.01 -30.43
N LYS F 303 -90.75 19.68 -31.08
CA LYS F 303 -91.86 20.35 -30.39
C LYS F 303 -92.69 19.38 -29.55
N ASN F 304 -92.91 18.18 -30.08
CA ASN F 304 -93.77 17.18 -29.42
C ASN F 304 -93.13 16.58 -28.19
N THR F 305 -91.88 16.14 -28.33
CA THR F 305 -91.22 15.35 -27.30
C THR F 305 -90.31 16.20 -26.39
N HIS F 306 -90.88 17.27 -25.85
CA HIS F 306 -90.25 18.07 -24.80
C HIS F 306 -90.84 17.64 -23.49
N ALA F 307 -90.02 17.61 -22.44
CA ALA F 307 -90.43 17.03 -21.16
C ALA F 307 -91.31 17.98 -20.36
N THR F 308 -92.33 17.44 -19.71
CA THR F 308 -93.19 18.23 -18.83
C THR F 308 -92.42 18.70 -17.59
N THR F 309 -91.44 17.92 -17.16
CA THR F 309 -90.62 18.23 -15.99
C THR F 309 -89.39 19.09 -16.33
N HIS F 310 -88.95 19.07 -17.59
CA HIS F 310 -87.80 19.88 -18.04
C HIS F 310 -88.24 21.22 -18.58
N ASN F 311 -88.98 21.97 -17.76
CA ASN F 311 -89.54 23.26 -18.16
C ASN F 311 -88.62 24.47 -17.94
N ALA F 312 -87.38 24.21 -17.55
CA ALA F 312 -86.39 25.27 -17.35
C ALA F 312 -86.06 26.01 -18.64
N TYR F 313 -86.16 25.33 -19.78
CA TYR F 313 -85.88 25.96 -21.07
C TYR F 313 -86.91 25.62 -22.14
N ASP F 314 -86.71 26.20 -23.32
CA ASP F 314 -87.65 26.12 -24.44
C ASP F 314 -86.81 26.01 -25.71
N LEU F 315 -87.06 24.98 -26.51
CA LEU F 315 -86.25 24.72 -27.69
C LEU F 315 -86.67 25.57 -28.89
N GLU F 316 -85.81 25.62 -29.89
CA GLU F 316 -86.05 26.41 -31.10
C GLU F 316 -85.06 25.96 -32.19
N VAL F 317 -85.52 25.09 -33.08
CA VAL F 317 -84.64 24.47 -34.08
C VAL F 317 -84.12 25.50 -35.10
N ILE F 318 -82.88 25.93 -34.91
CA ILE F 318 -82.24 26.87 -35.83
C ILE F 318 -81.96 26.19 -37.18
N ASP F 319 -81.49 24.94 -37.12
CA ASP F 319 -81.09 24.19 -38.32
C ASP F 319 -81.43 22.71 -38.23
N ILE F 320 -81.41 22.06 -39.39
CA ILE F 320 -81.45 20.61 -39.50
C ILE F 320 -80.35 20.21 -40.48
N PHE F 321 -79.47 19.30 -40.07
CA PHE F 321 -78.44 18.77 -40.96
C PHE F 321 -78.62 17.27 -41.15
N LYS F 322 -78.58 16.82 -42.40
CA LYS F 322 -78.52 15.38 -42.69
C LYS F 322 -77.05 14.97 -42.69
N ILE F 323 -76.70 14.01 -41.84
CA ILE F 323 -75.31 13.64 -41.58
C ILE F 323 -75.02 12.20 -42.03
N GLU F 324 -73.92 12.04 -42.77
CA GLU F 324 -73.55 10.74 -43.35
C GLU F 324 -72.06 10.48 -43.12
N ARG F 325 -71.76 9.68 -42.11
CA ARG F 325 -70.38 9.37 -41.75
C ARG F 325 -69.70 8.47 -42.76
N GLU F 326 -68.37 8.57 -42.83
CA GLU F 326 -67.56 7.74 -43.72
C GLU F 326 -67.65 6.27 -43.31
N GLY F 327 -68.33 5.47 -44.13
CA GLY F 327 -68.40 4.02 -43.91
C GLY F 327 -69.27 3.55 -42.76
N GLU F 328 -70.10 4.44 -42.21
CA GLU F 328 -71.02 4.08 -41.13
C GLU F 328 -72.19 3.24 -41.65
N CYS F 329 -72.40 3.27 -42.97
CA CYS F 329 -73.41 2.44 -43.63
C CYS F 329 -72.84 1.08 -44.04
N GLN F 330 -71.52 1.01 -44.23
CA GLN F 330 -70.82 -0.25 -44.48
C GLN F 330 -70.86 -1.15 -43.24
N ARG F 331 -70.80 -0.54 -42.06
CA ARG F 331 -70.82 -1.26 -40.78
C ARG F 331 -72.23 -1.48 -40.20
N TYR F 332 -73.21 -0.73 -40.71
CA TYR F 332 -74.59 -0.82 -40.20
C TYR F 332 -75.46 -1.78 -41.03
N LYS F 333 -75.03 -2.07 -42.26
CA LYS F 333 -75.69 -3.08 -43.12
C LYS F 333 -76.12 -4.36 -42.38
N PRO F 334 -75.23 -4.93 -41.53
CA PRO F 334 -75.61 -6.06 -40.68
C PRO F 334 -76.95 -5.89 -39.96
N PHE F 335 -77.20 -4.71 -39.42
CA PHE F 335 -78.37 -4.47 -38.55
C PHE F 335 -79.59 -3.90 -39.26
N LYS F 336 -79.49 -3.62 -40.57
CA LYS F 336 -80.67 -3.31 -41.37
C LYS F 336 -81.55 -4.55 -41.53
N GLN F 337 -80.94 -5.73 -41.30
CA GLN F 337 -81.70 -6.97 -41.18
C GLN F 337 -82.49 -6.98 -39.88
N LEU F 338 -81.90 -6.41 -38.83
CA LEU F 338 -82.48 -6.40 -37.48
C LEU F 338 -83.79 -5.63 -37.42
N HIS F 339 -84.76 -6.19 -36.69
CA HIS F 339 -86.07 -5.58 -36.51
C HIS F 339 -86.02 -4.53 -35.43
N ASN F 340 -87.13 -3.84 -35.23
CA ASN F 340 -87.26 -2.82 -34.18
C ASN F 340 -86.15 -1.77 -34.26
N ARG F 341 -86.16 -0.98 -35.32
CA ARG F 341 -85.21 0.11 -35.49
C ARG F 341 -85.92 1.41 -35.16
N ARG F 342 -85.25 2.28 -34.40
CA ARG F 342 -85.86 3.50 -33.86
C ARG F 342 -84.97 4.72 -34.10
N LEU F 343 -85.58 5.81 -34.57
CA LEU F 343 -84.89 7.09 -34.72
C LEU F 343 -84.97 7.82 -33.37
N LEU F 344 -83.82 7.96 -32.71
CA LEU F 344 -83.77 8.40 -31.32
C LEU F 344 -82.78 9.55 -31.07
N TRP F 345 -83.09 10.37 -30.08
CA TRP F 345 -82.26 11.53 -29.74
C TRP F 345 -81.04 11.12 -28.98
N HIS F 346 -79.96 11.89 -29.16
CA HIS F 346 -78.75 11.79 -28.34
C HIS F 346 -78.07 13.11 -28.31
N GLY F 347 -77.94 13.69 -27.13
CA GLY F 347 -77.26 14.96 -26.97
C GLY F 347 -75.88 14.79 -26.36
N SER F 348 -75.00 15.74 -26.66
CA SER F 348 -73.68 15.76 -26.07
C SER F 348 -73.09 17.15 -26.23
N ARG F 349 -72.05 17.44 -25.45
CA ARG F 349 -71.42 18.74 -25.48
C ARG F 349 -70.97 19.12 -26.87
N THR F 350 -71.11 20.39 -27.21
CA THR F 350 -70.61 20.93 -28.46
C THR F 350 -69.12 20.58 -28.70
N THR F 351 -68.35 20.42 -27.62
CA THR F 351 -66.92 20.08 -27.73
C THR F 351 -66.71 18.65 -28.25
N ASN F 352 -67.64 17.75 -27.90
CA ASN F 352 -67.57 16.35 -28.30
C ASN F 352 -67.84 16.13 -29.79
N PHE F 353 -68.64 17.02 -30.39
CA PHE F 353 -69.10 16.85 -31.77
C PHE F 353 -67.99 16.93 -32.82
N ALA F 354 -66.84 17.51 -32.46
CA ALA F 354 -65.67 17.48 -33.31
C ALA F 354 -65.18 16.04 -33.50
N GLY F 355 -65.27 15.24 -32.44
CA GLY F 355 -64.82 13.85 -32.46
C GLY F 355 -65.93 12.85 -32.75
N ILE F 356 -67.16 13.20 -32.37
CA ILE F 356 -68.32 12.33 -32.63
C ILE F 356 -68.53 12.14 -34.13
N LEU F 357 -68.25 13.20 -34.91
CA LEU F 357 -68.29 13.12 -36.36
C LEU F 357 -67.19 12.22 -36.92
N SER F 358 -65.95 12.43 -36.48
CA SER F 358 -64.79 11.75 -37.05
C SER F 358 -64.64 10.27 -36.64
N GLN F 359 -65.20 9.90 -35.49
CA GLN F 359 -65.11 8.52 -34.99
C GLN F 359 -66.47 7.86 -34.71
N GLY F 360 -67.57 8.57 -34.96
CA GLY F 360 -68.90 8.05 -34.63
C GLY F 360 -69.12 8.05 -33.14
N LEU F 361 -70.26 7.53 -32.70
CA LEU F 361 -70.54 7.40 -31.28
C LEU F 361 -69.76 6.23 -30.69
N ARG F 362 -69.08 6.49 -29.59
CA ARG F 362 -68.19 5.51 -28.96
C ARG F 362 -68.69 5.16 -27.56
N ILE F 363 -68.28 3.99 -27.08
CA ILE F 363 -68.63 3.54 -25.73
C ILE F 363 -67.50 3.96 -24.81
N ALA F 364 -67.82 4.20 -23.54
CA ALA F 364 -66.80 4.54 -22.55
C ALA F 364 -65.66 3.52 -22.57
N PRO F 365 -64.42 3.96 -22.30
CA PRO F 365 -63.34 2.98 -22.22
C PRO F 365 -63.52 2.00 -21.07
N PRO F 366 -62.87 0.84 -21.14
CA PRO F 366 -63.02 -0.18 -20.09
C PRO F 366 -62.43 0.26 -18.75
N GLU F 367 -61.38 1.08 -18.79
CA GLU F 367 -60.73 1.59 -17.58
C GLU F 367 -61.66 2.51 -16.80
N ALA F 368 -62.45 3.30 -17.54
CA ALA F 368 -63.32 4.33 -16.97
C ALA F 368 -64.30 3.78 -15.94
N PRO F 369 -64.75 4.64 -15.01
CA PRO F 369 -65.70 4.20 -13.99
C PRO F 369 -67.10 4.04 -14.56
N VAL F 370 -67.91 3.20 -13.92
CA VAL F 370 -69.28 2.96 -14.37
C VAL F 370 -70.27 3.90 -13.68
N THR F 371 -69.77 4.72 -12.77
CA THR F 371 -70.61 5.70 -12.08
C THR F 371 -71.20 6.68 -13.08
N GLY F 372 -72.48 7.02 -12.89
CA GLY F 372 -73.17 7.96 -13.75
C GLY F 372 -74.05 7.27 -14.77
N TYR F 373 -73.55 6.16 -15.30
CA TYR F 373 -74.33 5.31 -16.20
C TYR F 373 -75.35 4.53 -15.39
N MET F 374 -76.53 4.33 -15.97
CA MET F 374 -77.60 3.61 -15.29
C MET F 374 -77.42 2.11 -15.48
N PHE F 375 -77.16 1.71 -16.73
CA PHE F 375 -77.07 0.31 -17.12
C PHE F 375 -75.73 0.02 -17.78
N GLY F 376 -74.67 0.67 -17.29
CA GLY F 376 -73.32 0.38 -17.74
C GLY F 376 -72.93 1.01 -19.06
N LYS F 377 -71.65 0.90 -19.39
CA LYS F 377 -71.05 1.61 -20.51
C LYS F 377 -71.60 1.11 -21.84
N GLY F 378 -72.01 2.06 -22.68
CA GLY F 378 -72.65 1.77 -23.96
C GLY F 378 -73.28 3.07 -24.44
N ILE F 379 -73.70 3.14 -25.69
CA ILE F 379 -74.28 4.37 -26.20
C ILE F 379 -75.68 4.51 -25.63
N TYR F 380 -75.99 5.68 -25.06
CA TYR F 380 -77.33 5.93 -24.51
C TYR F 380 -78.15 6.82 -25.45
N PHE F 381 -79.45 6.53 -25.55
CA PHE F 381 -80.37 7.28 -26.39
C PHE F 381 -81.69 7.53 -25.68
N ALA F 382 -82.35 8.61 -26.06
CA ALA F 382 -83.66 8.98 -25.50
C ALA F 382 -84.66 9.24 -26.61
N ASP F 383 -85.92 8.95 -26.32
CA ASP F 383 -87.03 9.21 -27.24
C ASP F 383 -87.53 10.66 -27.16
N MET F 384 -87.09 11.39 -26.13
CA MET F 384 -87.51 12.78 -25.93
C MET F 384 -86.35 13.74 -26.20
N VAL F 385 -86.60 14.74 -27.04
CA VAL F 385 -85.54 15.69 -27.42
C VAL F 385 -85.03 16.49 -26.22
N SER F 386 -85.90 16.75 -25.24
CA SER F 386 -85.54 17.46 -24.03
C SER F 386 -84.48 16.73 -23.21
N LYS F 387 -84.79 15.48 -22.82
CA LYS F 387 -83.89 14.68 -21.99
C LYS F 387 -82.48 14.63 -22.60
N SER F 388 -82.40 14.33 -23.89
CA SER F 388 -81.11 14.33 -24.59
C SER F 388 -80.52 15.73 -24.73
N ALA F 389 -81.38 16.74 -24.88
CA ALA F 389 -80.93 18.16 -24.99
C ALA F 389 -80.13 18.67 -23.79
N ASN F 390 -80.39 18.10 -22.61
CA ASN F 390 -79.66 18.46 -21.38
C ASN F 390 -78.16 18.08 -21.41
N TYR F 391 -77.76 17.23 -22.36
CA TYR F 391 -76.36 16.82 -22.49
C TYR F 391 -75.59 17.74 -23.42
N CYS F 392 -76.28 18.69 -24.03
CA CYS F 392 -75.63 19.76 -24.79
C CYS F 392 -74.93 20.77 -23.87
N HIS F 393 -75.40 20.85 -22.61
CA HIS F 393 -74.84 21.75 -21.60
C HIS F 393 -74.79 23.17 -22.09
N THR F 394 -75.95 23.78 -22.26
CA THR F 394 -76.02 25.20 -22.61
C THR F 394 -76.47 26.04 -21.42
N SER F 395 -76.28 27.35 -21.57
CA SER F 395 -76.61 28.31 -20.55
C SER F 395 -77.18 29.58 -21.18
N GLN F 396 -77.47 30.58 -20.35
CA GLN F 396 -78.05 31.84 -20.82
C GLN F 396 -77.03 32.71 -21.58
N GLY F 397 -75.75 32.40 -21.42
CA GLY F 397 -74.67 33.09 -22.14
C GLY F 397 -74.17 32.33 -23.36
N ASP F 398 -74.27 30.99 -23.31
CA ASP F 398 -73.99 30.13 -24.45
C ASP F 398 -75.29 29.43 -24.85
N PRO F 399 -76.06 30.05 -25.76
CA PRO F 399 -77.42 29.59 -26.05
C PRO F 399 -77.53 28.46 -27.07
N ILE F 400 -76.69 28.47 -28.11
CA ILE F 400 -76.74 27.40 -29.13
C ILE F 400 -76.22 26.06 -28.58
N GLY F 401 -76.74 24.96 -29.12
CA GLY F 401 -76.33 23.61 -28.74
C GLY F 401 -76.61 22.60 -29.85
N LEU F 402 -75.87 21.50 -29.86
CA LEU F 402 -76.06 20.47 -30.89
C LEU F 402 -76.64 19.20 -30.28
N ILE F 403 -77.59 18.59 -31.01
CA ILE F 403 -78.23 17.34 -30.60
C ILE F 403 -78.38 16.40 -31.82
N LEU F 404 -78.24 15.09 -31.59
CA LEU F 404 -78.21 14.10 -32.67
C LEU F 404 -79.49 13.31 -32.78
N LEU F 405 -79.68 12.70 -33.95
CA LEU F 405 -80.76 11.75 -34.20
C LEU F 405 -80.23 10.57 -34.98
N GLY F 406 -80.22 9.40 -34.34
CA GLY F 406 -79.61 8.21 -34.94
C GLY F 406 -80.56 7.06 -35.12
N GLU F 407 -80.52 6.45 -36.31
CA GLU F 407 -81.14 5.15 -36.53
C GLU F 407 -80.33 4.15 -35.70
N VAL F 408 -80.90 3.75 -34.57
CA VAL F 408 -80.22 2.87 -33.61
C VAL F 408 -80.97 1.54 -33.53
N ALA F 409 -80.39 0.49 -34.14
CA ALA F 409 -81.05 -0.81 -34.25
C ALA F 409 -81.18 -1.52 -32.90
N LEU F 410 -82.31 -1.28 -32.23
CA LEU F 410 -82.55 -1.82 -30.89
C LEU F 410 -82.74 -3.33 -30.92
N GLY F 411 -83.56 -3.81 -31.84
CA GLY F 411 -83.82 -5.23 -31.99
C GLY F 411 -84.64 -5.81 -30.85
N ASN F 412 -84.24 -6.97 -30.38
CA ASN F 412 -84.90 -7.65 -29.27
C ASN F 412 -84.44 -7.02 -27.96
N MET F 413 -85.30 -6.21 -27.37
CA MET F 413 -84.91 -5.31 -26.27
C MET F 413 -84.94 -5.98 -24.91
N TYR F 414 -83.94 -5.71 -24.09
CA TYR F 414 -83.94 -6.15 -22.68
C TYR F 414 -84.50 -5.01 -21.82
N GLU F 415 -85.68 -5.24 -21.25
CA GLU F 415 -86.40 -4.19 -20.53
C GLU F 415 -86.07 -4.19 -19.05
N LEU F 416 -85.76 -2.99 -18.52
CA LEU F 416 -85.37 -2.83 -17.12
C LEU F 416 -86.08 -1.64 -16.48
N LYS F 417 -86.51 -1.84 -15.23
CA LYS F 417 -87.24 -0.85 -14.46
C LYS F 417 -86.28 -0.07 -13.55
N HIS F 418 -85.47 -0.80 -12.79
CA HIS F 418 -84.51 -0.20 -11.87
C HIS F 418 -83.12 -0.22 -12.42
N ALA F 419 -82.27 0.67 -11.91
CA ALA F 419 -80.88 0.79 -12.36
C ALA F 419 -80.10 -0.49 -12.05
N SER F 420 -79.34 -0.98 -13.04
CA SER F 420 -78.67 -2.28 -12.93
C SER F 420 -77.45 -2.37 -13.85
N HIS F 421 -76.26 -2.23 -13.27
CA HIS F 421 -75.02 -2.24 -14.04
C HIS F 421 -74.81 -3.60 -14.63
N ILE F 422 -75.01 -3.70 -15.95
CA ILE F 422 -74.91 -4.98 -16.67
C ILE F 422 -73.55 -5.13 -17.35
N SER F 423 -73.03 -6.36 -17.34
CA SER F 423 -71.78 -6.70 -18.04
C SER F 423 -72.12 -7.35 -19.36
N LYS F 424 -72.77 -8.51 -19.28
CA LYS F 424 -73.18 -9.27 -20.45
C LYS F 424 -74.70 -9.14 -20.60
N LEU F 425 -75.16 -9.03 -21.84
CA LEU F 425 -76.59 -9.01 -22.11
C LEU F 425 -77.15 -10.43 -21.96
N PRO F 426 -78.44 -10.56 -21.61
CA PRO F 426 -79.06 -11.89 -21.67
C PRO F 426 -79.07 -12.40 -23.11
N LYS F 427 -79.31 -13.70 -23.28
CA LYS F 427 -79.24 -14.31 -24.62
C LYS F 427 -80.30 -13.76 -25.56
N GLY F 428 -79.90 -13.53 -26.80
CA GLY F 428 -80.81 -13.12 -27.86
C GLY F 428 -81.26 -11.67 -27.79
N LYS F 429 -80.73 -10.93 -26.82
CA LYS F 429 -81.06 -9.51 -26.64
C LYS F 429 -79.94 -8.69 -27.26
N HIS F 430 -80.33 -7.73 -28.11
CA HIS F 430 -79.36 -6.87 -28.81
C HIS F 430 -79.29 -5.48 -28.25
N SER F 431 -80.07 -5.22 -27.19
CA SER F 431 -80.15 -3.89 -26.59
C SER F 431 -80.83 -3.94 -25.23
N VAL F 432 -80.72 -2.84 -24.49
CA VAL F 432 -81.43 -2.67 -23.22
C VAL F 432 -82.34 -1.44 -23.30
N LYS F 433 -83.47 -1.50 -22.61
CA LYS F 433 -84.39 -0.37 -22.53
C LYS F 433 -84.69 -0.04 -21.07
N GLY F 434 -84.62 1.26 -20.76
CA GLY F 434 -84.99 1.75 -19.44
C GLY F 434 -86.41 2.25 -19.50
N LEU F 435 -87.31 1.56 -18.80
CA LEU F 435 -88.74 1.86 -18.86
C LEU F 435 -89.10 3.04 -17.96
N GLY F 436 -89.65 4.09 -18.56
CA GLY F 436 -90.03 5.30 -17.84
C GLY F 436 -91.52 5.43 -17.59
N LYS F 437 -91.89 6.42 -16.77
CA LYS F 437 -93.30 6.73 -16.50
C LYS F 437 -93.99 7.23 -17.77
N THR F 438 -93.40 8.27 -18.36
CA THR F 438 -93.94 8.89 -19.58
C THR F 438 -93.30 8.29 -20.82
N THR F 439 -94.13 7.96 -21.81
CA THR F 439 -93.67 7.45 -23.10
C THR F 439 -94.42 8.18 -24.21
N PRO F 440 -93.73 8.51 -25.33
CA PRO F 440 -94.43 9.13 -26.46
C PRO F 440 -95.46 8.17 -27.05
N ASP F 441 -96.65 8.69 -27.36
CA ASP F 441 -97.82 7.86 -27.70
C ASP F 441 -97.51 6.78 -28.75
N PRO F 442 -97.52 5.50 -28.33
CA PRO F 442 -97.22 4.41 -29.28
C PRO F 442 -98.23 4.27 -30.42
N SER F 443 -99.44 4.81 -30.25
CA SER F 443 -100.46 4.83 -31.31
C SER F 443 -100.36 6.08 -32.21
N ALA F 444 -99.23 6.79 -32.13
CA ALA F 444 -98.94 7.90 -33.04
C ALA F 444 -97.48 7.81 -33.54
N ASN F 445 -96.95 6.59 -33.61
CA ASN F 445 -95.57 6.37 -34.02
C ASN F 445 -95.40 6.40 -35.53
N ILE F 446 -95.02 7.57 -36.06
CA ILE F 446 -94.81 7.77 -37.49
C ILE F 446 -93.56 7.02 -37.96
N SER F 447 -93.51 6.68 -39.25
CA SER F 447 -92.34 6.02 -39.85
C SER F 447 -91.48 7.02 -40.64
N LEU F 448 -90.26 6.60 -41.00
CA LEU F 448 -89.31 7.46 -41.71
C LEU F 448 -88.18 6.64 -42.37
N ASP F 449 -88.30 6.42 -43.69
CA ASP F 449 -87.33 5.63 -44.47
C ASP F 449 -87.18 4.19 -43.97
N GLY F 450 -88.26 3.65 -43.39
CA GLY F 450 -88.19 2.35 -42.73
C GLY F 450 -87.55 2.44 -41.35
N VAL F 451 -87.84 3.54 -40.64
CA VAL F 451 -87.36 3.75 -39.26
C VAL F 451 -88.52 4.32 -38.44
N ASP F 452 -88.79 3.69 -37.29
CA ASP F 452 -89.94 4.08 -36.46
C ASP F 452 -89.61 5.31 -35.60
N VAL F 453 -90.27 6.43 -35.89
CA VAL F 453 -90.04 7.71 -35.18
C VAL F 453 -91.15 7.98 -34.15
N PRO F 454 -90.87 7.78 -32.85
CA PRO F 454 -91.91 7.91 -31.85
C PRO F 454 -92.14 9.37 -31.44
N LEU F 455 -92.74 10.15 -32.33
CA LEU F 455 -92.94 11.59 -32.08
C LEU F 455 -94.33 11.92 -31.50
N GLY F 456 -94.90 10.97 -30.75
CA GLY F 456 -96.15 11.22 -30.02
C GLY F 456 -95.85 11.96 -28.73
N THR F 457 -96.85 12.66 -28.21
CA THR F 457 -96.72 13.35 -26.92
C THR F 457 -96.95 12.39 -25.77
N GLY F 458 -96.44 12.78 -24.59
CA GLY F 458 -96.35 11.89 -23.44
C GLY F 458 -97.66 11.40 -22.85
N ILE F 459 -97.78 10.07 -22.73
CA ILE F 459 -98.84 9.43 -21.96
C ILE F 459 -98.20 8.48 -20.94
N SER F 460 -99.01 7.93 -20.05
CA SER F 460 -98.53 7.01 -19.03
C SER F 460 -98.07 5.69 -19.66
N SER F 461 -97.11 5.02 -19.02
CA SER F 461 -96.56 3.76 -19.50
C SER F 461 -97.35 2.55 -18.99
N GLY F 462 -96.97 1.36 -19.44
CA GLY F 462 -97.64 0.11 -19.05
C GLY F 462 -97.36 -0.38 -17.64
N VAL F 463 -96.24 0.06 -17.06
CA VAL F 463 -95.86 -0.29 -15.68
C VAL F 463 -95.22 0.91 -14.98
N ASN F 464 -95.58 1.12 -13.70
CA ASN F 464 -95.14 2.28 -12.92
C ASN F 464 -94.27 1.92 -11.70
N ASP F 465 -93.78 0.69 -11.65
CA ASP F 465 -92.90 0.24 -10.55
C ASP F 465 -91.43 0.55 -10.83
N THR F 466 -91.18 1.52 -11.70
CA THR F 466 -89.84 1.86 -12.18
C THR F 466 -89.26 3.06 -11.44
N SER F 467 -87.93 3.17 -11.47
CA SER F 467 -87.22 4.34 -10.95
C SER F 467 -86.65 5.19 -12.09
N LEU F 468 -87.37 5.22 -13.21
CA LEU F 468 -87.06 6.09 -14.35
C LEU F 468 -88.30 6.88 -14.69
N LEU F 469 -88.14 8.18 -14.96
CA LEU F 469 -89.26 9.03 -15.37
C LEU F 469 -89.47 9.01 -16.89
N TYR F 470 -88.39 8.79 -17.65
CA TYR F 470 -88.47 8.76 -19.10
C TYR F 470 -87.57 7.66 -19.66
N ASN F 471 -87.87 7.22 -20.88
CA ASN F 471 -87.17 6.07 -21.46
C ASN F 471 -85.70 6.33 -21.76
N GLU F 472 -84.92 5.26 -21.68
CA GLU F 472 -83.54 5.23 -22.14
C GLU F 472 -83.38 4.04 -23.08
N TYR F 473 -82.58 4.22 -24.12
CA TYR F 473 -82.27 3.15 -25.07
C TYR F 473 -80.76 2.97 -25.17
N ILE F 474 -80.30 1.77 -24.83
CA ILE F 474 -78.87 1.49 -24.69
C ILE F 474 -78.42 0.41 -25.66
N VAL F 475 -77.38 0.71 -26.45
CA VAL F 475 -76.75 -0.28 -27.33
C VAL F 475 -75.31 -0.48 -26.88
N TYR F 476 -74.86 -1.74 -26.89
CA TYR F 476 -73.53 -2.08 -26.38
C TYR F 476 -72.59 -2.46 -27.51
N ASP F 477 -72.76 -1.79 -28.64
CA ASP F 477 -71.93 -2.03 -29.81
C ASP F 477 -72.06 -0.82 -30.75
N ILE F 478 -70.94 -0.17 -31.03
CA ILE F 478 -70.91 1.04 -31.86
C ILE F 478 -71.48 0.86 -33.28
N ALA F 479 -71.53 -0.39 -33.74
CA ALA F 479 -72.08 -0.69 -35.05
C ALA F 479 -73.60 -0.51 -35.13
N GLN F 480 -74.29 -0.76 -34.01
CA GLN F 480 -75.75 -0.68 -33.97
C GLN F 480 -76.31 0.72 -34.24
N VAL F 481 -75.52 1.76 -33.97
CA VAL F 481 -75.93 3.14 -34.23
C VAL F 481 -75.54 3.59 -35.64
N ASN F 482 -76.42 4.38 -36.26
CA ASN F 482 -76.16 4.99 -37.56
C ASN F 482 -76.75 6.40 -37.57
N LEU F 483 -75.89 7.40 -37.45
CA LEU F 483 -76.33 8.79 -37.27
C LEU F 483 -77.01 9.31 -38.54
N LYS F 484 -78.21 9.86 -38.37
CA LYS F 484 -79.03 10.31 -39.49
C LYS F 484 -79.07 11.84 -39.55
N TYR F 485 -79.49 12.49 -38.47
CA TYR F 485 -79.63 13.94 -38.44
C TYR F 485 -78.89 14.59 -37.27
N LEU F 486 -78.24 15.72 -37.56
CA LEU F 486 -77.61 16.56 -36.55
C LEU F 486 -78.36 17.89 -36.50
N LEU F 487 -78.96 18.18 -35.35
CA LEU F 487 -79.72 19.41 -35.18
C LEU F 487 -78.89 20.46 -34.44
N LYS F 488 -79.26 21.72 -34.63
CA LYS F 488 -78.67 22.86 -33.92
C LYS F 488 -79.81 23.59 -33.22
N LEU F 489 -79.73 23.74 -31.92
CA LEU F 489 -80.86 24.24 -31.11
C LEU F 489 -80.51 25.47 -30.28
N LYS F 490 -81.32 26.52 -30.40
CA LYS F 490 -81.27 27.66 -29.47
C LYS F 490 -82.21 27.40 -28.30
N PHE F 491 -81.71 27.65 -27.08
CA PHE F 491 -82.50 27.47 -25.87
C PHE F 491 -83.03 28.82 -25.38
N ASN F 492 -84.25 28.82 -24.84
CA ASN F 492 -84.84 30.04 -24.27
C ASN F 492 -85.25 29.82 -22.80
N PHE F 493 -84.46 30.38 -21.89
CA PHE F 493 -84.66 30.19 -20.46
C PHE F 493 -85.53 31.32 -19.93
N LYS F 494 -85.74 31.36 -18.61
CA LYS F 494 -86.38 32.51 -17.98
C LYS F 494 -85.54 32.99 -16.79
N THR F 495 -84.75 34.04 -17.02
CA THR F 495 -83.92 34.64 -15.98
C THR F 495 -83.82 36.16 -16.18
ZN ZN I . 46.24 24.39 8.25
ZN ZN J . 47.52 -9.74 -13.00
C1 EDO K . 75.21 -33.75 14.18
O1 EDO K . 75.76 -34.69 13.24
C2 EDO K . 74.36 -34.42 15.27
O2 EDO K . 74.99 -34.32 16.57
ZN ZN L . -36.15 42.88 15.98
ZN ZN M . -47.96 4.67 10.75
#